data_2QEH
# 
_entry.id   2QEH 
# 
_audit_conform.dict_name       mmcif_pdbx.dic 
_audit_conform.dict_version    5.398 
_audit_conform.dict_location   http://mmcif.pdb.org/dictionaries/ascii/mmcif_pdbx.dic 
# 
loop_
_database_2.database_id 
_database_2.database_code 
_database_2.pdbx_database_accession 
_database_2.pdbx_DOI 
PDB   2QEH         pdb_00002qeh 10.2210/pdb2qeh/pdb 
RCSB  RCSB043496   ?            ?                   
WWPDB D_1000043496 ?            ?                   
# 
loop_
_pdbx_audit_revision_history.ordinal 
_pdbx_audit_revision_history.data_content_type 
_pdbx_audit_revision_history.major_revision 
_pdbx_audit_revision_history.minor_revision 
_pdbx_audit_revision_history.revision_date 
1 'Structure model' 1 0 2007-10-09 
2 'Structure model' 1 1 2011-07-13 
3 'Structure model' 1 2 2017-10-18 
4 'Structure model' 1 3 2024-11-13 
# 
_pdbx_audit_revision_details.ordinal             1 
_pdbx_audit_revision_details.revision_ordinal    1 
_pdbx_audit_revision_details.data_content_type   'Structure model' 
_pdbx_audit_revision_details.provider            repository 
_pdbx_audit_revision_details.type                'Initial release' 
_pdbx_audit_revision_details.description         ? 
_pdbx_audit_revision_details.details             ? 
# 
loop_
_pdbx_audit_revision_group.ordinal 
_pdbx_audit_revision_group.revision_ordinal 
_pdbx_audit_revision_group.data_content_type 
_pdbx_audit_revision_group.group 
1 2 'Structure model' Advisory                    
2 2 'Structure model' 'Version format compliance' 
3 3 'Structure model' 'Refinement description'    
4 4 'Structure model' 'Data collection'           
5 4 'Structure model' 'Database references'       
6 4 'Structure model' 'Derived calculations'      
7 4 'Structure model' 'Structure summary'         
# 
loop_
_pdbx_audit_revision_category.ordinal 
_pdbx_audit_revision_category.revision_ordinal 
_pdbx_audit_revision_category.data_content_type 
_pdbx_audit_revision_category.category 
1 3 'Structure model' software                  
2 4 'Structure model' chem_comp_atom            
3 4 'Structure model' chem_comp_bond            
4 4 'Structure model' database_2                
5 4 'Structure model' pdbx_entry_details        
6 4 'Structure model' pdbx_modification_feature 
7 4 'Structure model' struct_ref_seq_dif        
8 4 'Structure model' struct_site               
# 
loop_
_pdbx_audit_revision_item.ordinal 
_pdbx_audit_revision_item.revision_ordinal 
_pdbx_audit_revision_item.data_content_type 
_pdbx_audit_revision_item.item 
1 4 'Structure model' '_database_2.pdbx_DOI'                
2 4 'Structure model' '_database_2.pdbx_database_accession' 
3 4 'Structure model' '_struct_ref_seq_dif.details'         
4 4 'Structure model' '_struct_site.pdbx_auth_asym_id'      
5 4 'Structure model' '_struct_site.pdbx_auth_comp_id'      
6 4 'Structure model' '_struct_site.pdbx_auth_seq_id'       
# 
_pdbx_database_status.entry_id                        2QEH 
_pdbx_database_status.status_code                     REL 
_pdbx_database_status.status_code_sf                  REL 
_pdbx_database_status.deposit_site                    RCSB 
_pdbx_database_status.process_site                    RCSB 
_pdbx_database_status.recvd_initial_deposition_date   2007-06-25 
_pdbx_database_status.SG_entry                        N 
_pdbx_database_status.status_code_mr                  ? 
_pdbx_database_status.pdb_format_compatible           Y 
_pdbx_database_status.status_code_cs                  ? 
_pdbx_database_status.methods_development_category    ? 
_pdbx_database_status.status_code_nmr_data            ? 
# 
loop_
_pdbx_database_related.db_name 
_pdbx_database_related.db_id 
_pdbx_database_related.details 
_pdbx_database_related.content_type 
PDB 2QEB . unspecified 
PDB 2QEO . unspecified 
PDB 2QEV . unspecified 
# 
loop_
_audit_author.name 
_audit_author.pdbx_ordinal 
'Andersen, J.F.' 1 
'Mans, B.J.'     2 
'Calvo, E.'      3 
'Ribeiro, J.M.'  4 
# 
_citation.id                        primary 
_citation.title                     
'The Crystal Structure of D7r4, a Salivary Biogenic Amine-binding Protein from the Malaria Mosquito Anopheles gambiae' 
_citation.journal_abbrev            J.Biol.Chem. 
_citation.journal_volume            282 
_citation.page_first                36626 
_citation.page_last                 36633 
_citation.year                      2007 
_citation.journal_id_ASTM           JBCHA3 
_citation.country                   US 
_citation.journal_id_ISSN           0021-9258 
_citation.journal_id_CSD            0071 
_citation.book_publisher            ? 
_citation.pdbx_database_id_PubMed   17928288 
_citation.pdbx_database_id_DOI      10.1074/jbc.M706410200 
# 
loop_
_citation_author.citation_id 
_citation_author.name 
_citation_author.ordinal 
_citation_author.identifier_ORCID 
primary 'Mans, B.J.'     1 ? 
primary 'Calvo, E.'      2 ? 
primary 'Ribeiro, J.M.'  3 ? 
primary 'Andersen, J.F.' 4 ? 
# 
loop_
_entity.id 
_entity.type 
_entity.src_method 
_entity.pdbx_description 
_entity.formula_weight 
_entity.pdbx_number_of_molecules 
_entity.pdbx_ec 
_entity.pdbx_mutation 
_entity.pdbx_fragment 
_entity.details 
1 polymer     man 'D7R4 Protein' 17099.857 1   ? ? ? ? 
2 non-polymer syn SEROTONIN      176.215   1   ? ? ? ? 
3 water       nat water          18.015    121 ? ? ? ? 
# 
_entity_name_com.entity_id   1 
_entity_name_com.name        'D7-related 4 protein' 
# 
_entity_poly.entity_id                      1 
_entity_poly.type                           'polypeptide(L)' 
_entity_poly.nstd_linkage                   no 
_entity_poly.nstd_monomer                   no 
_entity_poly.pdbx_seq_one_letter_code       
;METVQDCENKLPPSLKSRLCEIRRYEIIEGPEMDKHIHCVMRALDFVYEDGRGDYHKLYDPLNIIELDKRHDVNLEKCIG
ECVQVPTSERAHVFYKCLLKSTTGRTFKKVFDLMELKKAGKVPQHQRYTAEFVQIMKDYDKALNC
;
_entity_poly.pdbx_seq_one_letter_code_can   
;METVQDCENKLPPSLKSRLCEIRRYEIIEGPEMDKHIHCVMRALDFVYEDGRGDYHKLYDPLNIIELDKRHDVNLEKCIG
ECVQVPTSERAHVFYKCLLKSTTGRTFKKVFDLMELKKAGKVPQHQRYTAEFVQIMKDYDKALNC
;
_entity_poly.pdbx_strand_id                 A 
_entity_poly.pdbx_target_identifier         ? 
# 
loop_
_pdbx_entity_nonpoly.entity_id 
_pdbx_entity_nonpoly.name 
_pdbx_entity_nonpoly.comp_id 
2 SEROTONIN SRO 
3 water     HOH 
# 
loop_
_entity_poly_seq.entity_id 
_entity_poly_seq.num 
_entity_poly_seq.mon_id 
_entity_poly_seq.hetero 
1 1   MET n 
1 2   GLU n 
1 3   THR n 
1 4   VAL n 
1 5   GLN n 
1 6   ASP n 
1 7   CYS n 
1 8   GLU n 
1 9   ASN n 
1 10  LYS n 
1 11  LEU n 
1 12  PRO n 
1 13  PRO n 
1 14  SER n 
1 15  LEU n 
1 16  LYS n 
1 17  SER n 
1 18  ARG n 
1 19  LEU n 
1 20  CYS n 
1 21  GLU n 
1 22  ILE n 
1 23  ARG n 
1 24  ARG n 
1 25  TYR n 
1 26  GLU n 
1 27  ILE n 
1 28  ILE n 
1 29  GLU n 
1 30  GLY n 
1 31  PRO n 
1 32  GLU n 
1 33  MET n 
1 34  ASP n 
1 35  LYS n 
1 36  HIS n 
1 37  ILE n 
1 38  HIS n 
1 39  CYS n 
1 40  VAL n 
1 41  MET n 
1 42  ARG n 
1 43  ALA n 
1 44  LEU n 
1 45  ASP n 
1 46  PHE n 
1 47  VAL n 
1 48  TYR n 
1 49  GLU n 
1 50  ASP n 
1 51  GLY n 
1 52  ARG n 
1 53  GLY n 
1 54  ASP n 
1 55  TYR n 
1 56  HIS n 
1 57  LYS n 
1 58  LEU n 
1 59  TYR n 
1 60  ASP n 
1 61  PRO n 
1 62  LEU n 
1 63  ASN n 
1 64  ILE n 
1 65  ILE n 
1 66  GLU n 
1 67  LEU n 
1 68  ASP n 
1 69  LYS n 
1 70  ARG n 
1 71  HIS n 
1 72  ASP n 
1 73  VAL n 
1 74  ASN n 
1 75  LEU n 
1 76  GLU n 
1 77  LYS n 
1 78  CYS n 
1 79  ILE n 
1 80  GLY n 
1 81  GLU n 
1 82  CYS n 
1 83  VAL n 
1 84  GLN n 
1 85  VAL n 
1 86  PRO n 
1 87  THR n 
1 88  SER n 
1 89  GLU n 
1 90  ARG n 
1 91  ALA n 
1 92  HIS n 
1 93  VAL n 
1 94  PHE n 
1 95  TYR n 
1 96  LYS n 
1 97  CYS n 
1 98  LEU n 
1 99  LEU n 
1 100 LYS n 
1 101 SER n 
1 102 THR n 
1 103 THR n 
1 104 GLY n 
1 105 ARG n 
1 106 THR n 
1 107 PHE n 
1 108 LYS n 
1 109 LYS n 
1 110 VAL n 
1 111 PHE n 
1 112 ASP n 
1 113 LEU n 
1 114 MET n 
1 115 GLU n 
1 116 LEU n 
1 117 LYS n 
1 118 LYS n 
1 119 ALA n 
1 120 GLY n 
1 121 LYS n 
1 122 VAL n 
1 123 PRO n 
1 124 GLN n 
1 125 HIS n 
1 126 GLN n 
1 127 ARG n 
1 128 TYR n 
1 129 THR n 
1 130 ALA n 
1 131 GLU n 
1 132 PHE n 
1 133 VAL n 
1 134 GLN n 
1 135 ILE n 
1 136 MET n 
1 137 LYS n 
1 138 ASP n 
1 139 TYR n 
1 140 ASP n 
1 141 LYS n 
1 142 ALA n 
1 143 LEU n 
1 144 ASN n 
1 145 CYS n 
# 
_entity_src_gen.entity_id                          1 
_entity_src_gen.pdbx_src_id                        1 
_entity_src_gen.pdbx_alt_source_flag               sample 
_entity_src_gen.pdbx_seq_type                      ? 
_entity_src_gen.pdbx_beg_seq_num                   ? 
_entity_src_gen.pdbx_end_seq_num                   ? 
_entity_src_gen.gene_src_common_name               'African malaria mosquito' 
_entity_src_gen.gene_src_genus                     Anopheles 
_entity_src_gen.pdbx_gene_src_gene                 D7r4 
_entity_src_gen.gene_src_species                   ? 
_entity_src_gen.gene_src_strain                    G3 
_entity_src_gen.gene_src_tissue                    ? 
_entity_src_gen.gene_src_tissue_fraction           ? 
_entity_src_gen.gene_src_details                   ? 
_entity_src_gen.pdbx_gene_src_fragment             ? 
_entity_src_gen.pdbx_gene_src_scientific_name      'Anopheles gambiae' 
_entity_src_gen.pdbx_gene_src_ncbi_taxonomy_id     7165 
_entity_src_gen.pdbx_gene_src_variant              ? 
_entity_src_gen.pdbx_gene_src_cell_line            ? 
_entity_src_gen.pdbx_gene_src_atcc                 ? 
_entity_src_gen.pdbx_gene_src_organ                ? 
_entity_src_gen.pdbx_gene_src_organelle            ? 
_entity_src_gen.pdbx_gene_src_cell                 ? 
_entity_src_gen.pdbx_gene_src_cellular_location    ? 
_entity_src_gen.host_org_common_name               ? 
_entity_src_gen.pdbx_host_org_scientific_name      'Escherichia coli' 
_entity_src_gen.pdbx_host_org_ncbi_taxonomy_id     562 
_entity_src_gen.host_org_genus                     Escherichia 
_entity_src_gen.pdbx_host_org_gene                 ? 
_entity_src_gen.pdbx_host_org_organ                ? 
_entity_src_gen.host_org_species                   ? 
_entity_src_gen.pdbx_host_org_tissue               ? 
_entity_src_gen.pdbx_host_org_tissue_fraction      ? 
_entity_src_gen.pdbx_host_org_strain               'BL21(DE3)pLysS' 
_entity_src_gen.pdbx_host_org_variant              ? 
_entity_src_gen.pdbx_host_org_cell_line            ? 
_entity_src_gen.pdbx_host_org_atcc                 ? 
_entity_src_gen.pdbx_host_org_culture_collection   ? 
_entity_src_gen.pdbx_host_org_cell                 ? 
_entity_src_gen.pdbx_host_org_organelle            ? 
_entity_src_gen.pdbx_host_org_cellular_location    ? 
_entity_src_gen.pdbx_host_org_vector_type          Plasmid 
_entity_src_gen.pdbx_host_org_vector               ? 
_entity_src_gen.host_org_details                   ? 
_entity_src_gen.expression_system_id               ? 
_entity_src_gen.plasmid_name                       pET17B 
_entity_src_gen.plasmid_details                    ? 
_entity_src_gen.pdbx_description                   ? 
# 
loop_
_chem_comp.id 
_chem_comp.type 
_chem_comp.mon_nstd_flag 
_chem_comp.name 
_chem_comp.pdbx_synonyms 
_chem_comp.formula 
_chem_comp.formula_weight 
ALA 'L-peptide linking' y ALANINE         ?                                'C3 H7 N O2'     89.093  
ARG 'L-peptide linking' y ARGININE        ?                                'C6 H15 N4 O2 1' 175.209 
ASN 'L-peptide linking' y ASPARAGINE      ?                                'C4 H8 N2 O3'    132.118 
ASP 'L-peptide linking' y 'ASPARTIC ACID' ?                                'C4 H7 N O4'     133.103 
CYS 'L-peptide linking' y CYSTEINE        ?                                'C3 H7 N O2 S'   121.158 
GLN 'L-peptide linking' y GLUTAMINE       ?                                'C5 H10 N2 O3'   146.144 
GLU 'L-peptide linking' y 'GLUTAMIC ACID' ?                                'C5 H9 N O4'     147.129 
GLY 'peptide linking'   y GLYCINE         ?                                'C2 H5 N O2'     75.067  
HIS 'L-peptide linking' y HISTIDINE       ?                                'C6 H10 N3 O2 1' 156.162 
HOH non-polymer         . WATER           ?                                'H2 O'           18.015  
ILE 'L-peptide linking' y ISOLEUCINE      ?                                'C6 H13 N O2'    131.173 
LEU 'L-peptide linking' y LEUCINE         ?                                'C6 H13 N O2'    131.173 
LYS 'L-peptide linking' y LYSINE          ?                                'C6 H15 N2 O2 1' 147.195 
MET 'L-peptide linking' y METHIONINE      ?                                'C5 H11 N O2 S'  149.211 
PHE 'L-peptide linking' y PHENYLALANINE   ?                                'C9 H11 N O2'    165.189 
PRO 'L-peptide linking' y PROLINE         ?                                'C5 H9 N O2'     115.130 
SER 'L-peptide linking' y SERINE          ?                                'C3 H7 N O3'     105.093 
SRO non-polymer         . SEROTONIN       '3-(2-AMINOETHYL)-1H-INDOL-5-OL' 'C10 H12 N2 O'   176.215 
THR 'L-peptide linking' y THREONINE       ?                                'C4 H9 N O3'     119.119 
TYR 'L-peptide linking' y TYROSINE        ?                                'C9 H11 N O3'    181.189 
VAL 'L-peptide linking' y VALINE          ?                                'C5 H11 N O2'    117.146 
# 
loop_
_pdbx_poly_seq_scheme.asym_id 
_pdbx_poly_seq_scheme.entity_id 
_pdbx_poly_seq_scheme.seq_id 
_pdbx_poly_seq_scheme.mon_id 
_pdbx_poly_seq_scheme.ndb_seq_num 
_pdbx_poly_seq_scheme.pdb_seq_num 
_pdbx_poly_seq_scheme.auth_seq_num 
_pdbx_poly_seq_scheme.pdb_mon_id 
_pdbx_poly_seq_scheme.auth_mon_id 
_pdbx_poly_seq_scheme.pdb_strand_id 
_pdbx_poly_seq_scheme.pdb_ins_code 
_pdbx_poly_seq_scheme.hetero 
A 1 1   MET 1   0   0   MET MET A . n 
A 1 2   GLU 2   1   1   GLU GLU A . n 
A 1 3   THR 3   2   2   THR THR A . n 
A 1 4   VAL 4   3   3   VAL VAL A . n 
A 1 5   GLN 5   4   4   GLN GLN A . n 
A 1 6   ASP 6   5   5   ASP ASP A . n 
A 1 7   CYS 7   6   6   CYS CYS A . n 
A 1 8   GLU 8   7   7   GLU GLU A . n 
A 1 9   ASN 9   8   8   ASN ASN A . n 
A 1 10  LYS 10  9   9   LYS LYS A . n 
A 1 11  LEU 11  10  10  LEU LEU A . n 
A 1 12  PRO 12  11  11  PRO PRO A . n 
A 1 13  PRO 13  12  12  PRO PRO A . n 
A 1 14  SER 14  13  13  SER SER A . n 
A 1 15  LEU 15  14  14  LEU LEU A . n 
A 1 16  LYS 16  15  15  LYS LYS A . n 
A 1 17  SER 17  16  16  SER SER A . n 
A 1 18  ARG 18  17  17  ARG ARG A . n 
A 1 19  LEU 19  18  18  LEU LEU A . n 
A 1 20  CYS 20  19  19  CYS CYS A . n 
A 1 21  GLU 21  20  20  GLU GLU A . n 
A 1 22  ILE 22  21  21  ILE ILE A . n 
A 1 23  ARG 23  22  22  ARG ARG A . n 
A 1 24  ARG 24  23  23  ARG ARG A . n 
A 1 25  TYR 25  24  24  TYR TYR A . n 
A 1 26  GLU 26  25  25  GLU GLU A . n 
A 1 27  ILE 27  26  26  ILE ILE A . n 
A 1 28  ILE 28  27  27  ILE ILE A . n 
A 1 29  GLU 29  28  28  GLU GLU A . n 
A 1 30  GLY 30  29  29  GLY GLY A . n 
A 1 31  PRO 31  30  30  PRO PRO A . n 
A 1 32  GLU 32  31  31  GLU GLU A . n 
A 1 33  MET 33  32  32  MET MET A . n 
A 1 34  ASP 34  33  33  ASP ASP A . n 
A 1 35  LYS 35  34  34  LYS LYS A . n 
A 1 36  HIS 36  35  35  HIS HIS A . n 
A 1 37  ILE 37  36  36  ILE ILE A . n 
A 1 38  HIS 38  37  37  HIS HIS A . n 
A 1 39  CYS 39  38  38  CYS CYS A . n 
A 1 40  VAL 40  39  39  VAL VAL A . n 
A 1 41  MET 41  40  40  MET MET A . n 
A 1 42  ARG 42  41  41  ARG ARG A . n 
A 1 43  ALA 43  42  42  ALA ALA A . n 
A 1 44  LEU 44  43  43  LEU LEU A . n 
A 1 45  ASP 45  44  44  ASP ASP A . n 
A 1 46  PHE 46  45  45  PHE PHE A . n 
A 1 47  VAL 47  46  46  VAL VAL A . n 
A 1 48  TYR 48  47  47  TYR TYR A . n 
A 1 49  GLU 49  48  48  GLU GLU A . n 
A 1 50  ASP 50  49  49  ASP ASP A . n 
A 1 51  GLY 51  50  50  GLY GLY A . n 
A 1 52  ARG 52  51  51  ARG ARG A . n 
A 1 53  GLY 53  52  52  GLY GLY A . n 
A 1 54  ASP 54  53  53  ASP ASP A . n 
A 1 55  TYR 55  54  54  TYR TYR A . n 
A 1 56  HIS 56  55  55  HIS HIS A . n 
A 1 57  LYS 57  56  56  LYS LYS A . n 
A 1 58  LEU 58  57  57  LEU LEU A . n 
A 1 59  TYR 59  58  58  TYR TYR A . n 
A 1 60  ASP 60  59  59  ASP ASP A . n 
A 1 61  PRO 61  60  60  PRO PRO A . n 
A 1 62  LEU 62  61  61  LEU LEU A . n 
A 1 63  ASN 63  62  62  ASN ASN A . n 
A 1 64  ILE 64  63  63  ILE ILE A . n 
A 1 65  ILE 65  64  64  ILE ILE A . n 
A 1 66  GLU 66  65  65  GLU GLU A . n 
A 1 67  LEU 67  66  66  LEU LEU A . n 
A 1 68  ASP 68  67  67  ASP ASP A . n 
A 1 69  LYS 69  68  68  LYS LYS A . n 
A 1 70  ARG 70  69  69  ARG ARG A . n 
A 1 71  HIS 71  70  70  HIS HIS A . n 
A 1 72  ASP 72  71  71  ASP ASP A . n 
A 1 73  VAL 73  72  72  VAL VAL A . n 
A 1 74  ASN 74  73  73  ASN ASN A . n 
A 1 75  LEU 75  74  74  LEU LEU A . n 
A 1 76  GLU 76  75  75  GLU GLU A . n 
A 1 77  LYS 77  76  76  LYS LYS A . n 
A 1 78  CYS 78  77  77  CYS CYS A . n 
A 1 79  ILE 79  78  78  ILE ILE A . n 
A 1 80  GLY 80  79  79  GLY GLY A . n 
A 1 81  GLU 81  80  80  GLU GLU A . n 
A 1 82  CYS 82  81  81  CYS CYS A . n 
A 1 83  VAL 83  82  82  VAL VAL A . n 
A 1 84  GLN 84  83  83  GLN GLN A . n 
A 1 85  VAL 85  84  84  VAL VAL A . n 
A 1 86  PRO 86  85  85  PRO PRO A . n 
A 1 87  THR 87  86  86  THR THR A . n 
A 1 88  SER 88  87  87  SER SER A . n 
A 1 89  GLU 89  88  88  GLU GLU A . n 
A 1 90  ARG 90  89  89  ARG ARG A . n 
A 1 91  ALA 91  90  90  ALA ALA A . n 
A 1 92  HIS 92  91  91  HIS HIS A . n 
A 1 93  VAL 93  92  92  VAL VAL A . n 
A 1 94  PHE 94  93  93  PHE PHE A . n 
A 1 95  TYR 95  94  94  TYR TYR A . n 
A 1 96  LYS 96  95  95  LYS LYS A . n 
A 1 97  CYS 97  96  96  CYS CYS A . n 
A 1 98  LEU 98  97  97  LEU LEU A . n 
A 1 99  LEU 99  98  98  LEU LEU A . n 
A 1 100 LYS 100 99  99  LYS LYS A . n 
A 1 101 SER 101 100 100 SER SER A . n 
A 1 102 THR 102 101 101 THR THR A . n 
A 1 103 THR 103 102 102 THR THR A . n 
A 1 104 GLY 104 103 103 GLY GLY A . n 
A 1 105 ARG 105 104 104 ARG ARG A . n 
A 1 106 THR 106 105 105 THR THR A . n 
A 1 107 PHE 107 106 106 PHE PHE A . n 
A 1 108 LYS 108 107 107 LYS LYS A . n 
A 1 109 LYS 109 108 108 LYS LYS A . n 
A 1 110 VAL 110 109 109 VAL VAL A . n 
A 1 111 PHE 111 110 110 PHE PHE A . n 
A 1 112 ASP 112 111 111 ASP ASP A . n 
A 1 113 LEU 113 112 112 LEU LEU A . n 
A 1 114 MET 114 113 113 MET MET A . n 
A 1 115 GLU 115 114 114 GLU GLU A . n 
A 1 116 LEU 116 115 115 LEU LEU A . n 
A 1 117 LYS 117 116 116 LYS LYS A . n 
A 1 118 LYS 118 117 117 LYS LYS A . n 
A 1 119 ALA 119 118 118 ALA ALA A . n 
A 1 120 GLY 120 119 119 GLY GLY A . n 
A 1 121 LYS 121 120 120 LYS LYS A . n 
A 1 122 VAL 122 121 121 VAL VAL A . n 
A 1 123 PRO 123 122 122 PRO PRO A . n 
A 1 124 GLN 124 123 123 GLN GLN A . n 
A 1 125 HIS 125 124 124 HIS HIS A . n 
A 1 126 GLN 126 125 125 GLN GLN A . n 
A 1 127 ARG 127 126 126 ARG ARG A . n 
A 1 128 TYR 128 127 127 TYR TYR A . n 
A 1 129 THR 129 128 128 THR THR A . n 
A 1 130 ALA 130 129 129 ALA ALA A . n 
A 1 131 GLU 131 130 130 GLU GLU A . n 
A 1 132 PHE 132 131 131 PHE PHE A . n 
A 1 133 VAL 133 132 132 VAL VAL A . n 
A 1 134 GLN 134 133 133 GLN GLN A . n 
A 1 135 ILE 135 134 134 ILE ILE A . n 
A 1 136 MET 136 135 135 MET MET A . n 
A 1 137 LYS 137 136 136 LYS LYS A . n 
A 1 138 ASP 138 137 137 ASP ASP A . n 
A 1 139 TYR 139 138 138 TYR TYR A . n 
A 1 140 ASP 140 139 139 ASP ASP A . n 
A 1 141 LYS 141 140 140 LYS LYS A . n 
A 1 142 ALA 142 141 141 ALA ALA A . n 
A 1 143 LEU 143 142 142 LEU LEU A . n 
A 1 144 ASN 144 143 143 ASN ASN A . n 
A 1 145 CYS 145 144 144 CYS CYS A . n 
# 
loop_
_pdbx_nonpoly_scheme.asym_id 
_pdbx_nonpoly_scheme.entity_id 
_pdbx_nonpoly_scheme.mon_id 
_pdbx_nonpoly_scheme.ndb_seq_num 
_pdbx_nonpoly_scheme.pdb_seq_num 
_pdbx_nonpoly_scheme.auth_seq_num 
_pdbx_nonpoly_scheme.pdb_mon_id 
_pdbx_nonpoly_scheme.auth_mon_id 
_pdbx_nonpoly_scheme.pdb_strand_id 
_pdbx_nonpoly_scheme.pdb_ins_code 
B 2 SRO 1   145 145 SRO SRO A . 
C 3 HOH 1   146 1   HOH HOH A . 
C 3 HOH 2   147 3   HOH HOH A . 
C 3 HOH 3   148 4   HOH HOH A . 
C 3 HOH 4   149 5   HOH HOH A . 
C 3 HOH 5   150 6   HOH HOH A . 
C 3 HOH 6   151 7   HOH HOH A . 
C 3 HOH 7   152 8   HOH HOH A . 
C 3 HOH 8   153 9   HOH HOH A . 
C 3 HOH 9   154 10  HOH HOH A . 
C 3 HOH 10  155 11  HOH HOH A . 
C 3 HOH 11  156 12  HOH HOH A . 
C 3 HOH 12  157 13  HOH HOH A . 
C 3 HOH 13  158 15  HOH HOH A . 
C 3 HOH 14  159 16  HOH HOH A . 
C 3 HOH 15  160 17  HOH HOH A . 
C 3 HOH 16  161 18  HOH HOH A . 
C 3 HOH 17  162 19  HOH HOH A . 
C 3 HOH 18  163 20  HOH HOH A . 
C 3 HOH 19  164 22  HOH HOH A . 
C 3 HOH 20  165 23  HOH HOH A . 
C 3 HOH 21  166 25  HOH HOH A . 
C 3 HOH 22  167 26  HOH HOH A . 
C 3 HOH 23  168 27  HOH HOH A . 
C 3 HOH 24  169 28  HOH HOH A . 
C 3 HOH 25  170 30  HOH HOH A . 
C 3 HOH 26  171 31  HOH HOH A . 
C 3 HOH 27  172 32  HOH HOH A . 
C 3 HOH 28  173 33  HOH HOH A . 
C 3 HOH 29  174 34  HOH HOH A . 
C 3 HOH 30  175 36  HOH HOH A . 
C 3 HOH 31  176 37  HOH HOH A . 
C 3 HOH 32  177 38  HOH HOH A . 
C 3 HOH 33  178 39  HOH HOH A . 
C 3 HOH 34  179 40  HOH HOH A . 
C 3 HOH 35  180 41  HOH HOH A . 
C 3 HOH 36  181 42  HOH HOH A . 
C 3 HOH 37  182 43  HOH HOH A . 
C 3 HOH 38  183 44  HOH HOH A . 
C 3 HOH 39  184 46  HOH HOH A . 
C 3 HOH 40  185 47  HOH HOH A . 
C 3 HOH 41  186 48  HOH HOH A . 
C 3 HOH 42  187 49  HOH HOH A . 
C 3 HOH 43  188 50  HOH HOH A . 
C 3 HOH 44  189 51  HOH HOH A . 
C 3 HOH 45  190 54  HOH HOH A . 
C 3 HOH 46  191 55  HOH HOH A . 
C 3 HOH 47  192 56  HOH HOH A . 
C 3 HOH 48  193 57  HOH HOH A . 
C 3 HOH 49  194 58  HOH HOH A . 
C 3 HOH 50  195 59  HOH HOH A . 
C 3 HOH 51  196 60  HOH HOH A . 
C 3 HOH 52  197 61  HOH HOH A . 
C 3 HOH 53  198 62  HOH HOH A . 
C 3 HOH 54  199 63  HOH HOH A . 
C 3 HOH 55  200 64  HOH HOH A . 
C 3 HOH 56  201 65  HOH HOH A . 
C 3 HOH 57  202 66  HOH HOH A . 
C 3 HOH 58  203 67  HOH HOH A . 
C 3 HOH 59  204 68  HOH HOH A . 
C 3 HOH 60  205 69  HOH HOH A . 
C 3 HOH 61  206 70  HOH HOH A . 
C 3 HOH 62  207 71  HOH HOH A . 
C 3 HOH 63  208 73  HOH HOH A . 
C 3 HOH 64  209 74  HOH HOH A . 
C 3 HOH 65  210 75  HOH HOH A . 
C 3 HOH 66  211 76  HOH HOH A . 
C 3 HOH 67  212 77  HOH HOH A . 
C 3 HOH 68  213 78  HOH HOH A . 
C 3 HOH 69  214 79  HOH HOH A . 
C 3 HOH 70  215 80  HOH HOH A . 
C 3 HOH 71  216 81  HOH HOH A . 
C 3 HOH 72  217 82  HOH HOH A . 
C 3 HOH 73  218 83  HOH HOH A . 
C 3 HOH 74  219 84  HOH HOH A . 
C 3 HOH 75  220 85  HOH HOH A . 
C 3 HOH 76  221 86  HOH HOH A . 
C 3 HOH 77  222 87  HOH HOH A . 
C 3 HOH 78  223 88  HOH HOH A . 
C 3 HOH 79  224 89  HOH HOH A . 
C 3 HOH 80  225 90  HOH HOH A . 
C 3 HOH 81  226 91  HOH HOH A . 
C 3 HOH 82  227 92  HOH HOH A . 
C 3 HOH 83  228 93  HOH HOH A . 
C 3 HOH 84  229 94  HOH HOH A . 
C 3 HOH 85  230 95  HOH HOH A . 
C 3 HOH 86  231 96  HOH HOH A . 
C 3 HOH 87  232 97  HOH HOH A . 
C 3 HOH 88  233 98  HOH HOH A . 
C 3 HOH 89  234 99  HOH HOH A . 
C 3 HOH 90  235 100 HOH HOH A . 
C 3 HOH 91  236 101 HOH HOH A . 
C 3 HOH 92  237 102 HOH HOH A . 
C 3 HOH 93  238 104 HOH HOH A . 
C 3 HOH 94  239 105 HOH HOH A . 
C 3 HOH 95  240 106 HOH HOH A . 
C 3 HOH 96  241 107 HOH HOH A . 
C 3 HOH 97  242 108 HOH HOH A . 
C 3 HOH 98  243 109 HOH HOH A . 
C 3 HOH 99  244 110 HOH HOH A . 
C 3 HOH 100 245 111 HOH HOH A . 
C 3 HOH 101 246 112 HOH HOH A . 
C 3 HOH 102 247 113 HOH HOH A . 
C 3 HOH 103 248 114 HOH HOH A . 
C 3 HOH 104 249 115 HOH HOH A . 
C 3 HOH 105 250 116 HOH HOH A . 
C 3 HOH 106 251 117 HOH HOH A . 
C 3 HOH 107 252 118 HOH HOH A . 
C 3 HOH 108 253 119 HOH HOH A . 
C 3 HOH 109 254 120 HOH HOH A . 
C 3 HOH 110 255 121 HOH HOH A . 
C 3 HOH 111 256 122 HOH HOH A . 
C 3 HOH 112 257 123 HOH HOH A . 
C 3 HOH 113 258 124 HOH HOH A . 
C 3 HOH 114 259 125 HOH HOH A . 
C 3 HOH 115 260 126 HOH HOH A . 
C 3 HOH 116 261 127 HOH HOH A . 
C 3 HOH 117 262 128 HOH HOH A . 
C 3 HOH 118 263 129 HOH HOH A . 
C 3 HOH 119 264 130 HOH HOH A . 
C 3 HOH 120 265 131 HOH HOH A . 
C 3 HOH 121 266 133 HOH HOH A . 
# 
loop_
_software.name 
_software.version 
_software.date 
_software.type 
_software.contact_author 
_software.contact_author_email 
_software.classification 
_software.location 
_software.language 
_software.citation_id 
_software.pdbx_ordinal 
DENZO       .                        ?                package 'Zbyszek Otwinowski' zbyszek@mix.swmed.edu    'data reduction'  
http://www.lnls.br/infra/linhasluz/denzo-hkl.htm ?          ? 1 
SCALEPACK   .                        ?                package 'Zbyszek Otwinowski' zbyszek@mix.swmed.edu    'data scaling'    
http://www.lnls.br/infra/linhasluz/denzo-hkl.htm ?          ? 2 
REFMAC      .                        ?                program 'Murshudov, G.N.'    ccp4@dl.ac.uk            refinement        
http://www.ccp4.ac.uk/main.html                  Fortran_77 ? 3 
PDB_EXTRACT 2.000                    'April. 3, 2006' package PDB                  sw-help@rcsb.rutgers.edu 'data extraction' 
http://pdb.rutgers.edu/software/                 C++        ? 4 
EPICS-based 'data aquisition system' ?                ?       ?                    ?                        'data collection' ? ? 
? 5 
HKL-3000    .                        ?                ?       ?                    ?                        'data reduction'  ? ? 
? 6 
# 
_cell.entry_id           2QEH 
_cell.length_a           63.358 
_cell.length_b           63.358 
_cell.length_c           42.617 
_cell.angle_alpha        90.00 
_cell.angle_beta         90.00 
_cell.angle_gamma        90.00 
_cell.Z_PDB              4 
_cell.pdbx_unique_axis   ? 
_cell.length_a_esd       ? 
_cell.length_b_esd       ? 
_cell.length_c_esd       ? 
_cell.angle_alpha_esd    ? 
_cell.angle_beta_esd     ? 
_cell.angle_gamma_esd    ? 
# 
_symmetry.entry_id                         2QEH 
_symmetry.space_group_name_H-M             'P 43' 
_symmetry.pdbx_full_space_group_name_H-M   ? 
_symmetry.cell_setting                     ? 
_symmetry.Int_Tables_number                78 
_symmetry.space_group_name_Hall            ? 
# 
_exptl.crystals_number   1 
_exptl.entry_id          2QEH 
_exptl.method            'X-RAY DIFFRACTION' 
# 
_exptl_crystal.id                    1 
_exptl_crystal.density_meas          ? 
_exptl_crystal.density_Matthews      2.50 
_exptl_crystal.density_percent_sol   50.80 
_exptl_crystal.description           ? 
_exptl_crystal.F_000                 ? 
_exptl_crystal.preparation           ? 
# 
_exptl_crystal_grow.crystal_id      1 
_exptl_crystal_grow.method          'VAPOR DIFFUSION, HANGING DROP' 
_exptl_crystal_grow.pH              8.0 
_exptl_crystal_grow.temp            298.0 
_exptl_crystal_grow.pdbx_details    '20 %PEG 6000, 0.1 M Tris HCl, pH 8.0, VAPOR DIFFUSION, HANGING DROP, temperature 298.0K' 
_exptl_crystal_grow.temp_details    ? 
_exptl_crystal_grow.pdbx_pH_range   . 
# 
_diffrn.id                     1 
_diffrn.ambient_temp           100.0 
_diffrn.ambient_temp_details   ? 
_diffrn.crystal_id             1 
# 
_diffrn_detector.diffrn_id              1 
_diffrn_detector.detector               CCD 
_diffrn_detector.type                   'ADSC QUANTUM 315' 
_diffrn_detector.pdbx_collection_date   2006-12-14 
_diffrn_detector.details                mirrors 
# 
_diffrn_radiation.diffrn_id                        1 
_diffrn_radiation.wavelength_id                    1 
_diffrn_radiation.pdbx_diffrn_protocol             'SINGLE WAVELENGTH' 
_diffrn_radiation.monochromator                    'Si 111, Sagitally focused Si 111' 
_diffrn_radiation.pdbx_monochromatic_or_laue_m_l   M 
_diffrn_radiation.pdbx_scattering_type             x-ray 
# 
_diffrn_radiation_wavelength.id           1 
_diffrn_radiation_wavelength.wavelength   0.9792601 
_diffrn_radiation_wavelength.wt           1.0 
# 
_diffrn_source.diffrn_id                   1 
_diffrn_source.source                      SYNCHROTRON 
_diffrn_source.type                        'APS BEAMLINE 19-ID' 
_diffrn_source.pdbx_wavelength             ? 
_diffrn_source.pdbx_wavelength_list        0.9792601 
_diffrn_source.pdbx_synchrotron_site       APS 
_diffrn_source.pdbx_synchrotron_beamline   19-ID 
# 
_reflns.entry_id                     2QEH 
_reflns.d_resolution_high            2.102 
_reflns.d_resolution_low             63.370 
_reflns.number_obs                   9976 
_reflns.pdbx_Rmerge_I_obs            0.070 
_reflns.pdbx_netI_over_sigmaI        16.3 
_reflns.pdbx_chi_squared             1.197 
_reflns.pdbx_redundancy              7.900 
_reflns.percent_possible_obs         99.500 
_reflns.observed_criterion_sigma_F   0 
_reflns.observed_criterion_sigma_I   0 
_reflns.number_all                   9976 
_reflns.pdbx_Rsym_value              ? 
_reflns.B_iso_Wilson_estimate        ? 
_reflns.R_free_details               ? 
_reflns.limit_h_max                  ? 
_reflns.limit_h_min                  ? 
_reflns.limit_k_max                  ? 
_reflns.limit_k_min                  ? 
_reflns.limit_l_max                  ? 
_reflns.limit_l_min                  ? 
_reflns.observed_criterion_F_max     ? 
_reflns.observed_criterion_F_min     ? 
_reflns.pdbx_scaling_rejects         ? 
_reflns.pdbx_ordinal                 1 
_reflns.pdbx_diffrn_id               1 
# 
_reflns_shell.d_res_high             2.102 
_reflns_shell.d_res_low              2.18 
_reflns_shell.number_measured_obs    ? 
_reflns_shell.number_measured_all    ? 
_reflns_shell.number_unique_obs      ? 
_reflns_shell.Rmerge_I_obs           0.409 
_reflns_shell.meanI_over_sigI_obs    ? 
_reflns_shell.pdbx_Rsym_value        ? 
_reflns_shell.pdbx_chi_squared       1.865 
_reflns_shell.pdbx_redundancy        7.40 
_reflns_shell.percent_possible_obs   ? 
_reflns_shell.number_unique_all      997 
_reflns_shell.percent_possible_all   98.90 
_reflns_shell.pdbx_ordinal           1 
_reflns_shell.pdbx_diffrn_id         1 
# 
_refine.entry_id                                 2QEH 
_refine.ls_d_res_high                            2.102 
_refine.ls_d_res_low                             63.370 
_refine.pdbx_ls_sigma_F                          0.00 
_refine.ls_percent_reflns_obs                    99.610 
_refine.ls_number_reflns_obs                     9972 
_refine.pdbx_ls_cross_valid_method               THROUGHOUT 
_refine.pdbx_R_Free_selection_details            RANDOM 
_refine.details                                  'HYDROGENS HAVE BEEN ADDED IN THE RIDING POSITIONS' 
_refine.ls_R_factor_obs                          0.196 
_refine.ls_R_factor_R_work                       0.193 
_refine.ls_R_factor_R_free                       0.238 
_refine.ls_percent_reflns_R_free                 4.800 
_refine.ls_number_reflns_R_free                  478 
_refine.B_iso_mean                               26.930 
_refine.aniso_B[1][1]                            0.200 
_refine.aniso_B[2][2]                            0.200 
_refine.aniso_B[3][3]                            -0.400 
_refine.aniso_B[1][2]                            0.000 
_refine.aniso_B[1][3]                            0.000 
_refine.aniso_B[2][3]                            0.000 
_refine.correlation_coeff_Fo_to_Fc               0.944 
_refine.correlation_coeff_Fo_to_Fc_free          0.922 
_refine.pdbx_overall_ESU_R                       0.234 
_refine.pdbx_overall_ESU_R_Free                  0.191 
_refine.overall_SU_ML                            0.125 
_refine.overall_SU_B                             4.792 
_refine.solvent_model_details                    MASK 
_refine.pdbx_solvent_vdw_probe_radii             1.400 
_refine.pdbx_solvent_ion_probe_radii             0.800 
_refine.pdbx_solvent_shrinkage_radii             0.800 
_refine.pdbx_stereochemistry_target_values       'MAXIMUM LIKELIHOOD' 
_refine.pdbx_ls_sigma_I                          ? 
_refine.ls_number_reflns_all                     9972 
_refine.ls_R_factor_all                          ? 
_refine.ls_redundancy_reflns_obs                 ? 
_refine.pdbx_data_cutoff_high_absF               ? 
_refine.pdbx_data_cutoff_low_absF                ? 
_refine.ls_number_parameters                     ? 
_refine.ls_number_restraints                     ? 
_refine.ls_R_factor_R_free_error                 ? 
_refine.ls_R_factor_R_free_error_details         ? 
_refine.pdbx_method_to_determine_struct          'FOURIER SYNTHESIS' 
_refine.pdbx_starting_model                      ? 
_refine.pdbx_stereochem_target_val_spec_case     ? 
_refine.solvent_model_param_bsol                 ? 
_refine.solvent_model_param_ksol                 ? 
_refine.occupancy_max                            ? 
_refine.occupancy_min                            ? 
_refine.pdbx_isotropic_thermal_model             ? 
_refine.B_iso_min                                ? 
_refine.B_iso_max                                ? 
_refine.overall_SU_R_Cruickshank_DPI             ? 
_refine.overall_SU_R_free                        ? 
_refine.pdbx_data_cutoff_high_rms_absF           ? 
_refine.ls_wR_factor_R_free                      ? 
_refine.ls_wR_factor_R_work                      ? 
_refine.overall_FOM_free_R_set                   ? 
_refine.overall_FOM_work_R_set                   ? 
_refine.pdbx_refine_id                           'X-RAY DIFFRACTION' 
_refine.pdbx_TLS_residual_ADP_flag               'LIKELY RESIDUAL' 
_refine.pdbx_diffrn_id                           1 
_refine.pdbx_overall_phase_error                 ? 
_refine.pdbx_overall_SU_R_free_Cruickshank_DPI   ? 
_refine.pdbx_overall_SU_R_Blow_DPI               ? 
_refine.pdbx_overall_SU_R_free_Blow_DPI          ? 
# 
_refine_hist.pdbx_refine_id                   'X-RAY DIFFRACTION' 
_refine_hist.cycle_id                         LAST 
_refine_hist.pdbx_number_atoms_protein        1193 
_refine_hist.pdbx_number_atoms_nucleic_acid   0 
_refine_hist.pdbx_number_atoms_ligand         13 
_refine_hist.number_atoms_solvent             121 
_refine_hist.number_atoms_total               1327 
_refine_hist.d_res_high                       2.102 
_refine_hist.d_res_low                        63.370 
# 
loop_
_refine_ls_restr.type 
_refine_ls_restr.number 
_refine_ls_restr.dev_ideal 
_refine_ls_restr.dev_ideal_target 
_refine_ls_restr.weight 
_refine_ls_restr.pdbx_refine_id 
_refine_ls_restr.pdbx_restraint_function 
r_bond_refined_d         1233 0.008  0.022  ? 'X-RAY DIFFRACTION' ? 
r_angle_refined_deg      1658 0.965  1.989  ? 'X-RAY DIFFRACTION' ? 
r_dihedral_angle_1_deg   144  6.395  5.000  ? 'X-RAY DIFFRACTION' ? 
r_dihedral_angle_2_deg   60   33.202 24.000 ? 'X-RAY DIFFRACTION' ? 
r_dihedral_angle_3_deg   240  14.577 15.000 ? 'X-RAY DIFFRACTION' ? 
r_dihedral_angle_4_deg   9    19.435 15.000 ? 'X-RAY DIFFRACTION' ? 
r_chiral_restr           176  0.088  0.200  ? 'X-RAY DIFFRACTION' ? 
r_gen_planes_refined     919  0.004  0.020  ? 'X-RAY DIFFRACTION' ? 
r_nbd_refined            563  0.245  0.300  ? 'X-RAY DIFFRACTION' ? 
r_nbtor_refined          854  0.319  0.500  ? 'X-RAY DIFFRACTION' ? 
r_xyhbond_nbd_refined    156  0.209  0.500  ? 'X-RAY DIFFRACTION' ? 
r_symmetry_vdw_refined   14   0.158  0.300  ? 'X-RAY DIFFRACTION' ? 
r_symmetry_hbond_refined 17   0.324  0.500  ? 'X-RAY DIFFRACTION' ? 
r_mcbond_it              747  3.625  1.500  ? 'X-RAY DIFFRACTION' ? 
r_mcangle_it             1179 4.506  2.000  ? 'X-RAY DIFFRACTION' ? 
r_scbond_it              544  6.300  3.000  ? 'X-RAY DIFFRACTION' ? 
r_scangle_it             479  8.687  4.500  ? 'X-RAY DIFFRACTION' ? 
# 
_refine_ls_shell.d_res_high                       2.102 
_refine_ls_shell.d_res_low                        2.157 
_refine_ls_shell.pdbx_total_number_of_bins_used   20 
_refine_ls_shell.percent_reflns_obs               98.520 
_refine_ls_shell.number_reflns_R_work             697 
_refine_ls_shell.R_factor_all                     ? 
_refine_ls_shell.R_factor_R_work                  0.207 
_refine_ls_shell.R_factor_R_free                  0.368 
_refine_ls_shell.percent_reflns_R_free            ? 
_refine_ls_shell.number_reflns_R_free             34 
_refine_ls_shell.R_factor_R_free_error            ? 
_refine_ls_shell.number_reflns_all                ? 
_refine_ls_shell.number_reflns_obs                731 
_refine_ls_shell.redundancy_reflns_obs            ? 
_refine_ls_shell.pdbx_refine_id                   'X-RAY DIFFRACTION' 
# 
_struct.entry_id                  2QEH 
_struct.title                     'Crystal Structure of Anopheles gambiae D7r4-serotonin complex' 
_struct.pdbx_model_details        ? 
_struct.pdbx_CASP_flag            N 
_struct.pdbx_model_type_details   ? 
# 
_struct_keywords.entry_id        2QEH 
_struct_keywords.pdbx_keywords   'LIGAND BINDING PROTEIN' 
_struct_keywords.text            'All-helical, Odorant-binding protein, LIGAND BINDING PROTEIN' 
# 
loop_
_struct_asym.id 
_struct_asym.pdbx_blank_PDB_chainid_flag 
_struct_asym.pdbx_modified 
_struct_asym.entity_id 
_struct_asym.details 
A N N 1 ? 
B N N 2 ? 
C N N 3 ? 
# 
_struct_ref.id                         1 
_struct_ref.entity_id                  1 
_struct_ref.db_name                    UNP 
_struct_ref.db_code                    Q9BIH3_ANOGA 
_struct_ref.pdbx_db_accession          Q9BIH3 
_struct_ref.pdbx_align_begin           22 
_struct_ref.pdbx_seq_one_letter_code   
;ETVQDCENKLPPSLKSRLCEIRRYEIIEGPEMDKHIHCVMRALDFVYEDGRGDYHKLYDPLNIIELDKRHDVNLEKCIGE
CVQVPTSERAHVFYKCLLKSTTGRTFKKVFDLMELKKAGKVPQHQRYTAEFVQIMKDYDKALNC
;
_struct_ref.pdbx_db_isoform            ? 
# 
_struct_ref_seq.align_id                      1 
_struct_ref_seq.ref_id                        1 
_struct_ref_seq.pdbx_PDB_id_code              2QEH 
_struct_ref_seq.pdbx_strand_id                A 
_struct_ref_seq.seq_align_beg                 2 
_struct_ref_seq.pdbx_seq_align_beg_ins_code   ? 
_struct_ref_seq.seq_align_end                 145 
_struct_ref_seq.pdbx_seq_align_end_ins_code   ? 
_struct_ref_seq.pdbx_db_accession             Q9BIH3 
_struct_ref_seq.db_align_beg                  22 
_struct_ref_seq.pdbx_db_align_beg_ins_code    ? 
_struct_ref_seq.db_align_end                  165 
_struct_ref_seq.pdbx_db_align_end_ins_code    ? 
_struct_ref_seq.pdbx_auth_seq_align_beg       1 
_struct_ref_seq.pdbx_auth_seq_align_end       144 
# 
_struct_ref_seq_dif.align_id                     1 
_struct_ref_seq_dif.pdbx_pdb_id_code             2QEH 
_struct_ref_seq_dif.mon_id                       MET 
_struct_ref_seq_dif.pdbx_pdb_strand_id           A 
_struct_ref_seq_dif.seq_num                      1 
_struct_ref_seq_dif.pdbx_pdb_ins_code            ? 
_struct_ref_seq_dif.pdbx_seq_db_name             UNP 
_struct_ref_seq_dif.pdbx_seq_db_accession_code   Q9BIH3 
_struct_ref_seq_dif.db_mon_id                    ? 
_struct_ref_seq_dif.pdbx_seq_db_seq_num          ? 
_struct_ref_seq_dif.details                      insertion 
_struct_ref_seq_dif.pdbx_auth_seq_num            0 
_struct_ref_seq_dif.pdbx_ordinal                 1 
# 
_pdbx_struct_assembly.id                   1 
_pdbx_struct_assembly.details              author_defined_assembly 
_pdbx_struct_assembly.method_details       ? 
_pdbx_struct_assembly.oligomeric_details   monomeric 
_pdbx_struct_assembly.oligomeric_count     1 
# 
_pdbx_struct_assembly_gen.assembly_id       1 
_pdbx_struct_assembly_gen.oper_expression   1 
_pdbx_struct_assembly_gen.asym_id_list      A,B,C 
# 
_pdbx_struct_oper_list.id                   1 
_pdbx_struct_oper_list.type                 'identity operation' 
_pdbx_struct_oper_list.name                 1_555 
_pdbx_struct_oper_list.symmetry_operation   x,y,z 
_pdbx_struct_oper_list.matrix[1][1]         1.0000000000 
_pdbx_struct_oper_list.matrix[1][2]         0.0000000000 
_pdbx_struct_oper_list.matrix[1][3]         0.0000000000 
_pdbx_struct_oper_list.vector[1]            0.0000000000 
_pdbx_struct_oper_list.matrix[2][1]         0.0000000000 
_pdbx_struct_oper_list.matrix[2][2]         1.0000000000 
_pdbx_struct_oper_list.matrix[2][3]         0.0000000000 
_pdbx_struct_oper_list.vector[2]            0.0000000000 
_pdbx_struct_oper_list.matrix[3][1]         0.0000000000 
_pdbx_struct_oper_list.matrix[3][2]         0.0000000000 
_pdbx_struct_oper_list.matrix[3][3]         1.0000000000 
_pdbx_struct_oper_list.vector[3]            0.0000000000 
# 
_struct_biol.id        1 
_struct_biol.details   ? 
# 
loop_
_struct_conf.conf_type_id 
_struct_conf.id 
_struct_conf.pdbx_PDB_helix_id 
_struct_conf.beg_label_comp_id 
_struct_conf.beg_label_asym_id 
_struct_conf.beg_label_seq_id 
_struct_conf.pdbx_beg_PDB_ins_code 
_struct_conf.end_label_comp_id 
_struct_conf.end_label_asym_id 
_struct_conf.end_label_seq_id 
_struct_conf.pdbx_end_PDB_ins_code 
_struct_conf.beg_auth_comp_id 
_struct_conf.beg_auth_asym_id 
_struct_conf.beg_auth_seq_id 
_struct_conf.end_auth_comp_id 
_struct_conf.end_auth_asym_id 
_struct_conf.end_auth_seq_id 
_struct_conf.pdbx_PDB_helix_class 
_struct_conf.details 
_struct_conf.pdbx_PDB_helix_length 
HELX_P HELX_P1 1 THR A 3   ? LYS A 10  ? THR A 2   LYS A 9   1 ? 8  
HELX_P HELX_P2 2 PRO A 12  ? SER A 17  ? PRO A 11  SER A 16  1 ? 6  
HELX_P HELX_P3 3 ARG A 18  ? ARG A 23  ? ARG A 17  ARG A 22  1 ? 6  
HELX_P HELX_P4 4 GLY A 30  ? LEU A 44  ? GLY A 29  LEU A 43  1 ? 15 
HELX_P HELX_P5 5 ASP A 54  ? GLU A 66  ? ASP A 53  GLU A 65  1 ? 13 
HELX_P HELX_P6 6 LYS A 69  ? GLN A 84  ? LYS A 68  GLN A 83  1 ? 16 
HELX_P HELX_P7 7 GLU A 89  ? SER A 101 ? GLU A 88  SER A 100 1 ? 13 
HELX_P HELX_P8 8 THR A 103 ? ALA A 119 ? THR A 102 ALA A 118 1 ? 17 
HELX_P HELX_P9 9 THR A 129 ? ALA A 142 ? THR A 128 ALA A 141 1 ? 14 
# 
_struct_conf_type.id          HELX_P 
_struct_conf_type.criteria    ? 
_struct_conf_type.reference   ? 
# 
loop_
_struct_conn.id 
_struct_conn.conn_type_id 
_struct_conn.pdbx_leaving_atom_flag 
_struct_conn.pdbx_PDB_id 
_struct_conn.ptnr1_label_asym_id 
_struct_conn.ptnr1_label_comp_id 
_struct_conn.ptnr1_label_seq_id 
_struct_conn.ptnr1_label_atom_id 
_struct_conn.pdbx_ptnr1_label_alt_id 
_struct_conn.pdbx_ptnr1_PDB_ins_code 
_struct_conn.pdbx_ptnr1_standard_comp_id 
_struct_conn.ptnr1_symmetry 
_struct_conn.ptnr2_label_asym_id 
_struct_conn.ptnr2_label_comp_id 
_struct_conn.ptnr2_label_seq_id 
_struct_conn.ptnr2_label_atom_id 
_struct_conn.pdbx_ptnr2_label_alt_id 
_struct_conn.pdbx_ptnr2_PDB_ins_code 
_struct_conn.ptnr1_auth_asym_id 
_struct_conn.ptnr1_auth_comp_id 
_struct_conn.ptnr1_auth_seq_id 
_struct_conn.ptnr2_auth_asym_id 
_struct_conn.ptnr2_auth_comp_id 
_struct_conn.ptnr2_auth_seq_id 
_struct_conn.ptnr2_symmetry 
_struct_conn.pdbx_ptnr3_label_atom_id 
_struct_conn.pdbx_ptnr3_label_seq_id 
_struct_conn.pdbx_ptnr3_label_comp_id 
_struct_conn.pdbx_ptnr3_label_asym_id 
_struct_conn.pdbx_ptnr3_label_alt_id 
_struct_conn.pdbx_ptnr3_PDB_ins_code 
_struct_conn.details 
_struct_conn.pdbx_dist_value 
_struct_conn.pdbx_value_order 
_struct_conn.pdbx_role 
disulf1 disulf ? ? A CYS 7  SG ? ? ? 1_555 A CYS 39  SG ? ? A CYS 6  A CYS 38  1_555 ? ? ? ? ? ? ? 2.043 ? ? 
disulf2 disulf ? ? A CYS 20 SG ? ? ? 1_555 A CYS 145 SG ? ? A CYS 19 A CYS 144 1_555 ? ? ? ? ? ? ? 2.048 ? ? 
disulf3 disulf ? ? A CYS 78 SG ? ? ? 1_555 A CYS 97  SG ? ? A CYS 77 A CYS 96  1_555 ? ? ? ? ? ? ? 2.032 ? ? 
# 
_struct_conn_type.id          disulf 
_struct_conn_type.criteria    ? 
_struct_conn_type.reference   ? 
# 
loop_
_pdbx_modification_feature.ordinal 
_pdbx_modification_feature.label_comp_id 
_pdbx_modification_feature.label_asym_id 
_pdbx_modification_feature.label_seq_id 
_pdbx_modification_feature.label_alt_id 
_pdbx_modification_feature.modified_residue_label_comp_id 
_pdbx_modification_feature.modified_residue_label_asym_id 
_pdbx_modification_feature.modified_residue_label_seq_id 
_pdbx_modification_feature.modified_residue_label_alt_id 
_pdbx_modification_feature.auth_comp_id 
_pdbx_modification_feature.auth_asym_id 
_pdbx_modification_feature.auth_seq_id 
_pdbx_modification_feature.PDB_ins_code 
_pdbx_modification_feature.symmetry 
_pdbx_modification_feature.modified_residue_auth_comp_id 
_pdbx_modification_feature.modified_residue_auth_asym_id 
_pdbx_modification_feature.modified_residue_auth_seq_id 
_pdbx_modification_feature.modified_residue_PDB_ins_code 
_pdbx_modification_feature.modified_residue_symmetry 
_pdbx_modification_feature.comp_id_linking_atom 
_pdbx_modification_feature.modified_residue_id_linking_atom 
_pdbx_modification_feature.modified_residue_id 
_pdbx_modification_feature.ref_pcm_id 
_pdbx_modification_feature.ref_comp_id 
_pdbx_modification_feature.type 
_pdbx_modification_feature.category 
1 CYS A 7  ? CYS A 39  ? CYS A 6  ? 1_555 CYS A 38  ? 1_555 SG SG . . . None 'Disulfide bridge' 
2 CYS A 20 ? CYS A 145 ? CYS A 19 ? 1_555 CYS A 144 ? 1_555 SG SG . . . None 'Disulfide bridge' 
3 CYS A 78 ? CYS A 97  ? CYS A 77 ? 1_555 CYS A 96  ? 1_555 SG SG . . . None 'Disulfide bridge' 
# 
_struct_site.id                   AC1 
_struct_site.pdbx_evidence_code   Software 
_struct_site.pdbx_auth_asym_id    A 
_struct_site.pdbx_auth_comp_id    SRO 
_struct_site.pdbx_auth_seq_id     145 
_struct_site.pdbx_auth_ins_code   ? 
_struct_site.pdbx_num_residues    14 
_struct_site.details              'BINDING SITE FOR RESIDUE SRO A 145' 
# 
loop_
_struct_site_gen.id 
_struct_site_gen.site_id 
_struct_site_gen.pdbx_num_res 
_struct_site_gen.label_comp_id 
_struct_site_gen.label_asym_id 
_struct_site_gen.label_seq_id 
_struct_site_gen.pdbx_auth_ins_code 
_struct_site_gen.auth_comp_id 
_struct_site_gen.auth_asym_id 
_struct_site_gen.auth_seq_id 
_struct_site_gen.label_atom_id 
_struct_site_gen.label_alt_id 
_struct_site_gen.symmetry 
_struct_site_gen.details 
1  AC1 14 VAL A 4   ? VAL A 3   . ? 1_555 ? 
2  AC1 14 GLU A 8   ? GLU A 7   . ? 1_555 ? 
3  AC1 14 ILE A 22  ? ILE A 21  . ? 1_555 ? 
4  AC1 14 ARG A 23  ? ARG A 22  . ? 1_555 ? 
5  AC1 14 TYR A 25  ? TYR A 24  . ? 1_555 ? 
6  AC1 14 HIS A 36  ? HIS A 35  . ? 1_555 ? 
7  AC1 14 ILE A 37  ? ILE A 36  . ? 1_555 ? 
8  AC1 14 VAL A 40  ? VAL A 39  . ? 1_555 ? 
9  AC1 14 TYR A 95  ? TYR A 94  . ? 1_555 ? 
10 AC1 14 PHE A 111 ? PHE A 110 . ? 1_555 ? 
11 AC1 14 ASP A 112 ? ASP A 111 . ? 1_555 ? 
12 AC1 14 GLU A 115 ? GLU A 114 . ? 1_555 ? 
13 AC1 14 MET A 136 ? MET A 135 . ? 1_555 ? 
14 AC1 14 HOH C .   ? HOH A 176 . ? 1_555 ? 
# 
_pdbx_entry_details.entry_id                   2QEH 
_pdbx_entry_details.compound_details           ? 
_pdbx_entry_details.source_details             ? 
_pdbx_entry_details.nonpolymer_details         ? 
_pdbx_entry_details.sequence_details           ? 
_pdbx_entry_details.has_ligand_of_interest     ? 
_pdbx_entry_details.has_protein_modification   Y 
# 
_pdbx_validate_rmsd_angle.id                         1 
_pdbx_validate_rmsd_angle.PDB_model_num              1 
_pdbx_validate_rmsd_angle.auth_atom_id_1             C 
_pdbx_validate_rmsd_angle.auth_asym_id_1             A 
_pdbx_validate_rmsd_angle.auth_comp_id_1             LEU 
_pdbx_validate_rmsd_angle.auth_seq_id_1              10 
_pdbx_validate_rmsd_angle.PDB_ins_code_1             ? 
_pdbx_validate_rmsd_angle.label_alt_id_1             ? 
_pdbx_validate_rmsd_angle.auth_atom_id_2             N 
_pdbx_validate_rmsd_angle.auth_asym_id_2             A 
_pdbx_validate_rmsd_angle.auth_comp_id_2             PRO 
_pdbx_validate_rmsd_angle.auth_seq_id_2              11 
_pdbx_validate_rmsd_angle.PDB_ins_code_2             ? 
_pdbx_validate_rmsd_angle.label_alt_id_2             ? 
_pdbx_validate_rmsd_angle.auth_atom_id_3             CD 
_pdbx_validate_rmsd_angle.auth_asym_id_3             A 
_pdbx_validate_rmsd_angle.auth_comp_id_3             PRO 
_pdbx_validate_rmsd_angle.auth_seq_id_3              11 
_pdbx_validate_rmsd_angle.PDB_ins_code_3             ? 
_pdbx_validate_rmsd_angle.label_alt_id_3             ? 
_pdbx_validate_rmsd_angle.angle_value                113.74 
_pdbx_validate_rmsd_angle.angle_target_value         128.40 
_pdbx_validate_rmsd_angle.angle_deviation            -14.66 
_pdbx_validate_rmsd_angle.angle_standard_deviation   2.10 
_pdbx_validate_rmsd_angle.linker_flag                Y 
# 
_pdbx_validate_peptide_omega.id               1 
_pdbx_validate_peptide_omega.PDB_model_num    1 
_pdbx_validate_peptide_omega.auth_comp_id_1   PRO 
_pdbx_validate_peptide_omega.auth_asym_id_1   A 
_pdbx_validate_peptide_omega.auth_seq_id_1    11 
_pdbx_validate_peptide_omega.PDB_ins_code_1   ? 
_pdbx_validate_peptide_omega.label_alt_id_1   ? 
_pdbx_validate_peptide_omega.auth_comp_id_2   PRO 
_pdbx_validate_peptide_omega.auth_asym_id_2   A 
_pdbx_validate_peptide_omega.auth_seq_id_2    12 
_pdbx_validate_peptide_omega.PDB_ins_code_2   ? 
_pdbx_validate_peptide_omega.label_alt_id_2   ? 
_pdbx_validate_peptide_omega.omega            -142.53 
# 
_pdbx_refine_tls.id               1 
_pdbx_refine_tls.details          ? 
_pdbx_refine_tls.method           refined 
_pdbx_refine_tls.origin_x         -4.6400 
_pdbx_refine_tls.origin_y         -2.1080 
_pdbx_refine_tls.origin_z         1.0337 
_pdbx_refine_tls.T[1][1]          -0.0527 
_pdbx_refine_tls.T[2][2]          -0.0967 
_pdbx_refine_tls.T[3][3]          -0.0799 
_pdbx_refine_tls.T[1][2]          0.0225 
_pdbx_refine_tls.T[1][3]          -0.0136 
_pdbx_refine_tls.T[2][3]          0.0057 
_pdbx_refine_tls.L[1][1]          0.9740 
_pdbx_refine_tls.L[2][2]          1.0354 
_pdbx_refine_tls.L[3][3]          1.6037 
_pdbx_refine_tls.L[1][2]          -0.3679 
_pdbx_refine_tls.L[1][3]          -0.8276 
_pdbx_refine_tls.L[2][3]          0.5147 
_pdbx_refine_tls.S[1][1]          0.1254 
_pdbx_refine_tls.S[2][2]          -0.0310 
_pdbx_refine_tls.S[3][3]          -0.0945 
_pdbx_refine_tls.S[1][2]          0.0231 
_pdbx_refine_tls.S[1][3]          -0.0098 
_pdbx_refine_tls.S[2][3]          -0.0308 
_pdbx_refine_tls.S[2][1]          -0.0253 
_pdbx_refine_tls.S[3][1]          -0.0477 
_pdbx_refine_tls.S[3][2]          0.0153 
_pdbx_refine_tls.pdbx_refine_id   'X-RAY DIFFRACTION' 
# 
_pdbx_refine_tls_group.id                  1 
_pdbx_refine_tls_group.refine_tls_id       1 
_pdbx_refine_tls_group.beg_label_asym_id   A 
_pdbx_refine_tls_group.beg_label_seq_id    2 
_pdbx_refine_tls_group.end_label_asym_id   A 
_pdbx_refine_tls_group.end_label_seq_id    145 
_pdbx_refine_tls_group.selection           ? 
_pdbx_refine_tls_group.beg_auth_asym_id    A 
_pdbx_refine_tls_group.beg_auth_seq_id     1 
_pdbx_refine_tls_group.end_auth_asym_id    A 
_pdbx_refine_tls_group.end_auth_seq_id     144 
_pdbx_refine_tls_group.pdbx_refine_id      'X-RAY DIFFRACTION' 
_pdbx_refine_tls_group.selection_details   ? 
# 
loop_
_chem_comp_atom.comp_id 
_chem_comp_atom.atom_id 
_chem_comp_atom.type_symbol 
_chem_comp_atom.pdbx_aromatic_flag 
_chem_comp_atom.pdbx_stereo_config 
_chem_comp_atom.pdbx_ordinal 
ALA N    N N N 1   
ALA CA   C N S 2   
ALA C    C N N 3   
ALA O    O N N 4   
ALA CB   C N N 5   
ALA OXT  O N N 6   
ALA H    H N N 7   
ALA H2   H N N 8   
ALA HA   H N N 9   
ALA HB1  H N N 10  
ALA HB2  H N N 11  
ALA HB3  H N N 12  
ALA HXT  H N N 13  
ARG N    N N N 14  
ARG CA   C N S 15  
ARG C    C N N 16  
ARG O    O N N 17  
ARG CB   C N N 18  
ARG CG   C N N 19  
ARG CD   C N N 20  
ARG NE   N N N 21  
ARG CZ   C N N 22  
ARG NH1  N N N 23  
ARG NH2  N N N 24  
ARG OXT  O N N 25  
ARG H    H N N 26  
ARG H2   H N N 27  
ARG HA   H N N 28  
ARG HB2  H N N 29  
ARG HB3  H N N 30  
ARG HG2  H N N 31  
ARG HG3  H N N 32  
ARG HD2  H N N 33  
ARG HD3  H N N 34  
ARG HE   H N N 35  
ARG HH11 H N N 36  
ARG HH12 H N N 37  
ARG HH21 H N N 38  
ARG HH22 H N N 39  
ARG HXT  H N N 40  
ASN N    N N N 41  
ASN CA   C N S 42  
ASN C    C N N 43  
ASN O    O N N 44  
ASN CB   C N N 45  
ASN CG   C N N 46  
ASN OD1  O N N 47  
ASN ND2  N N N 48  
ASN OXT  O N N 49  
ASN H    H N N 50  
ASN H2   H N N 51  
ASN HA   H N N 52  
ASN HB2  H N N 53  
ASN HB3  H N N 54  
ASN HD21 H N N 55  
ASN HD22 H N N 56  
ASN HXT  H N N 57  
ASP N    N N N 58  
ASP CA   C N S 59  
ASP C    C N N 60  
ASP O    O N N 61  
ASP CB   C N N 62  
ASP CG   C N N 63  
ASP OD1  O N N 64  
ASP OD2  O N N 65  
ASP OXT  O N N 66  
ASP H    H N N 67  
ASP H2   H N N 68  
ASP HA   H N N 69  
ASP HB2  H N N 70  
ASP HB3  H N N 71  
ASP HD2  H N N 72  
ASP HXT  H N N 73  
CYS N    N N N 74  
CYS CA   C N R 75  
CYS C    C N N 76  
CYS O    O N N 77  
CYS CB   C N N 78  
CYS SG   S N N 79  
CYS OXT  O N N 80  
CYS H    H N N 81  
CYS H2   H N N 82  
CYS HA   H N N 83  
CYS HB2  H N N 84  
CYS HB3  H N N 85  
CYS HG   H N N 86  
CYS HXT  H N N 87  
GLN N    N N N 88  
GLN CA   C N S 89  
GLN C    C N N 90  
GLN O    O N N 91  
GLN CB   C N N 92  
GLN CG   C N N 93  
GLN CD   C N N 94  
GLN OE1  O N N 95  
GLN NE2  N N N 96  
GLN OXT  O N N 97  
GLN H    H N N 98  
GLN H2   H N N 99  
GLN HA   H N N 100 
GLN HB2  H N N 101 
GLN HB3  H N N 102 
GLN HG2  H N N 103 
GLN HG3  H N N 104 
GLN HE21 H N N 105 
GLN HE22 H N N 106 
GLN HXT  H N N 107 
GLU N    N N N 108 
GLU CA   C N S 109 
GLU C    C N N 110 
GLU O    O N N 111 
GLU CB   C N N 112 
GLU CG   C N N 113 
GLU CD   C N N 114 
GLU OE1  O N N 115 
GLU OE2  O N N 116 
GLU OXT  O N N 117 
GLU H    H N N 118 
GLU H2   H N N 119 
GLU HA   H N N 120 
GLU HB2  H N N 121 
GLU HB3  H N N 122 
GLU HG2  H N N 123 
GLU HG3  H N N 124 
GLU HE2  H N N 125 
GLU HXT  H N N 126 
GLY N    N N N 127 
GLY CA   C N N 128 
GLY C    C N N 129 
GLY O    O N N 130 
GLY OXT  O N N 131 
GLY H    H N N 132 
GLY H2   H N N 133 
GLY HA2  H N N 134 
GLY HA3  H N N 135 
GLY HXT  H N N 136 
HIS N    N N N 137 
HIS CA   C N S 138 
HIS C    C N N 139 
HIS O    O N N 140 
HIS CB   C N N 141 
HIS CG   C Y N 142 
HIS ND1  N Y N 143 
HIS CD2  C Y N 144 
HIS CE1  C Y N 145 
HIS NE2  N Y N 146 
HIS OXT  O N N 147 
HIS H    H N N 148 
HIS H2   H N N 149 
HIS HA   H N N 150 
HIS HB2  H N N 151 
HIS HB3  H N N 152 
HIS HD1  H N N 153 
HIS HD2  H N N 154 
HIS HE1  H N N 155 
HIS HE2  H N N 156 
HIS HXT  H N N 157 
HOH O    O N N 158 
HOH H1   H N N 159 
HOH H2   H N N 160 
ILE N    N N N 161 
ILE CA   C N S 162 
ILE C    C N N 163 
ILE O    O N N 164 
ILE CB   C N S 165 
ILE CG1  C N N 166 
ILE CG2  C N N 167 
ILE CD1  C N N 168 
ILE OXT  O N N 169 
ILE H    H N N 170 
ILE H2   H N N 171 
ILE HA   H N N 172 
ILE HB   H N N 173 
ILE HG12 H N N 174 
ILE HG13 H N N 175 
ILE HG21 H N N 176 
ILE HG22 H N N 177 
ILE HG23 H N N 178 
ILE HD11 H N N 179 
ILE HD12 H N N 180 
ILE HD13 H N N 181 
ILE HXT  H N N 182 
LEU N    N N N 183 
LEU CA   C N S 184 
LEU C    C N N 185 
LEU O    O N N 186 
LEU CB   C N N 187 
LEU CG   C N N 188 
LEU CD1  C N N 189 
LEU CD2  C N N 190 
LEU OXT  O N N 191 
LEU H    H N N 192 
LEU H2   H N N 193 
LEU HA   H N N 194 
LEU HB2  H N N 195 
LEU HB3  H N N 196 
LEU HG   H N N 197 
LEU HD11 H N N 198 
LEU HD12 H N N 199 
LEU HD13 H N N 200 
LEU HD21 H N N 201 
LEU HD22 H N N 202 
LEU HD23 H N N 203 
LEU HXT  H N N 204 
LYS N    N N N 205 
LYS CA   C N S 206 
LYS C    C N N 207 
LYS O    O N N 208 
LYS CB   C N N 209 
LYS CG   C N N 210 
LYS CD   C N N 211 
LYS CE   C N N 212 
LYS NZ   N N N 213 
LYS OXT  O N N 214 
LYS H    H N N 215 
LYS H2   H N N 216 
LYS HA   H N N 217 
LYS HB2  H N N 218 
LYS HB3  H N N 219 
LYS HG2  H N N 220 
LYS HG3  H N N 221 
LYS HD2  H N N 222 
LYS HD3  H N N 223 
LYS HE2  H N N 224 
LYS HE3  H N N 225 
LYS HZ1  H N N 226 
LYS HZ2  H N N 227 
LYS HZ3  H N N 228 
LYS HXT  H N N 229 
MET N    N N N 230 
MET CA   C N S 231 
MET C    C N N 232 
MET O    O N N 233 
MET CB   C N N 234 
MET CG   C N N 235 
MET SD   S N N 236 
MET CE   C N N 237 
MET OXT  O N N 238 
MET H    H N N 239 
MET H2   H N N 240 
MET HA   H N N 241 
MET HB2  H N N 242 
MET HB3  H N N 243 
MET HG2  H N N 244 
MET HG3  H N N 245 
MET HE1  H N N 246 
MET HE2  H N N 247 
MET HE3  H N N 248 
MET HXT  H N N 249 
PHE N    N N N 250 
PHE CA   C N S 251 
PHE C    C N N 252 
PHE O    O N N 253 
PHE CB   C N N 254 
PHE CG   C Y N 255 
PHE CD1  C Y N 256 
PHE CD2  C Y N 257 
PHE CE1  C Y N 258 
PHE CE2  C Y N 259 
PHE CZ   C Y N 260 
PHE OXT  O N N 261 
PHE H    H N N 262 
PHE H2   H N N 263 
PHE HA   H N N 264 
PHE HB2  H N N 265 
PHE HB3  H N N 266 
PHE HD1  H N N 267 
PHE HD2  H N N 268 
PHE HE1  H N N 269 
PHE HE2  H N N 270 
PHE HZ   H N N 271 
PHE HXT  H N N 272 
PRO N    N N N 273 
PRO CA   C N S 274 
PRO C    C N N 275 
PRO O    O N N 276 
PRO CB   C N N 277 
PRO CG   C N N 278 
PRO CD   C N N 279 
PRO OXT  O N N 280 
PRO H    H N N 281 
PRO HA   H N N 282 
PRO HB2  H N N 283 
PRO HB3  H N N 284 
PRO HG2  H N N 285 
PRO HG3  H N N 286 
PRO HD2  H N N 287 
PRO HD3  H N N 288 
PRO HXT  H N N 289 
SER N    N N N 290 
SER CA   C N S 291 
SER C    C N N 292 
SER O    O N N 293 
SER CB   C N N 294 
SER OG   O N N 295 
SER OXT  O N N 296 
SER H    H N N 297 
SER H2   H N N 298 
SER HA   H N N 299 
SER HB2  H N N 300 
SER HB3  H N N 301 
SER HG   H N N 302 
SER HXT  H N N 303 
SRO OH   O N N 304 
SRO CZ3  C Y N 305 
SRO CH2  C Y N 306 
SRO CZ2  C Y N 307 
SRO CE2  C Y N 308 
SRO NE1  N Y N 309 
SRO CD1  C Y N 310 
SRO CG   C Y N 311 
SRO CD2  C Y N 312 
SRO CE3  C Y N 313 
SRO CB   C N N 314 
SRO CA   C N N 315 
SRO NZ   N N N 316 
SRO HOH  H N N 317 
SRO HH2  H N N 318 
SRO HZ2  H N N 319 
SRO HNE1 H N N 320 
SRO HD1  H N N 321 
SRO HE3  H N N 322 
SRO HB1  H N N 323 
SRO HB2  H N N 324 
SRO HA1  H N N 325 
SRO HA2  H N N 326 
SRO HNZ1 H N N 327 
SRO HNZ2 H N N 328 
THR N    N N N 329 
THR CA   C N S 330 
THR C    C N N 331 
THR O    O N N 332 
THR CB   C N R 333 
THR OG1  O N N 334 
THR CG2  C N N 335 
THR OXT  O N N 336 
THR H    H N N 337 
THR H2   H N N 338 
THR HA   H N N 339 
THR HB   H N N 340 
THR HG1  H N N 341 
THR HG21 H N N 342 
THR HG22 H N N 343 
THR HG23 H N N 344 
THR HXT  H N N 345 
TYR N    N N N 346 
TYR CA   C N S 347 
TYR C    C N N 348 
TYR O    O N N 349 
TYR CB   C N N 350 
TYR CG   C Y N 351 
TYR CD1  C Y N 352 
TYR CD2  C Y N 353 
TYR CE1  C Y N 354 
TYR CE2  C Y N 355 
TYR CZ   C Y N 356 
TYR OH   O N N 357 
TYR OXT  O N N 358 
TYR H    H N N 359 
TYR H2   H N N 360 
TYR HA   H N N 361 
TYR HB2  H N N 362 
TYR HB3  H N N 363 
TYR HD1  H N N 364 
TYR HD2  H N N 365 
TYR HE1  H N N 366 
TYR HE2  H N N 367 
TYR HH   H N N 368 
TYR HXT  H N N 369 
VAL N    N N N 370 
VAL CA   C N S 371 
VAL C    C N N 372 
VAL O    O N N 373 
VAL CB   C N N 374 
VAL CG1  C N N 375 
VAL CG2  C N N 376 
VAL OXT  O N N 377 
VAL H    H N N 378 
VAL H2   H N N 379 
VAL HA   H N N 380 
VAL HB   H N N 381 
VAL HG11 H N N 382 
VAL HG12 H N N 383 
VAL HG13 H N N 384 
VAL HG21 H N N 385 
VAL HG22 H N N 386 
VAL HG23 H N N 387 
VAL HXT  H N N 388 
# 
loop_
_chem_comp_bond.comp_id 
_chem_comp_bond.atom_id_1 
_chem_comp_bond.atom_id_2 
_chem_comp_bond.value_order 
_chem_comp_bond.pdbx_aromatic_flag 
_chem_comp_bond.pdbx_stereo_config 
_chem_comp_bond.pdbx_ordinal 
ALA N   CA   sing N N 1   
ALA N   H    sing N N 2   
ALA N   H2   sing N N 3   
ALA CA  C    sing N N 4   
ALA CA  CB   sing N N 5   
ALA CA  HA   sing N N 6   
ALA C   O    doub N N 7   
ALA C   OXT  sing N N 8   
ALA CB  HB1  sing N N 9   
ALA CB  HB2  sing N N 10  
ALA CB  HB3  sing N N 11  
ALA OXT HXT  sing N N 12  
ARG N   CA   sing N N 13  
ARG N   H    sing N N 14  
ARG N   H2   sing N N 15  
ARG CA  C    sing N N 16  
ARG CA  CB   sing N N 17  
ARG CA  HA   sing N N 18  
ARG C   O    doub N N 19  
ARG C   OXT  sing N N 20  
ARG CB  CG   sing N N 21  
ARG CB  HB2  sing N N 22  
ARG CB  HB3  sing N N 23  
ARG CG  CD   sing N N 24  
ARG CG  HG2  sing N N 25  
ARG CG  HG3  sing N N 26  
ARG CD  NE   sing N N 27  
ARG CD  HD2  sing N N 28  
ARG CD  HD3  sing N N 29  
ARG NE  CZ   sing N N 30  
ARG NE  HE   sing N N 31  
ARG CZ  NH1  sing N N 32  
ARG CZ  NH2  doub N N 33  
ARG NH1 HH11 sing N N 34  
ARG NH1 HH12 sing N N 35  
ARG NH2 HH21 sing N N 36  
ARG NH2 HH22 sing N N 37  
ARG OXT HXT  sing N N 38  
ASN N   CA   sing N N 39  
ASN N   H    sing N N 40  
ASN N   H2   sing N N 41  
ASN CA  C    sing N N 42  
ASN CA  CB   sing N N 43  
ASN CA  HA   sing N N 44  
ASN C   O    doub N N 45  
ASN C   OXT  sing N N 46  
ASN CB  CG   sing N N 47  
ASN CB  HB2  sing N N 48  
ASN CB  HB3  sing N N 49  
ASN CG  OD1  doub N N 50  
ASN CG  ND2  sing N N 51  
ASN ND2 HD21 sing N N 52  
ASN ND2 HD22 sing N N 53  
ASN OXT HXT  sing N N 54  
ASP N   CA   sing N N 55  
ASP N   H    sing N N 56  
ASP N   H2   sing N N 57  
ASP CA  C    sing N N 58  
ASP CA  CB   sing N N 59  
ASP CA  HA   sing N N 60  
ASP C   O    doub N N 61  
ASP C   OXT  sing N N 62  
ASP CB  CG   sing N N 63  
ASP CB  HB2  sing N N 64  
ASP CB  HB3  sing N N 65  
ASP CG  OD1  doub N N 66  
ASP CG  OD2  sing N N 67  
ASP OD2 HD2  sing N N 68  
ASP OXT HXT  sing N N 69  
CYS N   CA   sing N N 70  
CYS N   H    sing N N 71  
CYS N   H2   sing N N 72  
CYS CA  C    sing N N 73  
CYS CA  CB   sing N N 74  
CYS CA  HA   sing N N 75  
CYS C   O    doub N N 76  
CYS C   OXT  sing N N 77  
CYS CB  SG   sing N N 78  
CYS CB  HB2  sing N N 79  
CYS CB  HB3  sing N N 80  
CYS SG  HG   sing N N 81  
CYS OXT HXT  sing N N 82  
GLN N   CA   sing N N 83  
GLN N   H    sing N N 84  
GLN N   H2   sing N N 85  
GLN CA  C    sing N N 86  
GLN CA  CB   sing N N 87  
GLN CA  HA   sing N N 88  
GLN C   O    doub N N 89  
GLN C   OXT  sing N N 90  
GLN CB  CG   sing N N 91  
GLN CB  HB2  sing N N 92  
GLN CB  HB3  sing N N 93  
GLN CG  CD   sing N N 94  
GLN CG  HG2  sing N N 95  
GLN CG  HG3  sing N N 96  
GLN CD  OE1  doub N N 97  
GLN CD  NE2  sing N N 98  
GLN NE2 HE21 sing N N 99  
GLN NE2 HE22 sing N N 100 
GLN OXT HXT  sing N N 101 
GLU N   CA   sing N N 102 
GLU N   H    sing N N 103 
GLU N   H2   sing N N 104 
GLU CA  C    sing N N 105 
GLU CA  CB   sing N N 106 
GLU CA  HA   sing N N 107 
GLU C   O    doub N N 108 
GLU C   OXT  sing N N 109 
GLU CB  CG   sing N N 110 
GLU CB  HB2  sing N N 111 
GLU CB  HB3  sing N N 112 
GLU CG  CD   sing N N 113 
GLU CG  HG2  sing N N 114 
GLU CG  HG3  sing N N 115 
GLU CD  OE1  doub N N 116 
GLU CD  OE2  sing N N 117 
GLU OE2 HE2  sing N N 118 
GLU OXT HXT  sing N N 119 
GLY N   CA   sing N N 120 
GLY N   H    sing N N 121 
GLY N   H2   sing N N 122 
GLY CA  C    sing N N 123 
GLY CA  HA2  sing N N 124 
GLY CA  HA3  sing N N 125 
GLY C   O    doub N N 126 
GLY C   OXT  sing N N 127 
GLY OXT HXT  sing N N 128 
HIS N   CA   sing N N 129 
HIS N   H    sing N N 130 
HIS N   H2   sing N N 131 
HIS CA  C    sing N N 132 
HIS CA  CB   sing N N 133 
HIS CA  HA   sing N N 134 
HIS C   O    doub N N 135 
HIS C   OXT  sing N N 136 
HIS CB  CG   sing N N 137 
HIS CB  HB2  sing N N 138 
HIS CB  HB3  sing N N 139 
HIS CG  ND1  sing Y N 140 
HIS CG  CD2  doub Y N 141 
HIS ND1 CE1  doub Y N 142 
HIS ND1 HD1  sing N N 143 
HIS CD2 NE2  sing Y N 144 
HIS CD2 HD2  sing N N 145 
HIS CE1 NE2  sing Y N 146 
HIS CE1 HE1  sing N N 147 
HIS NE2 HE2  sing N N 148 
HIS OXT HXT  sing N N 149 
HOH O   H1   sing N N 150 
HOH O   H2   sing N N 151 
ILE N   CA   sing N N 152 
ILE N   H    sing N N 153 
ILE N   H2   sing N N 154 
ILE CA  C    sing N N 155 
ILE CA  CB   sing N N 156 
ILE CA  HA   sing N N 157 
ILE C   O    doub N N 158 
ILE C   OXT  sing N N 159 
ILE CB  CG1  sing N N 160 
ILE CB  CG2  sing N N 161 
ILE CB  HB   sing N N 162 
ILE CG1 CD1  sing N N 163 
ILE CG1 HG12 sing N N 164 
ILE CG1 HG13 sing N N 165 
ILE CG2 HG21 sing N N 166 
ILE CG2 HG22 sing N N 167 
ILE CG2 HG23 sing N N 168 
ILE CD1 HD11 sing N N 169 
ILE CD1 HD12 sing N N 170 
ILE CD1 HD13 sing N N 171 
ILE OXT HXT  sing N N 172 
LEU N   CA   sing N N 173 
LEU N   H    sing N N 174 
LEU N   H2   sing N N 175 
LEU CA  C    sing N N 176 
LEU CA  CB   sing N N 177 
LEU CA  HA   sing N N 178 
LEU C   O    doub N N 179 
LEU C   OXT  sing N N 180 
LEU CB  CG   sing N N 181 
LEU CB  HB2  sing N N 182 
LEU CB  HB3  sing N N 183 
LEU CG  CD1  sing N N 184 
LEU CG  CD2  sing N N 185 
LEU CG  HG   sing N N 186 
LEU CD1 HD11 sing N N 187 
LEU CD1 HD12 sing N N 188 
LEU CD1 HD13 sing N N 189 
LEU CD2 HD21 sing N N 190 
LEU CD2 HD22 sing N N 191 
LEU CD2 HD23 sing N N 192 
LEU OXT HXT  sing N N 193 
LYS N   CA   sing N N 194 
LYS N   H    sing N N 195 
LYS N   H2   sing N N 196 
LYS CA  C    sing N N 197 
LYS CA  CB   sing N N 198 
LYS CA  HA   sing N N 199 
LYS C   O    doub N N 200 
LYS C   OXT  sing N N 201 
LYS CB  CG   sing N N 202 
LYS CB  HB2  sing N N 203 
LYS CB  HB3  sing N N 204 
LYS CG  CD   sing N N 205 
LYS CG  HG2  sing N N 206 
LYS CG  HG3  sing N N 207 
LYS CD  CE   sing N N 208 
LYS CD  HD2  sing N N 209 
LYS CD  HD3  sing N N 210 
LYS CE  NZ   sing N N 211 
LYS CE  HE2  sing N N 212 
LYS CE  HE3  sing N N 213 
LYS NZ  HZ1  sing N N 214 
LYS NZ  HZ2  sing N N 215 
LYS NZ  HZ3  sing N N 216 
LYS OXT HXT  sing N N 217 
MET N   CA   sing N N 218 
MET N   H    sing N N 219 
MET N   H2   sing N N 220 
MET CA  C    sing N N 221 
MET CA  CB   sing N N 222 
MET CA  HA   sing N N 223 
MET C   O    doub N N 224 
MET C   OXT  sing N N 225 
MET CB  CG   sing N N 226 
MET CB  HB2  sing N N 227 
MET CB  HB3  sing N N 228 
MET CG  SD   sing N N 229 
MET CG  HG2  sing N N 230 
MET CG  HG3  sing N N 231 
MET SD  CE   sing N N 232 
MET CE  HE1  sing N N 233 
MET CE  HE2  sing N N 234 
MET CE  HE3  sing N N 235 
MET OXT HXT  sing N N 236 
PHE N   CA   sing N N 237 
PHE N   H    sing N N 238 
PHE N   H2   sing N N 239 
PHE CA  C    sing N N 240 
PHE CA  CB   sing N N 241 
PHE CA  HA   sing N N 242 
PHE C   O    doub N N 243 
PHE C   OXT  sing N N 244 
PHE CB  CG   sing N N 245 
PHE CB  HB2  sing N N 246 
PHE CB  HB3  sing N N 247 
PHE CG  CD1  doub Y N 248 
PHE CG  CD2  sing Y N 249 
PHE CD1 CE1  sing Y N 250 
PHE CD1 HD1  sing N N 251 
PHE CD2 CE2  doub Y N 252 
PHE CD2 HD2  sing N N 253 
PHE CE1 CZ   doub Y N 254 
PHE CE1 HE1  sing N N 255 
PHE CE2 CZ   sing Y N 256 
PHE CE2 HE2  sing N N 257 
PHE CZ  HZ   sing N N 258 
PHE OXT HXT  sing N N 259 
PRO N   CA   sing N N 260 
PRO N   CD   sing N N 261 
PRO N   H    sing N N 262 
PRO CA  C    sing N N 263 
PRO CA  CB   sing N N 264 
PRO CA  HA   sing N N 265 
PRO C   O    doub N N 266 
PRO C   OXT  sing N N 267 
PRO CB  CG   sing N N 268 
PRO CB  HB2  sing N N 269 
PRO CB  HB3  sing N N 270 
PRO CG  CD   sing N N 271 
PRO CG  HG2  sing N N 272 
PRO CG  HG3  sing N N 273 
PRO CD  HD2  sing N N 274 
PRO CD  HD3  sing N N 275 
PRO OXT HXT  sing N N 276 
SER N   CA   sing N N 277 
SER N   H    sing N N 278 
SER N   H2   sing N N 279 
SER CA  C    sing N N 280 
SER CA  CB   sing N N 281 
SER CA  HA   sing N N 282 
SER C   O    doub N N 283 
SER C   OXT  sing N N 284 
SER CB  OG   sing N N 285 
SER CB  HB2  sing N N 286 
SER CB  HB3  sing N N 287 
SER OG  HG   sing N N 288 
SER OXT HXT  sing N N 289 
SRO OH  CZ3  sing N N 290 
SRO OH  HOH  sing N N 291 
SRO CZ3 CE3  doub Y N 292 
SRO CZ3 CH2  sing Y N 293 
SRO CH2 CZ2  doub Y N 294 
SRO CH2 HH2  sing N N 295 
SRO CZ2 CE2  sing Y N 296 
SRO CZ2 HZ2  sing N N 297 
SRO CE2 NE1  sing Y N 298 
SRO CE2 CD2  doub Y N 299 
SRO NE1 CD1  sing Y N 300 
SRO NE1 HNE1 sing N N 301 
SRO CD1 CG   doub Y N 302 
SRO CD1 HD1  sing N N 303 
SRO CG  CB   sing N N 304 
SRO CG  CD2  sing Y N 305 
SRO CD2 CE3  sing Y N 306 
SRO CE3 HE3  sing N N 307 
SRO CB  CA   sing N N 308 
SRO CB  HB1  sing N N 309 
SRO CB  HB2  sing N N 310 
SRO CA  NZ   sing N N 311 
SRO CA  HA1  sing N N 312 
SRO CA  HA2  sing N N 313 
SRO NZ  HNZ1 sing N N 314 
SRO NZ  HNZ2 sing N N 315 
THR N   CA   sing N N 316 
THR N   H    sing N N 317 
THR N   H2   sing N N 318 
THR CA  C    sing N N 319 
THR CA  CB   sing N N 320 
THR CA  HA   sing N N 321 
THR C   O    doub N N 322 
THR C   OXT  sing N N 323 
THR CB  OG1  sing N N 324 
THR CB  CG2  sing N N 325 
THR CB  HB   sing N N 326 
THR OG1 HG1  sing N N 327 
THR CG2 HG21 sing N N 328 
THR CG2 HG22 sing N N 329 
THR CG2 HG23 sing N N 330 
THR OXT HXT  sing N N 331 
TYR N   CA   sing N N 332 
TYR N   H    sing N N 333 
TYR N   H2   sing N N 334 
TYR CA  C    sing N N 335 
TYR CA  CB   sing N N 336 
TYR CA  HA   sing N N 337 
TYR C   O    doub N N 338 
TYR C   OXT  sing N N 339 
TYR CB  CG   sing N N 340 
TYR CB  HB2  sing N N 341 
TYR CB  HB3  sing N N 342 
TYR CG  CD1  doub Y N 343 
TYR CG  CD2  sing Y N 344 
TYR CD1 CE1  sing Y N 345 
TYR CD1 HD1  sing N N 346 
TYR CD2 CE2  doub Y N 347 
TYR CD2 HD2  sing N N 348 
TYR CE1 CZ   doub Y N 349 
TYR CE1 HE1  sing N N 350 
TYR CE2 CZ   sing Y N 351 
TYR CE2 HE2  sing N N 352 
TYR CZ  OH   sing N N 353 
TYR OH  HH   sing N N 354 
TYR OXT HXT  sing N N 355 
VAL N   CA   sing N N 356 
VAL N   H    sing N N 357 
VAL N   H2   sing N N 358 
VAL CA  C    sing N N 359 
VAL CA  CB   sing N N 360 
VAL CA  HA   sing N N 361 
VAL C   O    doub N N 362 
VAL C   OXT  sing N N 363 
VAL CB  CG1  sing N N 364 
VAL CB  CG2  sing N N 365 
VAL CB  HB   sing N N 366 
VAL CG1 HG11 sing N N 367 
VAL CG1 HG12 sing N N 368 
VAL CG1 HG13 sing N N 369 
VAL CG2 HG21 sing N N 370 
VAL CG2 HG22 sing N N 371 
VAL CG2 HG23 sing N N 372 
VAL OXT HXT  sing N N 373 
# 
_atom_sites.entry_id                    2QEH 
_atom_sites.fract_transf_matrix[1][1]   -0.00955312 
_atom_sites.fract_transf_matrix[1][2]   -0.01256328 
_atom_sites.fract_transf_matrix[1][3]   -0.00007104 
_atom_sites.fract_transf_matrix[2][1]   -0.00022534 
_atom_sites.fract_transf_matrix[2][2]   0.00026058 
_atom_sites.fract_transf_matrix[2][3]   -0.01577924 
_atom_sites.fract_transf_matrix[3][1]   0.01867545 
_atom_sites.fract_transf_matrix[3][2]   -0.01419798 
_atom_sites.fract_transf_matrix[3][3]   -0.00050117 
_atom_sites.fract_transf_vector[1]      0.348730 
_atom_sites.fract_transf_vector[2]      -0.137458 
_atom_sites.fract_transf_vector[3]      -0.018012 
# 
loop_
_atom_type.symbol 
C 
N 
O 
S 
# 
loop_
_atom_site.group_PDB 
_atom_site.id 
_atom_site.type_symbol 
_atom_site.label_atom_id 
_atom_site.label_alt_id 
_atom_site.label_comp_id 
_atom_site.label_asym_id 
_atom_site.label_entity_id 
_atom_site.label_seq_id 
_atom_site.pdbx_PDB_ins_code 
_atom_site.Cartn_x 
_atom_site.Cartn_y 
_atom_site.Cartn_z 
_atom_site.occupancy 
_atom_site.B_iso_or_equiv 
_atom_site.pdbx_formal_charge 
_atom_site.auth_seq_id 
_atom_site.auth_comp_id 
_atom_site.auth_asym_id 
_atom_site.auth_atom_id 
_atom_site.pdbx_PDB_model_num 
ATOM   1    N N   . MET A 1 1   ? 11.780  -2.775  11.420  1.00 57.37 ? 0   MET A N   1 
ATOM   2    C CA  . MET A 1 1   ? 10.377  -2.760  11.920  1.00 57.56 ? 0   MET A CA  1 
ATOM   3    C C   . MET A 1 1   ? 9.839   -1.338  12.075  1.00 49.03 ? 0   MET A C   1 
ATOM   4    O O   . MET A 1 1   ? 9.095   -1.043  13.013  1.00 49.51 ? 0   MET A O   1 
ATOM   5    C CB  . MET A 1 1   ? 10.264  -3.529  13.241  1.00 58.91 ? 0   MET A CB  1 
ATOM   6    C CG  . MET A 1 1   ? 8.934   -3.331  13.972  1.00 70.17 ? 0   MET A CG  1 
ATOM   7    S SD  . MET A 1 1   ? 8.310   -4.819  14.797  1.00 74.35 ? 0   MET A SD  1 
ATOM   8    C CE  . MET A 1 1   ? 7.817   -5.814  13.380  1.00 81.91 ? 0   MET A CE  1 
ATOM   9    N N   . GLU A 1 2   ? 10.222  -0.462  11.151  1.00 43.72 ? 1   GLU A N   1 
ATOM   10   C CA  . GLU A 1 2   ? 9.522   0.802   10.948  1.00 40.18 ? 1   GLU A CA  1 
ATOM   11   C C   . GLU A 1 2   ? 8.113   0.528   10.396  1.00 40.20 ? 1   GLU A C   1 
ATOM   12   O O   . GLU A 1 2   ? 7.928   -0.361  9.558   1.00 31.87 ? 1   GLU A O   1 
ATOM   13   C CB  . GLU A 1 2   ? 10.310  1.671   9.974   1.00 40.10 ? 1   GLU A CB  1 
ATOM   14   C CG  . GLU A 1 2   ? 9.817   3.102   9.847   1.00 41.98 ? 1   GLU A CG  1 
ATOM   15   C CD  . GLU A 1 2   ? 10.689  3.927   8.915   1.00 46.83 ? 1   GLU A CD  1 
ATOM   16   O OE1 . GLU A 1 2   ? 11.262  3.340   7.969   1.00 44.41 ? 1   GLU A OE1 1 
ATOM   17   O OE2 . GLU A 1 2   ? 10.802  5.159   9.121   1.00 45.74 ? 1   GLU A OE2 1 
ATOM   18   N N   . THR A 1 3   ? 7.128   1.285   10.882  1.00 36.11 ? 2   THR A N   1 
ATOM   19   C CA  . THR A 1 3   ? 5.716   1.035   10.576  1.00 25.74 ? 2   THR A CA  1 
ATOM   20   C C   . THR A 1 3   ? 5.205   2.151   9.693   1.00 21.99 ? 2   THR A C   1 
ATOM   21   O O   . THR A 1 3   ? 5.895   3.145   9.499   1.00 26.12 ? 2   THR A O   1 
ATOM   22   C CB  . THR A 1 3   ? 4.848   1.004   11.853  1.00 24.10 ? 2   THR A CB  1 
ATOM   23   O OG1 . THR A 1 3   ? 4.928   2.270   12.517  1.00 32.26 ? 2   THR A OG1 1 
ATOM   24   C CG2 . THR A 1 3   ? 5.303   -0.100  12.808  1.00 27.45 ? 2   THR A CG2 1 
ATOM   25   N N   . VAL A 1 4   ? 3.996   1.978   9.157   1.00 24.12 ? 3   VAL A N   1 
ATOM   26   C CA  . VAL A 1 4   ? 3.318   3.008   8.371   1.00 15.50 ? 3   VAL A CA  1 
ATOM   27   C C   . VAL A 1 4   ? 3.096   4.267   9.222   1.00 25.03 ? 3   VAL A C   1 
ATOM   28   O O   . VAL A 1 4   ? 3.202   5.399   8.726   1.00 22.53 ? 3   VAL A O   1 
ATOM   29   C CB  . VAL A 1 4   ? 1.952   2.499   7.846   1.00 15.64 ? 3   VAL A CB  1 
ATOM   30   C CG1 . VAL A 1 4   ? 1.176   3.622   7.184   1.00 8.70  ? 3   VAL A CG1 1 
ATOM   31   C CG2 . VAL A 1 4   ? 2.155   1.311   6.861   1.00 17.87 ? 3   VAL A CG2 1 
ATOM   32   N N   . GLN A 1 5   ? 2.783   4.060   10.500  1.00 23.07 ? 4   GLN A N   1 
ATOM   33   C CA  . GLN A 1 5   ? 2.671   5.159   11.458  1.00 27.91 ? 4   GLN A CA  1 
ATOM   34   C C   . GLN A 1 5   ? 3.991   5.939   11.549  1.00 28.98 ? 4   GLN A C   1 
ATOM   35   O O   . GLN A 1 5   ? 4.001   7.168   11.476  1.00 25.45 ? 4   GLN A O   1 
ATOM   36   C CB  . GLN A 1 5   ? 2.290   4.625   12.836  1.00 26.05 ? 4   GLN A CB  1 
ATOM   37   C CG  . GLN A 1 5   ? 1.891   5.719   13.829  1.00 41.17 ? 4   GLN A CG  1 
ATOM   38   C CD  . GLN A 1 5   ? 0.866   5.245   14.846  1.00 64.17 ? 4   GLN A CD  1 
ATOM   39   O OE1 . GLN A 1 5   ? -0.025  4.450   14.527  1.00 68.57 ? 4   GLN A OE1 1 
ATOM   40   N NE2 . GLN A 1 5   ? 0.987   5.732   16.079  1.00 68.85 ? 4   GLN A NE2 1 
ATOM   41   N N   . ASP A 1 6   ? 5.098   5.212   11.691  1.00 28.97 ? 5   ASP A N   1 
ATOM   42   C CA  . ASP A 1 6   ? 6.428   5.824   11.680  1.00 30.69 ? 5   ASP A CA  1 
ATOM   43   C C   . ASP A 1 6   ? 6.644   6.695   10.456  1.00 31.15 ? 5   ASP A C   1 
ATOM   44   O O   . ASP A 1 6   ? 7.204   7.786   10.567  1.00 37.29 ? 5   ASP A O   1 
ATOM   45   C CB  . ASP A 1 6   ? 7.535   4.767   11.772  1.00 23.53 ? 5   ASP A CB  1 
ATOM   46   C CG  . ASP A 1 6   ? 7.616   4.126   13.132  1.00 26.50 ? 5   ASP A CG  1 
ATOM   47   O OD1 . ASP A 1 6   ? 7.147   4.745   14.109  1.00 34.92 ? 5   ASP A OD1 1 
ATOM   48   O OD2 . ASP A 1 6   ? 8.147   2.997   13.234  1.00 27.15 ? 5   ASP A OD2 1 
ATOM   49   N N   . CYS A 1 7   ? 6.188   6.229   9.291   1.00 31.20 ? 6   CYS A N   1 
ATOM   50   C CA  . CYS A 1 7   ? 6.318   7.010   8.066   1.00 29.94 ? 6   CYS A CA  1 
ATOM   51   C C   . CYS A 1 7   ? 5.468   8.283   8.046   1.00 31.40 ? 6   CYS A C   1 
ATOM   52   O O   . CYS A 1 7   ? 5.932   9.339   7.620   1.00 31.10 ? 6   CYS A O   1 
ATOM   53   C CB  . CYS A 1 7   ? 6.040   6.165   6.809   1.00 32.97 ? 6   CYS A CB  1 
ATOM   54   S SG  . CYS A 1 7   ? 7.023   4.668   6.632   1.00 28.82 ? 6   CYS A SG  1 
ATOM   55   N N   . GLU A 1 8   ? 4.217   8.185   8.479   1.00 31.51 ? 7   GLU A N   1 
ATOM   56   C CA  . GLU A 1 8   ? 3.351   9.358   8.527   1.00 35.68 ? 7   GLU A CA  1 
ATOM   57   C C   . GLU A 1 8   ? 3.833   10.410  9.547   1.00 31.13 ? 7   GLU A C   1 
ATOM   58   O O   . GLU A 1 8   ? 3.667   11.611  9.337   1.00 31.71 ? 7   GLU A O   1 
ATOM   59   C CB  . GLU A 1 8   ? 1.895   8.951   8.800   1.00 29.20 ? 7   GLU A CB  1 
ATOM   60   C CG  . GLU A 1 8   ? 1.502   7.656   8.118   1.00 30.26 ? 7   GLU A CG  1 
ATOM   61   C CD  . GLU A 1 8   ? 0.015   7.378   8.159   1.00 33.12 ? 7   GLU A CD  1 
ATOM   62   O OE1 . GLU A 1 8   ? -0.605  7.515   9.243   1.00 20.61 ? 7   GLU A OE1 1 
ATOM   63   O OE2 . GLU A 1 8   ? -0.530  6.999   7.100   1.00 25.83 ? 7   GLU A OE2 1 
ATOM   64   N N   . ASN A 1 9   ? 4.413   9.953   10.650  1.00 36.95 ? 8   ASN A N   1 
ATOM   65   C CA  . ASN A 1 9   ? 4.889   10.863  11.690  1.00 43.52 ? 8   ASN A CA  1 
ATOM   66   C C   . ASN A 1 9   ? 6.024   11.705  11.127  1.00 47.31 ? 8   ASN A C   1 
ATOM   67   O O   . ASN A 1 9   ? 6.350   12.777  11.641  1.00 47.91 ? 8   ASN A O   1 
ATOM   68   C CB  . ASN A 1 9   ? 5.383   10.067  12.898  1.00 40.23 ? 8   ASN A CB  1 
ATOM   69   C CG  . ASN A 1 9   ? 4.253   9.549   13.750  1.00 43.54 ? 8   ASN A CG  1 
ATOM   70   O OD1 . ASN A 1 9   ? 3.159   10.126  13.765  1.00 49.20 ? 8   ASN A OD1 1 
ATOM   71   N ND2 . ASN A 1 9   ? 4.506   8.456   14.475  1.00 35.24 ? 8   ASN A ND2 1 
ATOM   72   N N   . LYS A 1 10  ? 6.591   11.198  10.039  1.00 49.71 ? 9   LYS A N   1 
ATOM   73   C CA  . LYS A 1 10  ? 7.827   11.690  9.458   1.00 46.96 ? 9   LYS A CA  1 
ATOM   74   C C   . LYS A 1 10  ? 7.526   12.622  8.291   1.00 43.56 ? 9   LYS A C   1 
ATOM   75   O O   . LYS A 1 10  ? 8.429   13.271  7.767   1.00 45.41 ? 9   LYS A O   1 
ATOM   76   C CB  . LYS A 1 10  ? 8.630   10.497  8.945   1.00 45.72 ? 9   LYS A CB  1 
ATOM   77   C CG  . LYS A 1 10  ? 10.111  10.747  8.775   1.00 52.14 ? 9   LYS A CG  1 
ATOM   78   C CD  . LYS A 1 10  ? 10.844  9.428   8.596   1.00 43.20 ? 9   LYS A CD  1 
ATOM   79   C CE  . LYS A 1 10  ? 10.491  8.768   7.274   1.00 43.95 ? 9   LYS A CE  1 
ATOM   80   N NZ  . LYS A 1 10  ? 11.381  7.589   7.000   1.00 48.20 ? 9   LYS A NZ  1 
ATOM   81   N N   . LEU A 1 11  ? 6.260   12.682  7.891   1.00 41.72 ? 10  LEU A N   1 
ATOM   82   C CA  . LEU A 1 11  ? 5.860   13.465  6.727   1.00 46.19 ? 10  LEU A CA  1 
ATOM   83   C C   . LEU A 1 11  ? 6.224   14.935  6.900   1.00 48.87 ? 10  LEU A C   1 
ATOM   84   O O   . LEU A 1 11  ? 6.228   15.457  8.015   1.00 45.59 ? 10  LEU A O   1 
ATOM   85   C CB  . LEU A 1 11  ? 4.358   13.320  6.475   1.00 41.94 ? 10  LEU A CB  1 
ATOM   86   C CG  . LEU A 1 11  ? 3.920   12.096  5.669   1.00 37.79 ? 10  LEU A CG  1 
ATOM   87   C CD1 . LEU A 1 11  ? 2.457   11.773  5.933   1.00 36.72 ? 10  LEU A CD1 1 
ATOM   88   C CD2 . LEU A 1 11  ? 4.164   12.315  4.184   1.00 28.98 ? 10  LEU A CD2 1 
ATOM   89   N N   . PRO A 1 12  ? 6.530   15.598  5.789   1.00 53.88 ? 11  PRO A N   1 
ATOM   90   C CA  . PRO A 1 12  ? 6.776   17.044  5.799   1.00 58.50 ? 11  PRO A CA  1 
ATOM   91   C C   . PRO A 1 12  ? 5.500   17.837  5.535   1.00 58.99 ? 11  PRO A C   1 
ATOM   92   O O   . PRO A 1 12  ? 4.664   17.412  4.737   1.00 62.06 ? 11  PRO A O   1 
ATOM   93   C CB  . PRO A 1 12  ? 7.761   17.233  4.644   1.00 60.97 ? 11  PRO A CB  1 
ATOM   94   C CG  . PRO A 1 12  ? 8.479   15.935  4.553   1.00 62.23 ? 11  PRO A CG  1 
ATOM   95   C CD  . PRO A 1 12  ? 7.471   14.881  4.911   1.00 54.13 ? 11  PRO A CD  1 
ATOM   96   N N   . PRO A 1 13  ? 5.358   18.977  6.202   1.00 58.62 ? 12  PRO A N   1 
ATOM   97   C CA  . PRO A 1 13  ? 4.060   19.414  6.708   1.00 52.12 ? 12  PRO A CA  1 
ATOM   98   C C   . PRO A 1 13  ? 3.050   19.727  5.610   1.00 44.53 ? 12  PRO A C   1 
ATOM   99   O O   . PRO A 1 13  ? 1.850   19.809  5.882   1.00 47.95 ? 12  PRO A O   1 
ATOM   100  C CB  . PRO A 1 13  ? 4.403   20.667  7.527   1.00 55.18 ? 12  PRO A CB  1 
ATOM   101  C CG  . PRO A 1 13  ? 5.642   21.194  6.910   1.00 52.74 ? 12  PRO A CG  1 
ATOM   102  C CD  . PRO A 1 13  ? 6.415   19.999  6.382   1.00 61.56 ? 12  PRO A CD  1 
ATOM   103  N N   . SER A 1 14  ? 3.532   19.882  4.381   1.00 43.44 ? 13  SER A N   1 
ATOM   104  C CA  . SER A 1 14  ? 2.663   20.054  3.209   1.00 42.02 ? 13  SER A CA  1 
ATOM   105  C C   . SER A 1 14  ? 1.836   18.792  2.921   1.00 37.49 ? 13  SER A C   1 
ATOM   106  O O   . SER A 1 14  ? 0.770   18.859  2.298   1.00 32.44 ? 13  SER A O   1 
ATOM   107  C CB  . SER A 1 14  ? 3.511   20.390  1.979   1.00 44.21 ? 13  SER A CB  1 
ATOM   108  O OG  . SER A 1 14  ? 4.670   19.566  1.932   1.00 43.20 ? 13  SER A OG  1 
ATOM   109  N N   . LEU A 1 15  ? 2.353   17.649  3.367   1.00 35.58 ? 14  LEU A N   1 
ATOM   110  C CA  . LEU A 1 15  ? 1.711   16.345  3.158   1.00 38.34 ? 14  LEU A CA  1 
ATOM   111  C C   . LEU A 1 15  ? 0.928   15.884  4.394   1.00 35.84 ? 14  LEU A C   1 
ATOM   112  O O   . LEU A 1 15  ? -0.178  15.344  4.283   1.00 34.62 ? 14  LEU A O   1 
ATOM   113  C CB  . LEU A 1 15  ? 2.774   15.301  2.794   1.00 37.58 ? 14  LEU A CB  1 
ATOM   114  C CG  . LEU A 1 15  ? 3.402   15.484  1.406   1.00 38.71 ? 14  LEU A CG  1 
ATOM   115  C CD1 . LEU A 1 15  ? 4.307   14.316  1.054   1.00 48.87 ? 14  LEU A CD1 1 
ATOM   116  C CD2 . LEU A 1 15  ? 2.323   15.683  0.347   1.00 32.33 ? 14  LEU A CD2 1 
ATOM   117  N N   . LYS A 1 16  ? 1.506   16.100  5.570   1.00 36.71 ? 15  LYS A N   1 
ATOM   118  C CA  . LYS A 1 16  ? 0.798   15.833  6.820   1.00 38.18 ? 15  LYS A CA  1 
ATOM   119  C C   . LYS A 1 16  ? -0.596  16.462  6.771   1.00 36.63 ? 15  LYS A C   1 
ATOM   120  O O   . LYS A 1 16  ? -1.588  15.881  7.227   1.00 36.43 ? 15  LYS A O   1 
ATOM   121  C CB  . LYS A 1 16  ? 1.605   16.384  7.994   1.00 33.53 ? 15  LYS A CB  1 
ATOM   122  C CG  . LYS A 1 16  ? 1.587   15.494  9.232   1.00 50.87 ? 15  LYS A CG  1 
ATOM   123  C CD  . LYS A 1 16  ? 2.529   16.008  10.312  1.00 51.21 ? 15  LYS A CD  1 
ATOM   124  C CE  . LYS A 1 16  ? 2.080   15.547  11.702  1.00 59.82 ? 15  LYS A CE  1 
ATOM   125  N NZ  . LYS A 1 16  ? 2.470   16.512  12.770  1.00 41.73 ? 15  LYS A NZ  1 
ATOM   126  N N   . SER A 1 17  ? -0.664  17.650  6.188   1.00 35.36 ? 16  SER A N   1 
ATOM   127  C CA  . SER A 1 17  ? -1.931  18.343  5.981   1.00 37.88 ? 16  SER A CA  1 
ATOM   128  C C   . SER A 1 17  ? -2.910  17.555  5.111   1.00 32.85 ? 16  SER A C   1 
ATOM   129  O O   . SER A 1 17  ? -4.116  17.760  5.186   1.00 31.58 ? 16  SER A O   1 
ATOM   130  C CB  . SER A 1 17  ? -1.666  19.720  5.354   1.00 42.30 ? 16  SER A CB  1 
ATOM   131  O OG  . SER A 1 17  ? -2.853  20.269  4.800   1.00 50.19 ? 16  SER A OG  1 
ATOM   132  N N   . ARG A 1 18  ? -2.393  16.664  4.268   1.00 34.24 ? 17  ARG A N   1 
ATOM   133  C CA  . ARG A 1 18  ? -3.237  15.947  3.309   1.00 32.75 ? 17  ARG A CA  1 
ATOM   134  C C   . ARG A 1 18  ? -3.323  14.444  3.616   1.00 33.08 ? 17  ARG A C   1 
ATOM   135  O O   . ARG A 1 18  ? -3.572  13.633  2.722   1.00 30.94 ? 17  ARG A O   1 
ATOM   136  C CB  . ARG A 1 18  ? -2.720  16.159  1.882   1.00 30.90 ? 17  ARG A CB  1 
ATOM   137  C CG  . ARG A 1 18  ? -2.647  17.627  1.445   1.00 39.96 ? 17  ARG A CG  1 
ATOM   138  C CD  . ARG A 1 18  ? -1.904  17.778  0.128   1.00 32.18 ? 17  ARG A CD  1 
ATOM   139  N NE  . ARG A 1 18  ? -2.699  17.354  -1.027  1.00 36.41 ? 17  ARG A NE  1 
ATOM   140  C CZ  . ARG A 1 18  ? -2.241  17.356  -2.275  1.00 36.21 ? 17  ARG A CZ  1 
ATOM   141  N NH1 . ARG A 1 18  ? -0.999  17.755  -2.522  1.00 36.67 ? 17  ARG A NH1 1 
ATOM   142  N NH2 . ARG A 1 18  ? -3.015  16.955  -3.272  1.00 33.25 ? 17  ARG A NH2 1 
ATOM   143  N N   . LEU A 1 19  ? -3.115  14.085  4.877   1.00 28.00 ? 18  LEU A N   1 
ATOM   144  C CA  . LEU A 1 19  ? -3.026  12.687  5.281   1.00 28.64 ? 18  LEU A CA  1 
ATOM   145  C C   . LEU A 1 19  ? -4.216  11.852  4.841   1.00 23.43 ? 18  LEU A C   1 
ATOM   146  O O   . LEU A 1 19  ? -4.054  10.685  4.482   1.00 26.28 ? 18  LEU A O   1 
ATOM   147  C CB  . LEU A 1 19  ? -2.839  12.560  6.795   1.00 29.51 ? 18  LEU A CB  1 
ATOM   148  C CG  . LEU A 1 19  ? -2.656  11.122  7.295   1.00 31.56 ? 18  LEU A CG  1 
ATOM   149  C CD1 . LEU A 1 19  ? -1.358  10.530  6.803   1.00 30.87 ? 18  LEU A CD1 1 
ATOM   150  C CD2 . LEU A 1 19  ? -2.755  11.015  8.806   1.00 30.65 ? 18  LEU A CD2 1 
ATOM   151  N N   . CYS A 1 20  ? -5.411  12.434  4.878   1.00 24.25 ? 19  CYS A N   1 
ATOM   152  C CA  . CYS A 1 20  ? -6.627  11.672  4.598   1.00 25.39 ? 19  CYS A CA  1 
ATOM   153  C C   . CYS A 1 20  ? -6.792  11.339  3.120   1.00 23.20 ? 19  CYS A C   1 
ATOM   154  O O   . CYS A 1 20  ? -7.330  10.285  2.779   1.00 22.82 ? 19  CYS A O   1 
ATOM   155  C CB  . CYS A 1 20  ? -7.882  12.372  5.138   1.00 25.39 ? 19  CYS A CB  1 
ATOM   156  S SG  . CYS A 1 20  ? -7.893  12.718  6.940   1.00 27.62 ? 19  CYS A SG  1 
ATOM   157  N N   . GLU A 1 21  ? -6.358  12.250  2.243   1.00 25.46 ? 20  GLU A N   1 
ATOM   158  C CA  . GLU A 1 21  ? -6.244  11.950  0.815   1.00 20.30 ? 20  GLU A CA  1 
ATOM   159  C C   . GLU A 1 21  ? -5.296  10.778  0.596   1.00 18.93 ? 20  GLU A C   1 
ATOM   160  O O   . GLU A 1 21  ? -5.619  9.825   -0.109  1.00 23.71 ? 20  GLU A O   1 
ATOM   161  C CB  . GLU A 1 21  ? -5.680  13.152  0.039   1.00 23.14 ? 20  GLU A CB  1 
ATOM   162  C CG  . GLU A 1 21  ? -6.486  14.425  0.118   1.00 30.35 ? 20  GLU A CG  1 
ATOM   163  C CD  . GLU A 1 21  ? -5.717  15.599  -0.486  1.00 28.68 ? 20  GLU A CD  1 
ATOM   164  O OE1 . GLU A 1 21  ? -5.324  15.504  -1.668  1.00 38.60 ? 20  GLU A OE1 1 
ATOM   165  O OE2 . GLU A 1 21  ? -5.485  16.596  0.226   1.00 44.52 ? 20  GLU A OE2 1 
ATOM   166  N N   . ILE A 1 22  ? -4.103  10.890  1.168   1.00 18.49 ? 21  ILE A N   1 
ATOM   167  C CA  . ILE A 1 22  ? -3.118  9.818   1.132   1.00 24.95 ? 21  ILE A CA  1 
ATOM   168  C C   . ILE A 1 22  ? -3.738  8.462   1.546   1.00 25.04 ? 21  ILE A C   1 
ATOM   169  O O   . ILE A 1 22  ? -3.637  7.474   0.822   1.00 24.88 ? 21  ILE A O   1 
ATOM   170  C CB  . ILE A 1 22  ? -1.943  10.173  2.044   1.00 22.95 ? 21  ILE A CB  1 
ATOM   171  C CG1 . ILE A 1 22  ? -1.326  11.507  1.615   1.00 25.39 ? 21  ILE A CG1 1 
ATOM   172  C CG2 . ILE A 1 22  ? -0.895  9.055   2.081   1.00 17.55 ? 21  ILE A CG2 1 
ATOM   173  C CD1 . ILE A 1 22  ? -0.001  11.808  2.296   1.00 24.23 ? 21  ILE A CD1 1 
ATOM   174  N N   . ARG A 1 23  ? -4.397  8.434   2.700   1.00 19.70 ? 22  ARG A N   1 
ATOM   175  C CA  . ARG A 1 23  ? -4.930  7.191   3.258   1.00 17.60 ? 22  ARG A CA  1 
ATOM   176  C C   . ARG A 1 23  ? -6.214  6.728   2.565   1.00 20.25 ? 22  ARG A C   1 
ATOM   177  O O   . ARG A 1 23  ? -6.747  5.661   2.884   1.00 22.38 ? 22  ARG A O   1 
ATOM   178  C CB  . ARG A 1 23  ? -5.130  7.325   4.783   1.00 15.87 ? 22  ARG A CB  1 
ATOM   179  C CG  . ARG A 1 23  ? -3.830  7.487   5.574   1.00 20.70 ? 22  ARG A CG  1 
ATOM   180  C CD  . ARG A 1 23  ? -4.057  7.505   7.102   1.00 20.79 ? 22  ARG A CD  1 
ATOM   181  N NE  . ARG A 1 23  ? -4.655  6.243   7.543   1.00 16.98 ? 22  ARG A NE  1 
ATOM   182  C CZ  . ARG A 1 23  ? -3.972  5.123   7.747   1.00 13.88 ? 22  ARG A CZ  1 
ATOM   183  N NH1 . ARG A 1 23  ? -2.663  5.098   7.583   1.00 12.02 ? 22  ARG A NH1 1 
ATOM   184  N NH2 . ARG A 1 23  ? -4.602  4.023   8.113   1.00 16.11 ? 22  ARG A NH2 1 
ATOM   185  N N   . ARG A 1 24  ? -6.709  7.530   1.617   1.00 16.52 ? 23  ARG A N   1 
ATOM   186  C CA  . ARG A 1 24  ? -7.806  7.124   0.726   1.00 16.43 ? 23  ARG A CA  1 
ATOM   187  C C   . ARG A 1 24  ? -7.260  6.539   -0.579  1.00 12.91 ? 23  ARG A C   1 
ATOM   188  O O   . ARG A 1 24  ? -8.024  6.286   -1.511  1.00 11.99 ? 23  ARG A O   1 
ATOM   189  C CB  . ARG A 1 24  ? -8.713  8.324   0.380   1.00 19.03 ? 23  ARG A CB  1 
ATOM   190  C CG  . ARG A 1 24  ? -9.667  8.739   1.493   1.00 29.32 ? 23  ARG A CG  1 
ATOM   191  C CD  . ARG A 1 24  ? -10.771 9.658   0.977   1.00 25.73 ? 23  ARG A CD  1 
ATOM   192  N NE  . ARG A 1 24  ? -10.262 10.837  0.273   1.00 39.33 ? 23  ARG A NE  1 
ATOM   193  C CZ  . ARG A 1 24  ? -10.078 12.033  0.837   1.00 43.83 ? 23  ARG A CZ  1 
ATOM   194  N NH1 . ARG A 1 24  ? -10.347 12.217  2.125   1.00 40.94 ? 23  ARG A NH1 1 
ATOM   195  N NH2 . ARG A 1 24  ? -9.623  13.047  0.111   1.00 34.84 ? 23  ARG A NH2 1 
ATOM   196  N N   . TYR A 1 25  ? -5.949  6.315   -0.622  1.00 17.64 ? 24  TYR A N   1 
ATOM   197  C CA  . TYR A 1 25  ? -5.249  5.840   -1.827  1.00 19.97 ? 24  TYR A CA  1 
ATOM   198  C C   . TYR A 1 25  ? -5.310  6.861   -2.958  1.00 25.14 ? 24  TYR A C   1 
ATOM   199  O O   . TYR A 1 25  ? -5.131  6.525   -4.138  1.00 25.04 ? 24  TYR A O   1 
ATOM   200  C CB  . TYR A 1 25  ? -5.793  4.496   -2.305  1.00 17.57 ? 24  TYR A CB  1 
ATOM   201  C CG  . TYR A 1 25  ? -5.597  3.369   -1.312  1.00 16.40 ? 24  TYR A CG  1 
ATOM   202  C CD1 . TYR A 1 25  ? -4.430  2.610   -1.315  1.00 18.30 ? 24  TYR A CD1 1 
ATOM   203  C CD2 . TYR A 1 25  ? -6.580  3.065   -0.376  1.00 15.76 ? 24  TYR A CD2 1 
ATOM   204  C CE1 . TYR A 1 25  ? -4.243  1.578   -0.409  1.00 17.87 ? 24  TYR A CE1 1 
ATOM   205  C CE2 . TYR A 1 25  ? -6.402  2.029   0.546   1.00 13.27 ? 24  TYR A CE2 1 
ATOM   206  C CZ  . TYR A 1 25  ? -5.230  1.296   0.519   1.00 12.38 ? 24  TYR A CZ  1 
ATOM   207  O OH  . TYR A 1 25  ? -5.048  0.268   1.414   1.00 13.39 ? 24  TYR A OH  1 
ATOM   208  N N   . GLU A 1 26  ? -5.564  8.114   -2.600  1.00 26.40 ? 25  GLU A N   1 
ATOM   209  C CA  . GLU A 1 26  ? -5.516  9.172   -3.595  1.00 26.32 ? 25  GLU A CA  1 
ATOM   210  C C   . GLU A 1 26  ? -4.094  9.516   -4.014  1.00 22.01 ? 25  GLU A C   1 
ATOM   211  O O   . GLU A 1 26  ? -3.182  9.576   -3.192  1.00 26.34 ? 25  GLU A O   1 
ATOM   212  C CB  . GLU A 1 26  ? -6.339  10.382  -3.162  1.00 25.55 ? 25  GLU A CB  1 
ATOM   213  C CG  . GLU A 1 26  ? -7.836  10.090  -3.244  1.00 24.79 ? 25  GLU A CG  1 
ATOM   214  C CD  . GLU A 1 26  ? -8.679  11.177  -2.621  1.00 34.62 ? 25  GLU A CD  1 
ATOM   215  O OE1 . GLU A 1 26  ? -8.104  12.223  -2.260  1.00 35.42 ? 25  GLU A OE1 1 
ATOM   216  O OE2 . GLU A 1 26  ? -9.911  10.988  -2.507  1.00 32.15 ? 25  GLU A OE2 1 
ATOM   217  N N   . ILE A 1 27  ? -3.905  9.687   -5.315  1.00 27.54 ? 26  ILE A N   1 
ATOM   218  C CA  . ILE A 1 27  ? -2.576  9.855   -5.878  1.00 27.06 ? 26  ILE A CA  1 
ATOM   219  C C   . ILE A 1 27  ? -2.110  11.308  -5.757  1.00 29.90 ? 26  ILE A C   1 
ATOM   220  O O   . ILE A 1 27  ? -2.783  12.233  -6.230  1.00 29.23 ? 26  ILE A O   1 
ATOM   221  C CB  . ILE A 1 27  ? -2.534  9.396   -7.361  1.00 29.81 ? 26  ILE A CB  1 
ATOM   222  C CG1 . ILE A 1 27  ? -2.943  7.924   -7.484  1.00 31.57 ? 26  ILE A CG1 1 
ATOM   223  C CG2 . ILE A 1 27  ? -1.142  9.572   -7.940  1.00 25.74 ? 26  ILE A CG2 1 
ATOM   224  C CD1 . ILE A 1 27  ? -2.402  7.027   -6.372  1.00 28.42 ? 26  ILE A CD1 1 
ATOM   225  N N   . ILE A 1 28  ? -0.975  11.504  -5.094  1.00 28.64 ? 27  ILE A N   1 
ATOM   226  C CA  . ILE A 1 28  ? -0.331  12.813  -5.046  1.00 35.77 ? 27  ILE A CA  1 
ATOM   227  C C   . ILE A 1 28  ? 1.095   12.680  -5.597  1.00 37.26 ? 27  ILE A C   1 
ATOM   228  O O   . ILE A 1 28  ? 1.868   11.840  -5.131  1.00 39.31 ? 27  ILE A O   1 
ATOM   229  C CB  . ILE A 1 28  ? -0.266  13.351  -3.593  1.00 33.33 ? 27  ILE A CB  1 
ATOM   230  C CG1 . ILE A 1 28  ? -1.673  13.491  -3.001  1.00 35.34 ? 27  ILE A CG1 1 
ATOM   231  C CG2 . ILE A 1 28  ? 0.465   14.678  -3.542  1.00 40.26 ? 27  ILE A CG2 1 
ATOM   232  C CD1 . ILE A 1 28  ? -1.676  13.818  -1.521  1.00 34.40 ? 27  ILE A CD1 1 
ATOM   233  N N   . GLU A 1 29  ? 1.438   13.505  -6.585  1.00 39.57 ? 28  GLU A N   1 
ATOM   234  C CA  . GLU A 1 29  ? 2.755   13.426  -7.225  1.00 42.68 ? 28  GLU A CA  1 
ATOM   235  C C   . GLU A 1 29  ? 3.840   14.153  -6.435  1.00 40.94 ? 28  GLU A C   1 
ATOM   236  O O   . GLU A 1 29  ? 3.543   14.972  -5.563  1.00 40.37 ? 28  GLU A O   1 
ATOM   237  C CB  . GLU A 1 29  ? 2.707   13.965  -8.654  1.00 39.35 ? 28  GLU A CB  1 
ATOM   238  C CG  . GLU A 1 29  ? 1.712   13.265  -9.558  1.00 45.66 ? 28  GLU A CG  1 
ATOM   239  C CD  . GLU A 1 29  ? 2.063   11.812  -9.815  1.00 42.65 ? 28  GLU A CD  1 
ATOM   240  O OE1 . GLU A 1 29  ? 3.143   11.363  -9.364  1.00 35.37 ? 28  GLU A OE1 1 
ATOM   241  O OE2 . GLU A 1 29  ? 1.244   11.123  -10.465 1.00 36.47 ? 28  GLU A OE2 1 
ATOM   242  N N   . GLY A 1 30  ? 5.100   13.847  -6.746  1.00 44.11 ? 29  GLY A N   1 
ATOM   243  C CA  . GLY A 1 30  ? 6.232   14.545  -6.148  1.00 37.88 ? 29  GLY A CA  1 
ATOM   244  C C   . GLY A 1 30  ? 7.216   13.627  -5.451  1.00 42.35 ? 29  GLY A C   1 
ATOM   245  O O   . GLY A 1 30  ? 6.876   12.493  -5.093  1.00 41.83 ? 29  GLY A O   1 
ATOM   246  N N   . PRO A 1 31  ? 8.451   14.117  -5.253  1.00 43.68 ? 30  PRO A N   1 
ATOM   247  C CA  . PRO A 1 31  ? 9.565   13.430  -4.583  1.00 42.77 ? 30  PRO A CA  1 
ATOM   248  C C   . PRO A 1 31  ? 9.363   13.347  -3.079  1.00 42.07 ? 30  PRO A C   1 
ATOM   249  O O   . PRO A 1 31  ? 10.013  12.546  -2.394  1.00 39.85 ? 30  PRO A O   1 
ATOM   250  C CB  . PRO A 1 31  ? 10.761  14.334  -4.886  1.00 44.09 ? 30  PRO A CB  1 
ATOM   251  C CG  . PRO A 1 31  ? 10.163  15.696  -5.063  1.00 47.30 ? 30  PRO A CG  1 
ATOM   252  C CD  . PRO A 1 31  ? 8.832   15.459  -5.729  1.00 47.62 ? 30  PRO A CD  1 
ATOM   253  N N   . GLU A 1 32  ? 8.486   14.202  -2.574  1.00 44.58 ? 31  GLU A N   1 
ATOM   254  C CA  . GLU A 1 32  ? 7.941   14.064  -1.229  1.00 40.79 ? 31  GLU A CA  1 
ATOM   255  C C   . GLU A 1 32  ? 7.182   12.745  -1.126  1.00 36.05 ? 31  GLU A C   1 
ATOM   256  O O   . GLU A 1 32  ? 7.516   11.874  -0.323  1.00 38.01 ? 31  GLU A O   1 
ATOM   257  C CB  . GLU A 1 32  ? 6.970   15.217  -0.974  1.00 44.36 ? 31  GLU A CB  1 
ATOM   258  C CG  . GLU A 1 32  ? 7.557   16.594  -1.274  1.00 51.36 ? 31  GLU A CG  1 
ATOM   259  C CD  . GLU A 1 32  ? 8.586   17.002  -0.245  1.00 61.14 ? 31  GLU A CD  1 
ATOM   260  O OE1 . GLU A 1 32  ? 9.608   16.285  -0.117  1.00 49.53 ? 31  GLU A OE1 1 
ATOM   261  O OE2 . GLU A 1 32  ? 8.366   18.025  0.446   1.00 57.39 ? 31  GLU A OE2 1 
ATOM   262  N N   . MET A 1 33  ? 6.156   12.619  -1.960  1.00 38.89 ? 32  MET A N   1 
ATOM   263  C CA  . MET A 1 33  ? 5.308   11.441  -1.993  1.00 35.26 ? 32  MET A CA  1 
ATOM   264  C C   . MET A 1 33  ? 6.077   10.201  -2.426  1.00 36.30 ? 32  MET A C   1 
ATOM   265  O O   . MET A 1 33  ? 5.726   9.082   -2.036  1.00 31.73 ? 32  MET A O   1 
ATOM   266  C CB  . MET A 1 33  ? 4.106   11.687  -2.907  1.00 38.07 ? 32  MET A CB  1 
ATOM   267  C CG  . MET A 1 33  ? 2.960   12.398  -2.210  1.00 38.06 ? 32  MET A CG  1 
ATOM   268  S SD  . MET A 1 33  ? 2.417   11.458  -0.754  1.00 39.78 ? 32  MET A SD  1 
ATOM   269  C CE  . MET A 1 33  ? 1.325   10.273  -1.535  1.00 29.99 ? 32  MET A CE  1 
ATOM   270  N N   . ASP A 1 34  ? 7.125   10.409  -3.226  1.00 36.85 ? 33  ASP A N   1 
ATOM   271  C CA  . ASP A 1 34  ? 7.978   9.319   -3.711  1.00 32.50 ? 33  ASP A CA  1 
ATOM   272  C C   . ASP A 1 34  ? 8.693   8.648   -2.555  1.00 34.27 ? 33  ASP A C   1 
ATOM   273  O O   . ASP A 1 34  ? 8.817   7.423   -2.514  1.00 34.58 ? 33  ASP A O   1 
ATOM   274  C CB  . ASP A 1 34  ? 9.034   9.837   -4.703  1.00 39.62 ? 33  ASP A CB  1 
ATOM   275  C CG  . ASP A 1 34  ? 8.484   10.061  -6.096  1.00 36.39 ? 33  ASP A CG  1 
ATOM   276  O OD1 . ASP A 1 34  ? 7.357   9.604   -6.397  1.00 45.70 ? 33  ASP A OD1 1 
ATOM   277  O OD2 . ASP A 1 34  ? 9.186   10.709  -6.903  1.00 44.70 ? 33  ASP A OD2 1 
ATOM   278  N N   . LYS A 1 35  ? 9.165   9.457   -1.614  1.00 33.05 ? 34  LYS A N   1 
ATOM   279  C CA  . LYS A 1 35  ? 9.897   8.947   -0.465  1.00 34.62 ? 34  LYS A CA  1 
ATOM   280  C C   . LYS A 1 35  ? 8.974   8.358   0.608   1.00 30.73 ? 34  LYS A C   1 
ATOM   281  O O   . LYS A 1 35  ? 9.328   7.381   1.262   1.00 31.18 ? 34  LYS A O   1 
ATOM   282  C CB  . LYS A 1 35  ? 10.784  10.043  0.134   1.00 36.54 ? 34  LYS A CB  1 
ATOM   283  C CG  . LYS A 1 35  ? 11.639  9.593   1.316   1.00 44.21 ? 34  LYS A CG  1 
ATOM   284  C CD  . LYS A 1 35  ? 12.477  10.759  1.865   1.00 48.12 ? 34  LYS A CD  1 
ATOM   285  C CE  . LYS A 1 35  ? 13.172  10.400  3.173   1.00 62.30 ? 34  LYS A CE  1 
ATOM   286  N NZ  . LYS A 1 35  ? 14.619  10.084  2.980   1.00 60.24 ? 34  LYS A NZ  1 
ATOM   287  N N   . HIS A 1 36  ? 7.799   8.956   0.785   1.00 29.62 ? 35  HIS A N   1 
ATOM   288  C CA  . HIS A 1 36  ? 6.820   8.464   1.758   1.00 31.06 ? 35  HIS A CA  1 
ATOM   289  C C   . HIS A 1 36  ? 6.266   7.091   1.374   1.00 22.53 ? 35  HIS A C   1 
ATOM   290  O O   . HIS A 1 36  ? 6.197   6.185   2.204   1.00 26.43 ? 35  HIS A O   1 
ATOM   291  C CB  . HIS A 1 36  ? 5.658   9.453   1.915   1.00 31.18 ? 35  HIS A CB  1 
ATOM   292  C CG  . HIS A 1 36  ? 4.586   8.975   2.845   1.00 26.87 ? 35  HIS A CG  1 
ATOM   293  N ND1 . HIS A 1 36  ? 4.819   8.727   4.183   1.00 22.44 ? 35  HIS A ND1 1 
ATOM   294  C CD2 . HIS A 1 36  ? 3.278   8.690   2.631   1.00 25.18 ? 35  HIS A CD2 1 
ATOM   295  C CE1 . HIS A 1 36  ? 3.700   8.316   4.752   1.00 17.06 ? 35  HIS A CE1 1 
ATOM   296  N NE2 . HIS A 1 36  ? 2.750   8.284   3.834   1.00 22.89 ? 35  HIS A NE2 1 
ATOM   297  N N   . ILE A 1 37  ? 5.884   6.954   0.112   1.00 26.27 ? 36  ILE A N   1 
ATOM   298  C CA  . ILE A 1 37  ? 5.366   5.702   -0.419  1.00 25.81 ? 36  ILE A CA  1 
ATOM   299  C C   . ILE A 1 37  ? 6.409   4.586   -0.489  1.00 27.23 ? 36  ILE A C   1 
ATOM   300  O O   . ILE A 1 37  ? 6.061   3.411   -0.390  1.00 22.74 ? 36  ILE A O   1 
ATOM   301  C CB  . ILE A 1 37  ? 4.698   5.898   -1.790  1.00 21.53 ? 36  ILE A CB  1 
ATOM   302  C CG1 . ILE A 1 37  ? 3.500   6.827   -1.655  1.00 23.10 ? 36  ILE A CG1 1 
ATOM   303  C CG2 . ILE A 1 37  ? 4.255   4.547   -2.378  1.00 21.93 ? 36  ILE A CG2 1 
ATOM   304  C CD1 . ILE A 1 37  ? 2.540   6.418   -0.575  1.00 21.58 ? 36  ILE A CD1 1 
ATOM   305  N N   . HIS A 1 38  ? 7.685   4.943   -0.642  1.00 26.85 ? 37  HIS A N   1 
ATOM   306  C CA  . HIS A 1 38  ? 8.749   3.954   -0.453  1.00 27.39 ? 37  HIS A CA  1 
ATOM   307  C C   . HIS A 1 38  ? 8.805   3.498   1.003   1.00 30.94 ? 37  HIS A C   1 
ATOM   308  O O   . HIS A 1 38  ? 8.904   2.300   1.302   1.00 31.74 ? 37  HIS A O   1 
ATOM   309  C CB  . HIS A 1 38  ? 10.122  4.492   -0.897  1.00 30.77 ? 37  HIS A CB  1 
ATOM   310  C CG  . HIS A 1 38  ? 11.210  3.464   -0.840  1.00 24.13 ? 37  HIS A CG  1 
ATOM   311  N ND1 . HIS A 1 38  ? 11.929  3.204   0.306   1.00 24.95 ? 37  HIS A ND1 1 
ATOM   312  C CD2 . HIS A 1 38  ? 11.663  2.593   -1.774  1.00 20.37 ? 37  HIS A CD2 1 
ATOM   313  C CE1 . HIS A 1 38  ? 12.793  2.233   0.072   1.00 20.12 ? 37  HIS A CE1 1 
ATOM   314  N NE2 . HIS A 1 38  ? 12.650  1.842   -1.182  1.00 22.02 ? 37  HIS A NE2 1 
ATOM   315  N N   . CYS A 1 39  ? 8.733   4.463   1.913   1.00 29.55 ? 38  CYS A N   1 
ATOM   316  C CA  . CYS A 1 39  ? 8.690   4.151   3.331   1.00 29.64 ? 38  CYS A CA  1 
ATOM   317  C C   . CYS A 1 39  ? 7.543   3.177   3.668   1.00 21.77 ? 38  CYS A C   1 
ATOM   318  O O   . CYS A 1 39  ? 7.769   2.157   4.327   1.00 23.54 ? 38  CYS A O   1 
ATOM   319  C CB  . CYS A 1 39  ? 8.598   5.444   4.153   1.00 28.32 ? 38  CYS A CB  1 
ATOM   320  S SG  . CYS A 1 39  ? 8.848   5.265   5.936   1.00 35.57 ? 38  CYS A SG  1 
ATOM   321  N N   . VAL A 1 40  ? 6.324   3.476   3.218   1.00 25.87 ? 39  VAL A N   1 
ATOM   322  C CA  . VAL A 1 40  ? 5.188   2.601   3.548   1.00 26.33 ? 39  VAL A CA  1 
ATOM   323  C C   . VAL A 1 40  ? 5.187   1.243   2.840   1.00 17.90 ? 39  VAL A C   1 
ATOM   324  O O   . VAL A 1 40  ? 4.931   0.219   3.458   1.00 22.02 ? 39  VAL A O   1 
ATOM   325  C CB  . VAL A 1 40  ? 3.804   3.288   3.475   1.00 25.23 ? 39  VAL A CB  1 
ATOM   326  C CG1 . VAL A 1 40  ? 3.843   4.677   4.083   1.00 22.50 ? 39  VAL A CG1 1 
ATOM   327  C CG2 . VAL A 1 40  ? 3.263   3.297   2.072   1.00 33.88 ? 39  VAL A CG2 1 
ATOM   328  N N   . MET A 1 41  ? 5.479   1.228   1.545   1.00 23.78 ? 40  MET A N   1 
ATOM   329  C CA  . MET A 1 41  ? 5.619   -0.050  0.840   1.00 22.61 ? 40  MET A CA  1 
ATOM   330  C C   . MET A 1 41  ? 6.674   -0.971  1.461   1.00 21.01 ? 40  MET A C   1 
ATOM   331  O O   . MET A 1 41  ? 6.533   -2.199  1.437   1.00 19.40 ? 40  MET A O   1 
ATOM   332  C CB  . MET A 1 41  ? 5.863   0.174   -0.654  1.00 22.54 ? 40  MET A CB  1 
ATOM   333  C CG  . MET A 1 41  ? 4.686   0.848   -1.374  1.00 17.81 ? 40  MET A CG  1 
ATOM   334  S SD  . MET A 1 41  ? 3.194   -0.198  -1.472  1.00 21.26 ? 40  MET A SD  1 
ATOM   335  C CE  . MET A 1 41  ? 3.621   -1.252  -2.875  1.00 24.04 ? 40  MET A CE  1 
ATOM   336  N N   . ARG A 1 42  ? 7.728   -0.383  2.035   1.00 26.08 ? 41  ARG A N   1 
ATOM   337  C CA  . ARG A 1 42  ? 8.744   -1.162  2.763   1.00 26.54 ? 41  ARG A CA  1 
ATOM   338  C C   . ARG A 1 42  ? 8.238   -1.626  4.115   1.00 19.87 ? 41  ARG A C   1 
ATOM   339  O O   . ARG A 1 42  ? 8.525   -2.734  4.547   1.00 25.89 ? 41  ARG A O   1 
ATOM   340  C CB  . ARG A 1 42  ? 10.033  -0.349  2.962   1.00 33.64 ? 41  ARG A CB  1 
ATOM   341  C CG  . ARG A 1 42  ? 10.926  -0.258  1.738   1.00 26.78 ? 41  ARG A CG  1 
ATOM   342  C CD  . ARG A 1 42  ? 11.545  -1.597  1.413   1.00 30.06 ? 41  ARG A CD  1 
ATOM   343  N NE  . ARG A 1 42  ? 12.670  -1.937  2.281   1.00 31.36 ? 41  ARG A NE  1 
ATOM   344  C CZ  . ARG A 1 42  ? 13.167  -3.165  2.400   1.00 32.54 ? 41  ARG A CZ  1 
ATOM   345  N NH1 . ARG A 1 42  ? 12.639  -4.168  1.711   1.00 36.30 ? 41  ARG A NH1 1 
ATOM   346  N NH2 . ARG A 1 42  ? 14.196  -3.399  3.203   1.00 27.23 ? 41  ARG A NH2 1 
ATOM   347  N N   . ALA A 1 43  ? 7.486   -0.765  4.786   1.00 25.04 ? 42  ALA A N   1 
ATOM   348  C CA  . ALA A 1 43  ? 6.915   -1.093  6.093   1.00 19.25 ? 42  ALA A CA  1 
ATOM   349  C C   . ALA A 1 43  ? 5.921   -2.261  5.991   1.00 23.16 ? 42  ALA A C   1 
ATOM   350  O O   . ALA A 1 43  ? 5.816   -3.087  6.909   1.00 21.56 ? 42  ALA A O   1 
ATOM   351  C CB  . ALA A 1 43  ? 6.230   0.141   6.683   1.00 22.08 ? 42  ALA A CB  1 
ATOM   352  N N   . LEU A 1 44  ? 5.195   -2.319  4.875   1.00 17.48 ? 43  LEU A N   1 
ATOM   353  C CA  . LEU A 1 44  ? 4.210   -3.379  4.641   1.00 15.13 ? 43  LEU A CA  1 
ATOM   354  C C   . LEU A 1 44  ? 4.821   -4.541  3.878   1.00 19.84 ? 43  LEU A C   1 
ATOM   355  O O   . LEU A 1 44  ? 4.147   -5.525  3.581   1.00 20.29 ? 43  LEU A O   1 
ATOM   356  C CB  . LEU A 1 44  ? 3.006   -2.836  3.875   1.00 13.26 ? 43  LEU A CB  1 
ATOM   357  C CG  . LEU A 1 44  ? 2.315   -1.692  4.613   1.00 17.52 ? 43  LEU A CG  1 
ATOM   358  C CD1 . LEU A 1 44  ? 1.225   -1.028  3.802   1.00 24.08 ? 43  LEU A CD1 1 
ATOM   359  C CD2 . LEU A 1 44  ? 1.795   -2.160  5.972   1.00 14.69 ? 43  LEU A CD2 1 
ATOM   360  N N   . ASP A 1 45  ? 6.103   -4.415  3.564   1.00 23.64 ? 44  ASP A N   1 
ATOM   361  C CA  . ASP A 1 45  ? 6.875   -5.517  3.023   1.00 23.64 ? 44  ASP A CA  1 
ATOM   362  C C   . ASP A 1 45  ? 6.381   -5.922  1.636   1.00 23.65 ? 44  ASP A C   1 
ATOM   363  O O   . ASP A 1 45  ? 6.265   -7.102  1.344   1.00 23.33 ? 44  ASP A O   1 
ATOM   364  C CB  . ASP A 1 45  ? 6.825   -6.712  3.974   1.00 26.98 ? 44  ASP A CB  1 
ATOM   365  C CG  . ASP A 1 45  ? 7.976   -7.673  3.759   1.00 29.04 ? 44  ASP A CG  1 
ATOM   366  O OD1 . ASP A 1 45  ? 9.000   -7.247  3.181   1.00 35.52 ? 44  ASP A OD1 1 
ATOM   367  O OD2 . ASP A 1 45  ? 7.854   -8.852  4.157   1.00 38.05 ? 44  ASP A OD2 1 
ATOM   368  N N   . PHE A 1 46  ? 6.093   -4.930  0.798   1.00 19.43 ? 45  PHE A N   1 
ATOM   369  C CA  . PHE A 1 46  ? 5.578   -5.162  -0.553  1.00 23.66 ? 45  PHE A CA  1 
ATOM   370  C C   . PHE A 1 46  ? 6.643   -4.918  -1.640  1.00 22.59 ? 45  PHE A C   1 
ATOM   371  O O   . PHE A 1 46  ? 6.456   -5.324  -2.785  1.00 24.44 ? 45  PHE A O   1 
ATOM   372  C CB  . PHE A 1 46  ? 4.361   -4.259  -0.840  1.00 18.83 ? 45  PHE A CB  1 
ATOM   373  C CG  . PHE A 1 46  ? 3.101   -4.629  -0.070  1.00 13.29 ? 45  PHE A CG  1 
ATOM   374  C CD1 . PHE A 1 46  ? 2.850   -5.943  0.301   1.00 16.52 ? 45  PHE A CD1 1 
ATOM   375  C CD2 . PHE A 1 46  ? 2.171   -3.656  0.261   1.00 13.74 ? 45  PHE A CD2 1 
ATOM   376  C CE1 . PHE A 1 46  ? 1.704   -6.281  1.000   1.00 16.24 ? 45  PHE A CE1 1 
ATOM   377  C CE2 . PHE A 1 46  ? 1.005   -3.983  0.966   1.00 10.03 ? 45  PHE A CE2 1 
ATOM   378  C CZ  . PHE A 1 46  ? 0.764   -5.299  1.319   1.00 15.00 ? 45  PHE A CZ  1 
ATOM   379  N N   . VAL A 1 47  ? 7.734   -4.235  -1.280  1.00 24.07 ? 46  VAL A N   1 
ATOM   380  C CA  . VAL A 1 47  ? 8.790   -3.872  -2.232  1.00 24.14 ? 46  VAL A CA  1 
ATOM   381  C C   . VAL A 1 47  ? 10.165  -4.285  -1.713  1.00 29.78 ? 46  VAL A C   1 
ATOM   382  O O   . VAL A 1 47  ? 10.359  -4.450  -0.507  1.00 25.39 ? 46  VAL A O   1 
ATOM   383  C CB  . VAL A 1 47  ? 8.839   -2.356  -2.536  1.00 22.36 ? 46  VAL A CB  1 
ATOM   384  C CG1 . VAL A 1 47  ? 7.605   -1.908  -3.281  1.00 20.10 ? 46  VAL A CG1 1 
ATOM   385  C CG2 . VAL A 1 47  ? 9.062   -1.533  -1.253  1.00 21.20 ? 46  VAL A CG2 1 
ATOM   386  N N   . TYR A 1 48  ? 11.111  -4.464  -2.637  1.00 33.21 ? 47  TYR A N   1 
ATOM   387  C CA  . TYR A 1 48  ? 12.507  -4.703  -2.285  1.00 30.37 ? 47  TYR A CA  1 
ATOM   388  C C   . TYR A 1 48  ? 13.136  -3.383  -1.861  1.00 35.19 ? 47  TYR A C   1 
ATOM   389  O O   . TYR A 1 48  ? 12.530  -2.314  -2.035  1.00 28.60 ? 47  TYR A O   1 
ATOM   390  C CB  . TYR A 1 48  ? 13.274  -5.261  -3.485  1.00 33.49 ? 47  TYR A CB  1 
ATOM   391  C CG  . TYR A 1 48  ? 12.974  -6.707  -3.805  1.00 25.90 ? 47  TYR A CG  1 
ATOM   392  C CD1 . TYR A 1 48  ? 13.704  -7.733  -3.219  1.00 31.45 ? 47  TYR A CD1 1 
ATOM   393  C CD2 . TYR A 1 48  ? 11.960  -7.045  -4.696  1.00 30.97 ? 47  TYR A CD2 1 
ATOM   394  C CE1 . TYR A 1 48  ? 13.437  -9.064  -3.515  1.00 35.24 ? 47  TYR A CE1 1 
ATOM   395  C CE2 . TYR A 1 48  ? 11.680  -8.373  -4.996  1.00 29.90 ? 47  TYR A CE2 1 
ATOM   396  C CZ  . TYR A 1 48  ? 12.426  -9.379  -4.403  1.00 37.12 ? 47  TYR A CZ  1 
ATOM   397  O OH  . TYR A 1 48  ? 12.154  -10.703 -4.696  1.00 42.86 ? 47  TYR A OH  1 
ATOM   398  N N   . GLU A 1 49  ? 14.354  -3.462  -1.317  1.00 36.58 ? 48  GLU A N   1 
ATOM   399  C CA  . GLU A 1 49  ? 15.062  -2.287  -0.800  1.00 39.94 ? 48  GLU A CA  1 
ATOM   400  C C   . GLU A 1 49  ? 15.103  -1.148  -1.807  1.00 35.70 ? 48  GLU A C   1 
ATOM   401  O O   . GLU A 1 49  ? 14.964  0.019   -1.443  1.00 39.23 ? 48  GLU A O   1 
ATOM   402  C CB  . GLU A 1 49  ? 16.483  -2.653  -0.378  1.00 43.19 ? 48  GLU A CB  1 
ATOM   403  C CG  . GLU A 1 49  ? 16.617  -3.105  1.063   1.00 42.45 ? 48  GLU A CG  1 
ATOM   404  C CD  . GLU A 1 49  ? 18.064  -3.398  1.449   1.00 53.38 ? 48  GLU A CD  1 
ATOM   405  O OE1 . GLU A 1 49  ? 18.690  -2.550  2.131   1.00 55.63 ? 48  GLU A OE1 1 
ATOM   406  O OE2 . GLU A 1 49  ? 18.574  -4.475  1.065   1.00 62.21 ? 48  GLU A OE2 1 
ATOM   407  N N   . ASP A 1 50  ? 15.284  -1.497  -3.077  1.00 33.83 ? 49  ASP A N   1 
ATOM   408  C CA  . ASP A 1 50  ? 15.345  -0.516  -4.149  1.00 36.48 ? 49  ASP A CA  1 
ATOM   409  C C   . ASP A 1 50  ? 13.972  -0.075  -4.663  1.00 34.02 ? 49  ASP A C   1 
ATOM   410  O O   . ASP A 1 50  ? 13.890  0.776   -5.540  1.00 30.09 ? 49  ASP A O   1 
ATOM   411  C CB  . ASP A 1 50  ? 16.211  -1.025  -5.307  1.00 38.70 ? 49  ASP A CB  1 
ATOM   412  C CG  . ASP A 1 50  ? 15.545  -2.139  -6.094  1.00 42.05 ? 49  ASP A CG  1 
ATOM   413  O OD1 . ASP A 1 50  ? 14.843  -2.972  -5.483  1.00 50.81 ? 49  ASP A OD1 1 
ATOM   414  O OD2 . ASP A 1 50  ? 15.724  -2.184  -7.331  1.00 51.37 ? 49  ASP A OD2 1 
ATOM   415  N N   . GLY A 1 51  ? 12.898  -0.640  -4.112  1.00 34.44 ? 50  GLY A N   1 
ATOM   416  C CA  . GLY A 1 51  ? 11.549  -0.161  -4.424  1.00 28.50 ? 50  GLY A CA  1 
ATOM   417  C C   . GLY A 1 51  ? 10.797  -1.012  -5.429  1.00 32.13 ? 50  GLY A C   1 
ATOM   418  O O   . GLY A 1 51  ? 9.637   -0.735  -5.753  1.00 32.41 ? 50  GLY A O   1 
ATOM   419  N N   . ARG A 1 52  ? 11.451  -2.055  -5.931  1.00 26.19 ? 51  ARG A N   1 
ATOM   420  C CA  . ARG A 1 52  ? 10.810  -2.940  -6.892  1.00 28.06 ? 51  ARG A CA  1 
ATOM   421  C C   . ARG A 1 52  ? 9.707   -3.758  -6.214  1.00 25.76 ? 51  ARG A C   1 
ATOM   422  O O   . ARG A 1 52  ? 9.941   -4.422  -5.199  1.00 23.39 ? 51  ARG A O   1 
ATOM   423  C CB  . ARG A 1 52  ? 11.842  -3.863  -7.555  1.00 30.63 ? 51  ARG A CB  1 
ATOM   424  C CG  . ARG A 1 52  ? 11.313  -4.665  -8.755  1.00 32.95 ? 51  ARG A CG  1 
ATOM   425  C CD  . ARG A 1 52  ? 12.356  -5.658  -9.260  1.00 31.85 ? 51  ARG A CD  1 
ATOM   426  N NE  . ARG A 1 52  ? 13.415  -5.895  -8.278  1.00 43.39 ? 51  ARG A NE  1 
ATOM   427  C CZ  . ARG A 1 52  ? 13.680  -7.073  -7.717  1.00 51.16 ? 51  ARG A CZ  1 
ATOM   428  N NH1 . ARG A 1 52  ? 12.966  -8.148  -8.033  1.00 52.57 ? 51  ARG A NH1 1 
ATOM   429  N NH2 . ARG A 1 52  ? 14.666  -7.177  -6.835  1.00 56.08 ? 51  ARG A NH2 1 
ATOM   430  N N   . GLY A 1 53  ? 8.508   -3.709  -6.779  1.00 22.91 ? 52  GLY A N   1 
ATOM   431  C CA  . GLY A 1 53  ? 7.420   -4.567  -6.306  1.00 22.61 ? 52  GLY A CA  1 
ATOM   432  C C   . GLY A 1 53  ? 7.882   -6.006  -6.179  1.00 23.25 ? 52  GLY A C   1 
ATOM   433  O O   . GLY A 1 53  ? 8.562   -6.509  -7.063  1.00 24.95 ? 52  GLY A O   1 
ATOM   434  N N   . ASP A 1 54  ? 7.524   -6.660  -5.076  1.00 22.94 ? 53  ASP A N   1 
ATOM   435  C CA  . ASP A 1 54  ? 7.766   -8.091  -4.900  1.00 22.04 ? 53  ASP A CA  1 
ATOM   436  C C   . ASP A 1 54  ? 6.533   -8.883  -5.316  1.00 22.26 ? 53  ASP A C   1 
ATOM   437  O O   . ASP A 1 54  ? 5.526   -8.902  -4.611  1.00 20.81 ? 53  ASP A O   1 
ATOM   438  C CB  . ASP A 1 54  ? 8.119   -8.404  -3.447  1.00 26.39 ? 53  ASP A CB  1 
ATOM   439  C CG  . ASP A 1 54  ? 8.661   -9.820  -3.258  1.00 34.74 ? 53  ASP A CG  1 
ATOM   440  O OD1 . ASP A 1 54  ? 8.285   -10.724 -4.028  1.00 31.06 ? 53  ASP A OD1 1 
ATOM   441  O OD2 . ASP A 1 54  ? 9.467   -10.031 -2.328  1.00 29.18 ? 53  ASP A OD2 1 
ATOM   442  N N   . TYR A 1 55  ? 6.622   -9.520  -6.483  1.00 20.11 ? 54  TYR A N   1 
ATOM   443  C CA  . TYR A 1 55  ? 5.568   -10.364 -7.021  1.00 14.51 ? 54  TYR A CA  1 
ATOM   444  C C   . TYR A 1 55  ? 5.028   -11.334 -5.987  1.00 19.83 ? 54  TYR A C   1 
ATOM   445  O O   . TYR A 1 55  ? 3.811   -11.475 -5.828  1.00 20.28 ? 54  TYR A O   1 
ATOM   446  C CB  . TYR A 1 55  ? 6.112   -11.136 -8.231  1.00 16.14 ? 54  TYR A CB  1 
ATOM   447  C CG  . TYR A 1 55  ? 5.097   -11.959 -8.981  1.00 10.62 ? 54  TYR A CG  1 
ATOM   448  C CD1 . TYR A 1 55  ? 4.584   -11.519 -10.196 1.00 14.61 ? 54  TYR A CD1 1 
ATOM   449  C CD2 . TYR A 1 55  ? 4.667   -13.185 -8.491  1.00 16.23 ? 54  TYR A CD2 1 
ATOM   450  C CE1 . TYR A 1 55  ? 3.657   -12.254 -10.891 1.00 17.61 ? 54  TYR A CE1 1 
ATOM   451  C CE2 . TYR A 1 55  ? 3.734   -13.941 -9.193  1.00 15.69 ? 54  TYR A CE2 1 
ATOM   452  C CZ  . TYR A 1 55  ? 3.238   -13.464 -10.392 1.00 18.75 ? 54  TYR A CZ  1 
ATOM   453  O OH  . TYR A 1 55  ? 2.311   -14.206 -11.095 1.00 24.14 ? 54  TYR A OH  1 
ATOM   454  N N   . HIS A 1 56  ? 5.929   -12.010 -5.275  1.00 16.56 ? 55  HIS A N   1 
ATOM   455  C CA  . HIS A 1 56  ? 5.518   -13.105 -4.411  1.00 17.69 ? 55  HIS A CA  1 
ATOM   456  C C   . HIS A 1 56  ? 4.942   -12.658 -3.060  1.00 19.92 ? 55  HIS A C   1 
ATOM   457  O O   . HIS A 1 56  ? 4.278   -13.434 -2.382  1.00 24.76 ? 55  HIS A O   1 
ATOM   458  C CB  . HIS A 1 56  ? 6.646   -14.135 -4.252  1.00 19.09 ? 55  HIS A CB  1 
ATOM   459  C CG  . HIS A 1 56  ? 7.225   -14.583 -5.560  1.00 17.31 ? 55  HIS A CG  1 
ATOM   460  N ND1 . HIS A 1 56  ? 6.640   -15.562 -6.335  1.00 20.79 ? 55  HIS A ND1 1 
ATOM   461  C CD2 . HIS A 1 56  ? 8.311   -14.156 -6.247  1.00 26.12 ? 55  HIS A CD2 1 
ATOM   462  C CE1 . HIS A 1 56  ? 7.346   -15.723 -7.439  1.00 15.39 ? 55  HIS A CE1 1 
ATOM   463  N NE2 . HIS A 1 56  ? 8.370   -14.887 -7.409  1.00 22.95 ? 55  HIS A NE2 1 
ATOM   464  N N   . LYS A 1 57  ? 5.155   -11.398 -2.703  1.00 18.32 ? 56  LYS A N   1 
ATOM   465  C CA  . LYS A 1 57  ? 4.445   -10.801 -1.560  1.00 21.37 ? 56  LYS A CA  1 
ATOM   466  C C   . LYS A 1 57  ? 2.965   -10.452 -1.819  1.00 22.20 ? 56  LYS A C   1 
ATOM   467  O O   . LYS A 1 57  ? 2.187   -10.269 -0.870  1.00 20.29 ? 56  LYS A O   1 
ATOM   468  C CB  . LYS A 1 57  ? 5.192   -9.560  -1.059  1.00 22.87 ? 56  LYS A CB  1 
ATOM   469  C CG  . LYS A 1 57  ? 6.596   -9.834  -0.596  1.00 23.74 ? 56  LYS A CG  1 
ATOM   470  C CD  . LYS A 1 57  ? 6.609   -10.617 0.717   1.00 36.00 ? 56  LYS A CD  1 
ATOM   471  C CE  . LYS A 1 57  ? 8.033   -11.004 1.084   1.00 43.44 ? 56  LYS A CE  1 
ATOM   472  N NZ  . LYS A 1 57  ? 8.328   -10.903 2.538   1.00 43.93 ? 56  LYS A NZ  1 
ATOM   473  N N   . LEU A 1 58  ? 2.575   -10.368 -3.087  1.00 17.00 ? 57  LEU A N   1 
ATOM   474  C CA  . LEU A 1 58  ? 1.221   -9.916  -3.446  1.00 17.40 ? 57  LEU A CA  1 
ATOM   475  C C   . LEU A 1 58  ? 0.362   -10.951 -4.181  1.00 15.70 ? 57  LEU A C   1 
ATOM   476  O O   . LEU A 1 58  ? -0.861  -10.980 -4.039  1.00 15.52 ? 57  LEU A O   1 
ATOM   477  C CB  . LEU A 1 58  ? 1.303   -8.622  -4.264  1.00 18.45 ? 57  LEU A CB  1 
ATOM   478  C CG  . LEU A 1 58  ? 1.672   -7.368  -3.460  1.00 16.52 ? 57  LEU A CG  1 
ATOM   479  C CD1 . LEU A 1 58  ? 2.048   -6.242  -4.401  1.00 12.48 ? 57  LEU A CD1 1 
ATOM   480  C CD2 . LEU A 1 58  ? 0.535   -6.948  -2.518  1.00 16.48 ? 57  LEU A CD2 1 
ATOM   481  N N   . TYR A 1 59  ? 1.004   -11.806 -4.970  1.00 16.25 ? 58  TYR A N   1 
ATOM   482  C CA  . TYR A 1 59  ? 0.281   -12.778 -5.778  1.00 18.10 ? 58  TYR A CA  1 
ATOM   483  C C   . TYR A 1 59  ? -0.726  -13.644 -5.006  1.00 18.09 ? 58  TYR A C   1 
ATOM   484  O O   . TYR A 1 59  ? -1.917  -13.683 -5.331  1.00 17.87 ? 58  TYR A O   1 
ATOM   485  C CB  . TYR A 1 59  ? 1.263   -13.638 -6.582  1.00 19.17 ? 58  TYR A CB  1 
ATOM   486  C CG  . TYR A 1 59  ? 0.580   -14.633 -7.475  1.00 16.11 ? 58  TYR A CG  1 
ATOM   487  C CD1 . TYR A 1 59  ? 0.366   -15.932 -7.049  1.00 20.44 ? 58  TYR A CD1 1 
ATOM   488  C CD2 . TYR A 1 59  ? 0.125   -14.272 -8.743  1.00 18.22 ? 58  TYR A CD2 1 
ATOM   489  C CE1 . TYR A 1 59  ? -0.269  -16.856 -7.863  1.00 23.56 ? 58  TYR A CE1 1 
ATOM   490  C CE2 . TYR A 1 59  ? -0.525  -15.196 -9.566  1.00 20.64 ? 58  TYR A CE2 1 
ATOM   491  C CZ  . TYR A 1 59  ? -0.712  -16.485 -9.116  1.00 22.73 ? 58  TYR A CZ  1 
ATOM   492  O OH  . TYR A 1 59  ? -1.343  -17.418 -9.908  1.00 23.25 ? 58  TYR A OH  1 
ATOM   493  N N   . ASP A 1 60  ? -0.259  -14.347 -3.984  1.00 19.51 ? 59  ASP A N   1 
ATOM   494  C CA  . ASP A 1 60  ? -1.141  -15.250 -3.244  1.00 19.24 ? 59  ASP A CA  1 
ATOM   495  C C   . ASP A 1 60  ? -2.189  -14.467 -2.430  1.00 13.95 ? 59  ASP A C   1 
ATOM   496  O O   . ASP A 1 60  ? -3.370  -14.781 -2.466  1.00 16.22 ? 59  ASP A O   1 
ATOM   497  C CB  . ASP A 1 60  ? -0.316  -16.169 -2.322  1.00 23.88 ? 59  ASP A CB  1 
ATOM   498  C CG  . ASP A 1 60  ? 0.253   -17.393 -3.054  1.00 33.00 ? 59  ASP A CG  1 
ATOM   499  O OD1 . ASP A 1 60  ? -0.205  -17.706 -4.177  1.00 26.20 ? 59  ASP A OD1 1 
ATOM   500  O OD2 . ASP A 1 60  ? 1.157   -18.052 -2.493  1.00 35.26 ? 59  ASP A OD2 1 
ATOM   501  N N   . PRO A 1 61  ? -1.744  -13.460 -1.670  1.00 14.91 ? 60  PRO A N   1 
ATOM   502  C CA  . PRO A 1 61  ? -2.661  -12.570 -0.926  1.00 19.40 ? 60  PRO A CA  1 
ATOM   503  C C   . PRO A 1 61  ? -3.791  -11.965 -1.777  1.00 18.72 ? 60  PRO A C   1 
ATOM   504  O O   . PRO A 1 61  ? -4.950  -12.002 -1.366  1.00 20.11 ? 60  PRO A O   1 
ATOM   505  C CB  . PRO A 1 61  ? -1.725  -11.490 -0.371  1.00 17.36 ? 60  PRO A CB  1 
ATOM   506  C CG  . PRO A 1 61  ? -0.416  -12.213 -0.198  1.00 23.04 ? 60  PRO A CG  1 
ATOM   507  C CD  . PRO A 1 61  ? -0.330  -13.145 -1.399  1.00 15.89 ? 60  PRO A CD  1 
ATOM   508  N N   . LEU A 1 62  ? -3.454  -11.438 -2.950  1.00 17.53 ? 61  LEU A N   1 
ATOM   509  C CA  . LEU A 1 62  ? -4.457  -10.955 -3.902  1.00 17.87 ? 61  LEU A CA  1 
ATOM   510  C C   . LEU A 1 62  ? -5.403  -12.049 -4.344  1.00 15.50 ? 61  LEU A C   1 
ATOM   511  O O   . LEU A 1 62  ? -6.613  -11.871 -4.329  1.00 14.98 ? 61  LEU A O   1 
ATOM   512  C CB  . LEU A 1 62  ? -3.795  -10.321 -5.132  1.00 16.99 ? 61  LEU A CB  1 
ATOM   513  C CG  . LEU A 1 62  ? -2.985  -9.041  -4.918  1.00 11.40 ? 61  LEU A CG  1 
ATOM   514  C CD1 . LEU A 1 62  ? -2.228  -8.695  -6.186  1.00 10.65 ? 61  LEU A CD1 1 
ATOM   515  C CD2 . LEU A 1 62  ? -3.865  -7.849  -4.473  1.00 16.15 ? 61  LEU A CD2 1 
ATOM   516  N N   . ASN A 1 63  ? -4.856  -13.195 -4.741  1.00 17.71 ? 62  ASN A N   1 
ATOM   517  C CA  . ASN A 1 63  ? -5.689  -14.290 -5.215  1.00 14.07 ? 62  ASN A CA  1 
ATOM   518  C C   . ASN A 1 63  ? -6.581  -14.947 -4.182  1.00 14.91 ? 62  ASN A C   1 
ATOM   519  O O   . ASN A 1 63  ? -7.655  -15.431 -4.515  1.00 17.21 ? 62  ASN A O   1 
ATOM   520  C CB  . ASN A 1 63  ? -4.864  -15.344 -5.953  1.00 13.29 ? 62  ASN A CB  1 
ATOM   521  C CG  . ASN A 1 63  ? -4.569  -14.931 -7.358  1.00 14.25 ? 62  ASN A CG  1 
ATOM   522  O OD1 . ASN A 1 63  ? -5.446  -14.981 -8.217  1.00 20.10 ? 62  ASN A OD1 1 
ATOM   523  N ND2 . ASN A 1 63  ? -3.345  -14.480 -7.602  1.00 16.18 ? 62  ASN A ND2 1 
ATOM   524  N N   . ILE A 1 64  ? -6.129  -14.981 -2.937  1.00 18.70 ? 63  ILE A N   1 
ATOM   525  C CA  . ILE A 1 64  ? -6.970  -15.475 -1.858  1.00 19.45 ? 63  ILE A CA  1 
ATOM   526  C C   . ILE A 1 64  ? -8.222  -14.625 -1.688  1.00 23.99 ? 63  ILE A C   1 
ATOM   527  O O   . ILE A 1 64  ? -9.314  -15.128 -1.413  1.00 27.84 ? 63  ILE A O   1 
ATOM   528  C CB  . ILE A 1 64  ? -6.201  -15.548 -0.536  1.00 23.34 ? 63  ILE A CB  1 
ATOM   529  C CG1 . ILE A 1 64  ? -5.176  -16.683 -0.600  1.00 21.50 ? 63  ILE A CG1 1 
ATOM   530  C CG2 . ILE A 1 64  ? -7.166  -15.779 0.626   1.00 23.05 ? 63  ILE A CG2 1 
ATOM   531  C CD1 . ILE A 1 64  ? -4.080  -16.602 0.455   1.00 33.86 ? 63  ILE A CD1 1 
ATOM   532  N N   . ILE A 1 65  ? -8.067  -13.322 -1.846  1.00 24.96 ? 64  ILE A N   1 
ATOM   533  C CA  . ILE A 1 65  ? -9.202  -12.438 -1.679  1.00 24.40 ? 64  ILE A CA  1 
ATOM   534  C C   . ILE A 1 65  ? -10.068 -12.404 -2.923  1.00 23.26 ? 64  ILE A C   1 
ATOM   535  O O   . ILE A 1 65  ? -11.285 -12.488 -2.839  1.00 28.03 ? 64  ILE A O   1 
ATOM   536  C CB  . ILE A 1 65  ? -8.755  -11.035 -1.283  1.00 22.27 ? 64  ILE A CB  1 
ATOM   537  C CG1 . ILE A 1 65  ? -8.148  -11.088 0.127   1.00 23.21 ? 64  ILE A CG1 1 
ATOM   538  C CG2 . ILE A 1 65  ? -9.920  -10.065 -1.394  1.00 24.32 ? 64  ILE A CG2 1 
ATOM   539  C CD1 . ILE A 1 65  ? -7.606  -9.776  0.630   1.00 22.32 ? 64  ILE A CD1 1 
ATOM   540  N N   . GLU A 1 66  ? -9.430  -12.310 -4.084  1.00 24.88 ? 65  GLU A N   1 
ATOM   541  C CA  . GLU A 1 66  ? -10.152 -12.235 -5.338  1.00 23.35 ? 65  GLU A CA  1 
ATOM   542  C C   . GLU A 1 66  ? -9.421  -13.079 -6.385  1.00 20.03 ? 65  GLU A C   1 
ATOM   543  O O   . GLU A 1 66  ? -8.486  -12.610 -7.028  1.00 19.31 ? 65  GLU A O   1 
ATOM   544  C CB  . GLU A 1 66  ? -10.275 -10.768 -5.790  1.00 20.03 ? 65  GLU A CB  1 
ATOM   545  C CG  . GLU A 1 66  ? -11.272 -10.540 -6.930  1.00 28.11 ? 65  GLU A CG  1 
ATOM   546  C CD  . GLU A 1 66  ? -10.956 -9.304  -7.772  1.00 38.39 ? 65  GLU A CD  1 
ATOM   547  O OE1 . GLU A 1 66  ? -9.854  -8.740  -7.627  1.00 40.30 ? 65  GLU A OE1 1 
ATOM   548  O OE2 . GLU A 1 66  ? -11.812 -8.887  -8.584  1.00 47.58 ? 65  GLU A OE2 1 
ATOM   549  N N   . LEU A 1 67  ? -9.847  -14.328 -6.549  1.00 23.72 ? 66  LEU A N   1 
ATOM   550  C CA  . LEU A 1 67  ? -9.175  -15.240 -7.475  1.00 23.77 ? 66  LEU A CA  1 
ATOM   551  C C   . LEU A 1 67  ? -9.340  -14.802 -8.921  1.00 21.56 ? 66  LEU A C   1 
ATOM   552  O O   . LEU A 1 67  ? -10.438 -14.832 -9.457  1.00 24.96 ? 66  LEU A O   1 
ATOM   553  C CB  . LEU A 1 67  ? -9.695  -16.668 -7.318  1.00 24.33 ? 66  LEU A CB  1 
ATOM   554  C CG  . LEU A 1 67  ? -8.963  -17.693 -8.193  1.00 27.57 ? 66  LEU A CG  1 
ATOM   555  C CD1 . LEU A 1 67  ? -7.551  -17.998 -7.661  1.00 24.72 ? 66  LEU A CD1 1 
ATOM   556  C CD2 . LEU A 1 67  ? -9.782  -18.965 -8.321  1.00 28.53 ? 66  LEU A CD2 1 
ATOM   557  N N   . ASP A 1 68  ? -8.244  -14.417 -9.563  1.00 25.10 ? 67  ASP A N   1 
ATOM   558  C CA  . ASP A 1 68  ? -8.329  -13.663 -10.815 1.00 24.11 ? 67  ASP A CA  1 
ATOM   559  C C   . ASP A 1 68  ? -6.994  -13.699 -11.528 1.00 24.97 ? 67  ASP A C   1 
ATOM   560  O O   . ASP A 1 68  ? -5.973  -13.252 -10.990 1.00 21.91 ? 67  ASP A O   1 
ATOM   561  C CB  . ASP A 1 68  ? -8.696  -12.206 -10.519 1.00 24.00 ? 67  ASP A CB  1 
ATOM   562  C CG  . ASP A 1 68  ? -9.240  -11.463 -11.738 1.00 34.27 ? 67  ASP A CG  1 
ATOM   563  O OD1 . ASP A 1 68  ? -8.845  -11.782 -12.883 1.00 23.44 ? 67  ASP A OD1 1 
ATOM   564  O OD2 . ASP A 1 68  ? -10.059 -10.537 -11.538 1.00 48.02 ? 67  ASP A OD2 1 
ATOM   565  N N   . LYS A 1 69  ? -7.015  -14.225 -12.746 1.00 21.26 ? 68  LYS A N   1 
ATOM   566  C CA  . LYS A 1 69  ? -5.830  -14.333 -13.574 1.00 21.55 ? 68  LYS A CA  1 
ATOM   567  C C   . LYS A 1 69  ? -5.174  -12.970 -13.778 1.00 19.83 ? 68  LYS A C   1 
ATOM   568  O O   . LYS A 1 69  ? -3.997  -12.877 -14.103 1.00 18.21 ? 68  LYS A O   1 
ATOM   569  C CB  . LYS A 1 69  ? -6.207  -14.939 -14.930 1.00 25.55 ? 68  LYS A CB  1 
ATOM   570  C CG  . LYS A 1 69  ? -6.714  -13.907 -15.953 1.00 32.43 ? 68  LYS A CG  1 
ATOM   571  C CD  . LYS A 1 69  ? -7.239  -14.582 -17.222 1.00 34.73 ? 68  LYS A CD  1 
ATOM   572  C CE  . LYS A 1 69  ? -8.054  -13.599 -18.057 1.00 47.44 ? 68  LYS A CE  1 
ATOM   573  N NZ  . LYS A 1 69  ? -9.059  -14.290 -18.916 1.00 49.39 ? 68  LYS A NZ  1 
ATOM   574  N N   . ARG A 1 70  ? -5.937  -11.904 -13.579 1.00 20.08 ? 69  ARG A N   1 
ATOM   575  C CA  . ARG A 1 70  ? -5.440  -10.576 -13.869 1.00 18.64 ? 69  ARG A CA  1 
ATOM   576  C C   . ARG A 1 70  ? -4.380  -10.086 -12.889 1.00 11.92 ? 69  ARG A C   1 
ATOM   577  O O   . ARG A 1 70  ? -3.595  -9.195  -13.218 1.00 19.31 ? 69  ARG A O   1 
ATOM   578  C CB  . ARG A 1 70  ? -6.599  -9.578  -13.965 1.00 27.33 ? 69  ARG A CB  1 
ATOM   579  C CG  . ARG A 1 70  ? -7.282  -9.563  -15.333 1.00 40.92 ? 69  ARG A CG  1 
ATOM   580  C CD  . ARG A 1 70  ? -8.458  -8.597  -15.342 1.00 44.94 ? 69  ARG A CD  1 
ATOM   581  N NE  . ARG A 1 70  ? -9.465  -9.007  -14.371 1.00 42.79 ? 69  ARG A NE  1 
ATOM   582  C CZ  . ARG A 1 70  ? -10.723 -8.586  -14.368 1.00 44.66 ? 69  ARG A CZ  1 
ATOM   583  N NH1 . ARG A 1 70  ? -11.145 -7.721  -15.289 1.00 32.49 ? 69  ARG A NH1 1 
ATOM   584  N NH2 . ARG A 1 70  ? -11.557 -9.043  -13.447 1.00 30.76 ? 69  ARG A NH2 1 
ATOM   585  N N   . HIS A 1 71  ? -4.349  -10.644 -11.684 1.00 16.64 ? 70  HIS A N   1 
ATOM   586  C CA  . HIS A 1 71  ? -3.328  -10.221 -10.708 1.00 15.67 ? 70  HIS A CA  1 
ATOM   587  C C   . HIS A 1 71  ? -1.919  -10.504 -11.241 1.00 14.42 ? 70  HIS A C   1 
ATOM   588  O O   . HIS A 1 71  ? -1.048  -9.644  -11.198 1.00 13.16 ? 70  HIS A O   1 
ATOM   589  C CB  . HIS A 1 71  ? -3.558  -10.896 -9.346  1.00 13.64 ? 70  HIS A CB  1 
ATOM   590  C CG  . HIS A 1 71  ? -4.889  -10.573 -8.738  1.00 17.78 ? 70  HIS A CG  1 
ATOM   591  N ND1 . HIS A 1 71  ? -5.357  -9.280  -8.619  1.00 15.44 ? 70  HIS A ND1 1 
ATOM   592  C CD2 . HIS A 1 71  ? -5.862  -11.375 -8.236  1.00 17.71 ? 70  HIS A CD2 1 
ATOM   593  C CE1 . HIS A 1 71  ? -6.555  -9.299  -8.058  1.00 8.72  ? 70  HIS A CE1 1 
ATOM   594  N NE2 . HIS A 1 71  ? -6.892  -10.559 -7.833  1.00 14.94 ? 70  HIS A NE2 1 
ATOM   595  N N   . ASP A 1 72  ? -1.710  -11.714 -11.755 1.00 18.62 ? 71  ASP A N   1 
ATOM   596  C CA  . ASP A 1 72  ? -0.452  -12.041 -12.443 1.00 18.35 ? 71  ASP A CA  1 
ATOM   597  C C   . ASP A 1 72  ? -0.112  -10.990 -13.488 1.00 16.28 ? 71  ASP A C   1 
ATOM   598  O O   . ASP A 1 72  ? 0.993   -10.430 -13.510 1.00 18.17 ? 71  ASP A O   1 
ATOM   599  C CB  . ASP A 1 72  ? -0.563  -13.416 -13.105 1.00 19.05 ? 71  ASP A CB  1 
ATOM   600  C CG  . ASP A 1 72  ? 0.607   -13.717 -14.041 1.00 24.69 ? 71  ASP A CG  1 
ATOM   601  O OD1 . ASP A 1 72  ? 1.750   -13.777 -13.562 1.00 20.33 ? 71  ASP A OD1 1 
ATOM   602  O OD2 . ASP A 1 72  ? 0.382   -13.891 -15.259 1.00 25.41 ? 71  ASP A OD2 1 
ATOM   603  N N   . VAL A 1 73  ? -1.064  -10.722 -14.370 1.00 18.91 ? 72  VAL A N   1 
ATOM   604  C CA  . VAL A 1 73  ? -0.811  -9.817  -15.480 1.00 17.97 ? 72  VAL A CA  1 
ATOM   605  C C   . VAL A 1 73  ? -0.446  -8.427  -14.968 1.00 12.27 ? 72  VAL A C   1 
ATOM   606  O O   . VAL A 1 73  ? 0.510   -7.806  -15.445 1.00 20.25 ? 72  VAL A O   1 
ATOM   607  C CB  . VAL A 1 73  ? -2.047  -9.732  -16.420 1.00 19.70 ? 72  VAL A CB  1 
ATOM   608  C CG1 . VAL A 1 73  ? -1.792  -8.743  -17.546 1.00 25.60 ? 72  VAL A CG1 1 
ATOM   609  C CG2 . VAL A 1 73  ? -2.392  -11.091 -16.976 1.00 20.72 ? 72  VAL A CG2 1 
ATOM   610  N N   . ASN A 1 74  ? -1.210  -7.925  -13.996 1.00 14.97 ? 73  ASN A N   1 
ATOM   611  C CA  . ASN A 1 74  ? -1.005  -6.556  -13.489 1.00 18.16 ? 73  ASN A CA  1 
ATOM   612  C C   . ASN A 1 74  ? 0.285   -6.418  -12.702 1.00 7.83  ? 73  ASN A C   1 
ATOM   613  O O   . ASN A 1 74  ? 0.991   -5.425  -12.812 1.00 14.96 ? 73  ASN A O   1 
ATOM   614  C CB  . ASN A 1 74  ? -2.200  -6.115  -12.635 1.00 17.56 ? 73  ASN A CB  1 
ATOM   615  C CG  . ASN A 1 74  ? -3.487  -6.057  -13.429 1.00 19.98 ? 73  ASN A CG  1 
ATOM   616  O OD1 . ASN A 1 74  ? -3.470  -5.848  -14.644 1.00 30.31 ? 73  ASN A OD1 1 
ATOM   617  N ND2 . ASN A 1 74  ? -4.608  -6.253  -12.758 1.00 14.50 ? 73  ASN A ND2 1 
ATOM   618  N N   . LEU A 1 75  ? 0.599   -7.439  -11.915 1.00 13.70 ? 74  LEU A N   1 
ATOM   619  C CA  . LEU A 1 75  ? 1.878   -7.490  -11.208 1.00 14.08 ? 74  LEU A CA  1 
ATOM   620  C C   . LEU A 1 75  ? 3.054   -7.435  -12.168 1.00 15.86 ? 74  LEU A C   1 
ATOM   621  O O   . LEU A 1 75  ? 3.992   -6.664  -11.954 1.00 16.37 ? 74  LEU A O   1 
ATOM   622  C CB  . LEU A 1 75  ? 1.964   -8.757  -10.335 1.00 21.91 ? 74  LEU A CB  1 
ATOM   623  C CG  . LEU A 1 75  ? 1.193   -8.731  -9.009  1.00 17.00 ? 74  LEU A CG  1 
ATOM   624  C CD1 . LEU A 1 75  ? 1.157   -10.104 -8.336  1.00 14.57 ? 74  LEU A CD1 1 
ATOM   625  C CD2 . LEU A 1 75  ? 1.802   -7.700  -8.083  1.00 6.14  ? 74  LEU A CD2 1 
ATOM   626  N N   . GLU A 1 76  ? 3.015   -8.251  -13.226 1.00 17.17 ? 75  GLU A N   1 
ATOM   627  C CA  . GLU A 1 76  ? 4.122   -8.266  -14.193 1.00 16.15 ? 75  GLU A CA  1 
ATOM   628  C C   . GLU A 1 76  ? 4.230   -6.909  -14.869 1.00 17.64 ? 75  GLU A C   1 
ATOM   629  O O   . GLU A 1 76  ? 5.320   -6.377  -15.048 1.00 25.52 ? 75  GLU A O   1 
ATOM   630  C CB  . GLU A 1 76  ? 3.926   -9.363  -15.252 1.00 18.47 ? 75  GLU A CB  1 
ATOM   631  C CG  . GLU A 1 76  ? 3.985   -10.769 -14.703 1.00 21.00 ? 75  GLU A CG  1 
ATOM   632  C CD  . GLU A 1 76  ? 5.404   -11.240 -14.394 1.00 27.19 ? 75  GLU A CD  1 
ATOM   633  O OE1 . GLU A 1 76  ? 6.312   -10.389 -14.274 1.00 20.37 ? 75  GLU A OE1 1 
ATOM   634  O OE2 . GLU A 1 76  ? 5.609   -12.470 -14.260 1.00 21.06 ? 75  GLU A OE2 1 
ATOM   635  N N   . LYS A 1 77  ? 3.088   -6.334  -15.228 1.00 22.47 ? 76  LYS A N   1 
ATOM   636  C CA  . LYS A 1 77  ? 3.091   -5.038  -15.894 1.00 20.31 ? 76  LYS A CA  1 
ATOM   637  C C   . LYS A 1 77  ? 3.674   -3.956  -15.007 1.00 21.59 ? 76  LYS A C   1 
ATOM   638  O O   . LYS A 1 77  ? 4.540   -3.190  -15.434 1.00 18.74 ? 76  LYS A O   1 
ATOM   639  C CB  . LYS A 1 77  ? 1.680   -4.645  -16.338 1.00 23.55 ? 76  LYS A CB  1 
ATOM   640  C CG  . LYS A 1 77  ? 1.620   -3.257  -16.971 1.00 29.92 ? 76  LYS A CG  1 
ATOM   641  C CD  . LYS A 1 77  ? 0.265   -2.606  -16.753 1.00 54.61 ? 76  LYS A CD  1 
ATOM   642  C CE  . LYS A 1 77  ? 0.199   -1.241  -17.415 1.00 52.38 ? 76  LYS A CE  1 
ATOM   643  N NZ  . LYS A 1 77  ? -1.212  -0.874  -17.725 1.00 64.66 ? 76  LYS A NZ  1 
ATOM   644  N N   . CYS A 1 78  ? 3.205   -3.893  -13.760 1.00 25.68 ? 77  CYS A N   1 
ATOM   645  C CA  . CYS A 1 78  ? 3.584   -2.799  -12.859 1.00 22.46 ? 77  CYS A CA  1 
ATOM   646  C C   . CYS A 1 78  ? 5.012   -2.930  -12.353 1.00 20.23 ? 77  CYS A C   1 
ATOM   647  O O   . CYS A 1 78  ? 5.687   -1.921  -12.097 1.00 19.88 ? 77  CYS A O   1 
ATOM   648  C CB  . CYS A 1 78  ? 2.602   -2.693  -11.680 1.00 20.08 ? 77  CYS A CB  1 
ATOM   649  S SG  . CYS A 1 78  ? 0.953   -2.243  -12.222 1.00 22.46 ? 77  CYS A SG  1 
ATOM   650  N N   . ILE A 1 79  ? 5.466   -4.166  -12.185 1.00 17.66 ? 78  ILE A N   1 
ATOM   651  C CA  . ILE A 1 79  ? 6.872   -4.406  -11.854 1.00 22.15 ? 78  ILE A CA  1 
ATOM   652  C C   . ILE A 1 79  ? 7.769   -3.964  -13.018 1.00 23.05 ? 78  ILE A C   1 
ATOM   653  O O   . ILE A 1 79  ? 8.801   -3.316  -12.808 1.00 27.55 ? 78  ILE A O   1 
ATOM   654  C CB  . ILE A 1 79  ? 7.143   -5.878  -11.526 1.00 24.75 ? 78  ILE A CB  1 
ATOM   655  C CG1 . ILE A 1 79  ? 6.366   -6.302  -10.275 1.00 27.66 ? 78  ILE A CG1 1 
ATOM   656  C CG2 . ILE A 1 79  ? 8.656   -6.136  -11.365 1.00 23.01 ? 78  ILE A CG2 1 
ATOM   657  C CD1 . ILE A 1 79  ? 6.420   -7.787  -10.016 1.00 20.30 ? 78  ILE A CD1 1 
ATOM   658  N N   . GLY A 1 80  ? 7.359   -4.313  -14.240 1.00 27.62 ? 79  GLY A N   1 
ATOM   659  C CA  . GLY A 1 80  ? 8.030   -3.847  -15.451 1.00 25.64 ? 79  GLY A CA  1 
ATOM   660  C C   . GLY A 1 80  ? 8.165   -2.334  -15.505 1.00 30.72 ? 79  GLY A C   1 
ATOM   661  O O   . GLY A 1 80  ? 9.225   -1.814  -15.846 1.00 29.61 ? 79  GLY A O   1 
ATOM   662  N N   . GLU A 1 81  ? 7.093   -1.623  -15.163 1.00 30.17 ? 80  GLU A N   1 
ATOM   663  C CA  . GLU A 1 81  ? 7.121   -0.164  -15.151 1.00 27.51 ? 80  GLU A CA  1 
ATOM   664  C C   . GLU A 1 81  ? 8.065   0.406   -14.105 1.00 29.03 ? 80  GLU A C   1 
ATOM   665  O O   . GLU A 1 81  ? 8.827   1.323   -14.393 1.00 39.26 ? 80  GLU A O   1 
ATOM   666  C CB  . GLU A 1 81  ? 5.730   0.409   -14.930 1.00 32.39 ? 80  GLU A CB  1 
ATOM   667  C CG  . GLU A 1 81  ? 4.796   0.264   -16.102 1.00 31.52 ? 80  GLU A CG  1 
ATOM   668  C CD  . GLU A 1 81  ? 3.512   1.029   -15.896 1.00 42.45 ? 80  GLU A CD  1 
ATOM   669  O OE1 . GLU A 1 81  ? 3.484   1.932   -15.022 1.00 42.58 ? 80  GLU A OE1 1 
ATOM   670  O OE2 . GLU A 1 81  ? 2.536   0.728   -16.612 1.00 41.99 ? 80  GLU A OE2 1 
ATOM   671  N N   . CYS A 1 82  ? 8.007   -0.117  -12.887 1.00 28.88 ? 81  CYS A N   1 
ATOM   672  C CA  . CYS A 1 82  ? 8.803   0.441   -11.798 1.00 30.74 ? 81  CYS A CA  1 
ATOM   673  C C   . CYS A 1 82  ? 10.304  0.233   -11.991 1.00 31.85 ? 81  CYS A C   1 
ATOM   674  O O   . CYS A 1 82  ? 11.112  1.028   -11.516 1.00 37.20 ? 81  CYS A O   1 
ATOM   675  C CB  . CYS A 1 82  ? 8.341   -0.087  -10.435 1.00 26.81 ? 81  CYS A CB  1 
ATOM   676  S SG  . CYS A 1 82  ? 8.986   -1.702  -9.931  1.00 26.87 ? 81  CYS A SG  1 
ATOM   677  N N   . VAL A 1 83  ? 10.671  -0.843  -12.677 1.00 35.29 ? 82  VAL A N   1 
ATOM   678  C CA  . VAL A 1 83  ? 12.079  -1.141  -12.967 1.00 38.93 ? 82  VAL A CA  1 
ATOM   679  C C   . VAL A 1 83  ? 12.702  -0.086  -13.884 1.00 40.84 ? 82  VAL A C   1 
ATOM   680  O O   . VAL A 1 83  ? 13.911  0.154   -13.848 1.00 43.40 ? 82  VAL A O   1 
ATOM   681  C CB  . VAL A 1 83  ? 12.222  -2.508  -13.656 1.00 33.55 ? 82  VAL A CB  1 
ATOM   682  C CG1 . VAL A 1 83  ? 13.608  -2.651  -14.263 1.00 46.82 ? 82  VAL A CG1 1 
ATOM   683  C CG2 . VAL A 1 83  ? 11.944  -3.628  -12.676 1.00 35.23 ? 82  VAL A CG2 1 
ATOM   684  N N   . GLN A 1 84  ? 11.865  0.533   -14.708 1.00 39.80 ? 83  GLN A N   1 
ATOM   685  C CA  . GLN A 1 84  ? 12.328  1.455   -15.726 1.00 44.74 ? 83  GLN A CA  1 
ATOM   686  C C   . GLN A 1 84  ? 12.332  2.897   -15.237 1.00 45.51 ? 83  GLN A C   1 
ATOM   687  O O   . GLN A 1 84  ? 12.654  3.813   -16.002 1.00 48.96 ? 83  GLN A O   1 
ATOM   688  C CB  . GLN A 1 84  ? 11.471  1.330   -16.981 1.00 40.07 ? 83  GLN A CB  1 
ATOM   689  C CG  . GLN A 1 84  ? 11.843  0.153   -17.865 1.00 55.59 ? 83  GLN A CG  1 
ATOM   690  C CD  . GLN A 1 84  ? 10.939  0.038   -19.080 1.00 59.50 ? 83  GLN A CD  1 
ATOM   691  O OE1 . GLN A 1 84  ? 9.847   -0.538  -19.005 1.00 71.45 ? 83  GLN A OE1 1 
ATOM   692  N NE2 . GLN A 1 84  ? 11.391  0.588   -20.210 1.00 73.80 ? 83  GLN A NE2 1 
ATOM   693  N N   . VAL A 1 85  ? 11.965  3.103   -13.973 1.00 37.56 ? 84  VAL A N   1 
ATOM   694  C CA  . VAL A 1 85  ? 12.125  4.406   -13.346 1.00 32.88 ? 84  VAL A CA  1 
ATOM   695  C C   . VAL A 1 85  ? 13.283  4.362   -12.366 1.00 33.98 ? 84  VAL A C   1 
ATOM   696  O O   . VAL A 1 85  ? 13.727  3.279   -11.974 1.00 35.21 ? 84  VAL A O   1 
ATOM   697  C CB  . VAL A 1 85  ? 10.833  4.888   -12.631 1.00 33.93 ? 84  VAL A CB  1 
ATOM   698  C CG1 . VAL A 1 85  ? 9.697   5.043   -13.629 1.00 26.55 ? 84  VAL A CG1 1 
ATOM   699  C CG2 . VAL A 1 85  ? 10.447  3.929   -11.483 1.00 22.73 ? 84  VAL A CG2 1 
ATOM   700  N N   . PRO A 1 86  ? 13.799  5.539   -11.986 1.00 37.84 ? 85  PRO A N   1 
ATOM   701  C CA  . PRO A 1 86  ? 14.843  5.629   -10.967 1.00 39.53 ? 85  PRO A CA  1 
ATOM   702  C C   . PRO A 1 86  ? 14.365  5.127   -9.605  1.00 43.12 ? 85  PRO A C   1 
ATOM   703  O O   . PRO A 1 86  ? 13.164  5.147   -9.318  1.00 41.80 ? 85  PRO A O   1 
ATOM   704  C CB  . PRO A 1 86  ? 15.151  7.131   -10.903 1.00 42.17 ? 85  PRO A CB  1 
ATOM   705  C CG  . PRO A 1 86  ? 14.608  7.703   -12.192 1.00 42.72 ? 85  PRO A CG  1 
ATOM   706  C CD  . PRO A 1 86  ? 13.418  6.860   -12.517 1.00 40.38 ? 85  PRO A CD  1 
ATOM   707  N N   . THR A 1 87  ? 15.308  4.701   -8.773  1.00 40.74 ? 86  THR A N   1 
ATOM   708  C CA  . THR A 1 87  ? 15.002  4.008   -7.529  1.00 44.18 ? 86  THR A CA  1 
ATOM   709  C C   . THR A 1 87  ? 14.294  4.895   -6.500  1.00 44.33 ? 86  THR A C   1 
ATOM   710  O O   . THR A 1 87  ? 13.748  4.396   -5.506  1.00 41.86 ? 86  THR A O   1 
ATOM   711  C CB  . THR A 1 87  ? 16.285  3.427   -6.896  1.00 41.69 ? 86  THR A CB  1 
ATOM   712  O OG1 . THR A 1 87  ? 15.970  2.817   -5.636  1.00 45.54 ? 86  THR A OG1 1 
ATOM   713  C CG2 . THR A 1 87  ? 17.309  4.530   -6.673  1.00 52.36 ? 86  THR A CG2 1 
ATOM   714  N N   . SER A 1 88  ? 14.320  6.205   -6.724  1.00 39.27 ? 87  SER A N   1 
ATOM   715  C CA  . SER A 1 88  ? 13.696  7.146   -5.795  1.00 41.00 ? 87  SER A CA  1 
ATOM   716  C C   . SER A 1 88  ? 12.183  7.127   -6.007  1.00 39.30 ? 87  SER A C   1 
ATOM   717  O O   . SER A 1 88  ? 11.401  7.482   -5.123  1.00 41.46 ? 87  SER A O   1 
ATOM   718  C CB  . SER A 1 88  ? 14.216  8.559   -6.072  1.00 41.67 ? 87  SER A CB  1 
ATOM   719  O OG  . SER A 1 88  ? 13.759  9.015   -7.338  1.00 37.28 ? 87  SER A OG  1 
ATOM   720  N N   . GLU A 1 89  ? 11.796  6.711   -7.204  1.00 35.96 ? 88  GLU A N   1 
ATOM   721  C CA  . GLU A 1 89  ? 10.447  6.869   -7.696  1.00 33.81 ? 88  GLU A CA  1 
ATOM   722  C C   . GLU A 1 89  ? 9.785   5.490   -7.833  1.00 27.62 ? 88  GLU A C   1 
ATOM   723  O O   . GLU A 1 89  ? 8.590   5.374   -8.111  1.00 30.80 ? 88  GLU A O   1 
ATOM   724  C CB  . GLU A 1 89  ? 10.520  7.563   -9.054  1.00 35.09 ? 88  GLU A CB  1 
ATOM   725  C CG  . GLU A 1 89  ? 9.190   7.816   -9.694  1.00 38.14 ? 88  GLU A CG  1 
ATOM   726  C CD  . GLU A 1 89  ? 9.311   8.715   -10.887 1.00 45.26 ? 88  GLU A CD  1 
ATOM   727  O OE1 . GLU A 1 89  ? 10.453  9.131   -11.194 1.00 56.64 ? 88  GLU A OE1 1 
ATOM   728  O OE2 . GLU A 1 89  ? 8.268   9.007   -11.513 1.00 53.59 ? 88  GLU A OE2 1 
ATOM   729  N N   . ARG A 1 90  ? 10.574  4.448   -7.606  1.00 27.73 ? 89  ARG A N   1 
ATOM   730  C CA  . ARG A 1 90  ? 10.222  3.096   -8.039  1.00 29.08 ? 89  ARG A CA  1 
ATOM   731  C C   . ARG A 1 90  ? 9.017   2.487   -7.296  1.00 25.01 ? 89  ARG A C   1 
ATOM   732  O O   . ARG A 1 90  ? 8.093   1.938   -7.917  1.00 27.84 ? 89  ARG A O   1 
ATOM   733  C CB  . ARG A 1 90  ? 11.435  2.181   -7.894  1.00 18.04 ? 89  ARG A CB  1 
ATOM   734  C CG  . ARG A 1 90  ? 11.236  0.803   -8.508  1.00 24.91 ? 89  ARG A CG  1 
ATOM   735  C CD  . ARG A 1 90  ? 12.552  0.084   -8.713  1.00 32.88 ? 89  ARG A CD  1 
ATOM   736  N NE  . ARG A 1 90  ? 13.245  0.565   -9.905  1.00 36.54 ? 89  ARG A NE  1 
ATOM   737  C CZ  . ARG A 1 90  ? 14.517  0.959   -9.934  1.00 47.02 ? 89  ARG A CZ  1 
ATOM   738  N NH1 . ARG A 1 90  ? 15.257  0.938   -8.830  1.00 39.67 ? 89  ARG A NH1 1 
ATOM   739  N NH2 . ARG A 1 90  ? 15.052  1.373   -11.073 1.00 32.98 ? 89  ARG A NH2 1 
ATOM   740  N N   . ALA A 1 91  ? 9.046   2.569   -5.971  1.00 27.82 ? 90  ALA A N   1 
ATOM   741  C CA  . ALA A 1 91  ? 8.007   1.963   -5.145  1.00 25.81 ? 90  ALA A CA  1 
ATOM   742  C C   . ALA A 1 91  ? 6.688   2.681   -5.390  1.00 27.20 ? 90  ALA A C   1 
ATOM   743  O O   . ALA A 1 91  ? 5.618   2.069   -5.396  1.00 27.50 ? 90  ALA A O   1 
ATOM   744  C CB  . ALA A 1 91  ? 8.397   2.023   -3.675  1.00 25.96 ? 90  ALA A CB  1 
ATOM   745  N N   . HIS A 1 92  ? 6.781   3.987   -5.626  1.00 28.41 ? 91  HIS A N   1 
ATOM   746  C CA  . HIS A 1 92  ? 5.609   4.826   -5.796  1.00 22.07 ? 91  HIS A CA  1 
ATOM   747  C C   . HIS A 1 92  ? 4.979   4.595   -7.172  1.00 25.50 ? 91  HIS A C   1 
ATOM   748  O O   . HIS A 1 92  ? 3.752   4.494   -7.301  1.00 24.62 ? 91  HIS A O   1 
ATOM   749  C CB  . HIS A 1 92  ? 5.995   6.299   -5.552  1.00 31.39 ? 91  HIS A CB  1 
ATOM   750  C CG  . HIS A 1 92  ? 4.830   7.237   -5.507  1.00 29.55 ? 91  HIS A CG  1 
ATOM   751  N ND1 . HIS A 1 92  ? 4.964   8.599   -5.671  1.00 28.17 ? 91  HIS A ND1 1 
ATOM   752  C CD2 . HIS A 1 92  ? 3.506   7.007   -5.340  1.00 21.53 ? 91  HIS A CD2 1 
ATOM   753  C CE1 . HIS A 1 92  ? 3.773   9.169   -5.608  1.00 26.76 ? 91  HIS A CE1 1 
ATOM   754  N NE2 . HIS A 1 92  ? 2.871   8.225   -5.409  1.00 34.49 ? 91  HIS A NE2 1 
ATOM   755  N N   . VAL A 1 93  ? 5.814   4.455   -8.199  1.00 25.21 ? 92  VAL A N   1 
ATOM   756  C CA  . VAL A 1 93  ? 5.321   4.025   -9.509  1.00 25.65 ? 92  VAL A CA  1 
ATOM   757  C C   . VAL A 1 93  ? 4.672   2.625   -9.478  1.00 19.07 ? 92  VAL A C   1 
ATOM   758  O O   . VAL A 1 93  ? 3.671   2.381   -10.157 1.00 26.43 ? 92  VAL A O   1 
ATOM   759  C CB  . VAL A 1 93  ? 6.437   4.078   -10.599 1.00 29.67 ? 92  VAL A CB  1 
ATOM   760  C CG1 . VAL A 1 93  ? 5.966   3.388   -11.872 1.00 28.22 ? 92  VAL A CG1 1 
ATOM   761  C CG2 . VAL A 1 93  ? 6.822   5.521   -10.901 1.00 33.14 ? 92  VAL A CG2 1 
ATOM   762  N N   . PHE A 1 94  ? 5.254   1.705   -8.713  1.00 23.26 ? 93  PHE A N   1 
ATOM   763  C CA  . PHE A 1 94  ? 4.661   0.376   -8.544  1.00 20.23 ? 93  PHE A CA  1 
ATOM   764  C C   . PHE A 1 94  ? 3.242   0.493   -7.943  1.00 23.39 ? 93  PHE A C   1 
ATOM   765  O O   . PHE A 1 94  ? 2.256   -0.050  -8.463  1.00 17.45 ? 93  PHE A O   1 
ATOM   766  C CB  . PHE A 1 94  ? 5.545   -0.494  -7.647  1.00 17.35 ? 93  PHE A CB  1 
ATOM   767  C CG  . PHE A 1 94  ? 5.016   -1.902  -7.469  1.00 22.65 ? 93  PHE A CG  1 
ATOM   768  C CD1 . PHE A 1 94  ? 4.802   -2.713  -8.566  1.00 18.54 ? 93  PHE A CD1 1 
ATOM   769  C CD2 . PHE A 1 94  ? 4.698   -2.393  -6.205  1.00 22.38 ? 93  PHE A CD2 1 
ATOM   770  C CE1 . PHE A 1 94  ? 4.299   -4.008  -8.417  1.00 15.76 ? 93  PHE A CE1 1 
ATOM   771  C CE2 . PHE A 1 94  ? 4.199   -3.675  -6.043  1.00 26.96 ? 93  PHE A CE2 1 
ATOM   772  C CZ  . PHE A 1 94  ? 3.996   -4.486  -7.156  1.00 19.23 ? 93  PHE A CZ  1 
ATOM   773  N N   . TYR A 1 95  ? 3.176   1.231   -6.847  1.00 21.78 ? 94  TYR A N   1 
ATOM   774  C CA  . TYR A 1 95  ? 1.959   1.475   -6.093  1.00 21.88 ? 94  TYR A CA  1 
ATOM   775  C C   . TYR A 1 95  ? 0.909   2.129   -6.993  1.00 23.24 ? 94  TYR A C   1 
ATOM   776  O O   . TYR A 1 95  ? -0.211  1.629   -7.132  1.00 19.46 ? 94  TYR A O   1 
ATOM   777  C CB  . TYR A 1 95  ? 2.359   2.360   -4.902  1.00 22.32 ? 94  TYR A CB  1 
ATOM   778  C CG  . TYR A 1 95  ? 1.271   3.023   -4.103  1.00 20.37 ? 94  TYR A CG  1 
ATOM   779  C CD1 . TYR A 1 95  ? 0.730   2.405   -2.977  1.00 17.67 ? 94  TYR A CD1 1 
ATOM   780  C CD2 . TYR A 1 95  ? 0.822   4.286   -4.438  1.00 21.49 ? 94  TYR A CD2 1 
ATOM   781  C CE1 . TYR A 1 95  ? -0.258  3.035   -2.216  1.00 22.64 ? 94  TYR A CE1 1 
ATOM   782  C CE2 . TYR A 1 95  ? -0.159  4.909   -3.705  1.00 21.50 ? 94  TYR A CE2 1 
ATOM   783  C CZ  . TYR A 1 95  ? -0.692  4.289   -2.593  1.00 23.32 ? 94  TYR A CZ  1 
ATOM   784  O OH  . TYR A 1 95  ? -1.670  4.937   -1.877  1.00 21.43 ? 94  TYR A OH  1 
ATOM   785  N N   . LYS A 1 96  ? 1.287   3.234   -7.628  1.00 27.84 ? 95  LYS A N   1 
ATOM   786  C CA  . LYS A 1 96  ? 0.409   3.930   -8.565  1.00 23.40 ? 95  LYS A CA  1 
ATOM   787  C C   . LYS A 1 96  ? -0.077  3.032   -9.711  1.00 20.60 ? 95  LYS A C   1 
ATOM   788  O O   . LYS A 1 96  ? -1.252  3.051   -10.071 1.00 19.51 ? 95  LYS A O   1 
ATOM   789  C CB  . LYS A 1 96  ? 1.109   5.180   -9.129  1.00 23.15 ? 95  LYS A CB  1 
ATOM   790  C CG  . LYS A 1 96  ? 1.248   6.319   -8.131  1.00 28.77 ? 95  LYS A CG  1 
ATOM   791  C CD  . LYS A 1 96  ? 1.872   7.566   -8.763  1.00 30.73 ? 95  LYS A CD  1 
ATOM   792  C CE  . LYS A 1 96  ? 3.362   7.379   -9.003  1.00 34.54 ? 95  LYS A CE  1 
ATOM   793  N NZ  . LYS A 1 96  ? 4.050   8.655   -9.389  1.00 42.04 ? 95  LYS A NZ  1 
ATOM   794  N N   . CYS A 1 97  ? 0.826   2.251   -10.294 1.00 24.71 ? 96  CYS A N   1 
ATOM   795  C CA  . CYS A 1 97  ? 0.436   1.353   -11.386 1.00 20.30 ? 96  CYS A CA  1 
ATOM   796  C C   . CYS A 1 97  ? -0.623  0.318   -10.952 1.00 16.40 ? 96  CYS A C   1 
ATOM   797  O O   . CYS A 1 97  ? -1.590  0.050   -11.674 1.00 17.29 ? 96  CYS A O   1 
ATOM   798  C CB  . CYS A 1 97  ? 1.679   0.669   -11.980 1.00 24.95 ? 96  CYS A CB  1 
ATOM   799  S SG  . CYS A 1 97  ? 1.334   -0.547  -13.274 1.00 26.43 ? 96  CYS A SG  1 
ATOM   800  N N   . LEU A 1 98  ? -0.434  -0.250  -9.767  1.00 22.16 ? 97  LEU A N   1 
ATOM   801  C CA  . LEU A 1 98  ? -1.332  -1.279  -9.242  1.00 19.46 ? 97  LEU A CA  1 
ATOM   802  C C   . LEU A 1 98  ? -2.716  -0.698  -8.974  1.00 11.72 ? 97  LEU A C   1 
ATOM   803  O O   . LEU A 1 98  ? -3.727  -1.342  -9.235  1.00 16.57 ? 97  LEU A O   1 
ATOM   804  C CB  . LEU A 1 98  ? -0.778  -1.860  -7.933  1.00 23.18 ? 97  LEU A CB  1 
ATOM   805  C CG  . LEU A 1 98  ? 0.177   -3.059  -7.970  1.00 24.52 ? 97  LEU A CG  1 
ATOM   806  C CD1 . LEU A 1 98  ? 0.447   -3.565  -6.566  1.00 25.06 ? 97  LEU A CD1 1 
ATOM   807  C CD2 . LEU A 1 98  ? -0.333  -4.186  -8.865  1.00 20.93 ? 97  LEU A CD2 1 
ATOM   808  N N   . LEU A 1 99  ? -2.761  0.510   -8.423  1.00 17.61 ? 98  LEU A N   1 
ATOM   809  C CA  . LEU A 1 99  ? -4.045  1.112   -8.063  1.00 17.00 ? 98  LEU A CA  1 
ATOM   810  C C   . LEU A 1 99  ? -4.878  1.419   -9.298  1.00 15.89 ? 98  LEU A C   1 
ATOM   811  O O   . LEU A 1 99  ? -6.100  1.306   -9.262  1.00 20.21 ? 98  LEU A O   1 
ATOM   812  C CB  . LEU A 1 99  ? -3.870  2.342   -7.166  1.00 19.02 ? 98  LEU A CB  1 
ATOM   813  C CG  . LEU A 1 99  ? -3.459  2.019   -5.721  1.00 18.37 ? 98  LEU A CG  1 
ATOM   814  C CD1 . LEU A 1 99  ? -2.827  3.217   -5.052  1.00 9.49  ? 98  LEU A CD1 1 
ATOM   815  C CD2 . LEU A 1 99  ? -4.639  1.493   -4.913  1.00 14.46 ? 98  LEU A CD2 1 
ATOM   816  N N   . LYS A 1 100 ? -4.201  1.758   -10.396 1.00 24.95 ? 99  LYS A N   1 
ATOM   817  C CA  . LYS A 1 100 ? -4.849  2.008   -11.695 1.00 27.34 ? 99  LYS A CA  1 
ATOM   818  C C   . LYS A 1 100 ? -5.259  0.750   -12.459 1.00 30.83 ? 99  LYS A C   1 
ATOM   819  O O   . LYS A 1 100 ? -6.116  0.811   -13.341 1.00 35.76 ? 99  LYS A O   1 
ATOM   820  C CB  . LYS A 1 100 ? -3.947  2.851   -12.596 1.00 32.70 ? 99  LYS A CB  1 
ATOM   821  C CG  . LYS A 1 100 ? -3.655  4.248   -12.066 1.00 46.38 ? 99  LYS A CG  1 
ATOM   822  C CD  . LYS A 1 100 ? -3.493  5.248   -13.211 1.00 66.69 ? 99  LYS A CD  1 
ATOM   823  C CE  . LYS A 1 100 ? -2.470  6.328   -12.866 1.00 73.08 ? 99  LYS A CE  1 
ATOM   824  N NZ  . LYS A 1 100 ? -1.066  5.856   -13.063 1.00 59.56 ? 99  LYS A NZ  1 
ATOM   825  N N   . SER A 1 101 ? -4.650  -0.385  -12.133 1.00 22.85 ? 100 SER A N   1 
ATOM   826  C CA  . SER A 1 101 ? -5.047  -1.637  -12.739 1.00 17.91 ? 100 SER A CA  1 
ATOM   827  C C   . SER A 1 101 ? -6.309  -2.154  -12.083 1.00 21.09 ? 100 SER A C   1 
ATOM   828  O O   . SER A 1 101 ? -6.728  -1.665  -11.034 1.00 22.45 ? 100 SER A O   1 
ATOM   829  C CB  . SER A 1 101 ? -3.934  -2.679  -12.610 1.00 27.21 ? 100 SER A CB  1 
ATOM   830  O OG  . SER A 1 101 ? -3.774  -3.090  -11.261 1.00 20.80 ? 100 SER A OG  1 
ATOM   831  N N   . THR A 1 102 ? -6.907  -3.156  -12.708 1.00 18.75 ? 101 THR A N   1 
ATOM   832  C CA  . THR A 1 102 ? -8.032  -3.869  -12.130 1.00 21.35 ? 101 THR A CA  1 
ATOM   833  C C   . THR A 1 102 ? -7.664  -4.578  -10.806 1.00 18.87 ? 101 THR A C   1 
ATOM   834  O O   . THR A 1 102 ? -8.539  -5.084  -10.086 1.00 21.60 ? 101 THR A O   1 
ATOM   835  C CB  . THR A 1 102 ? -8.578  -4.886  -13.142 1.00 22.88 ? 101 THR A CB  1 
ATOM   836  O OG1 . THR A 1 102 ? -7.529  -5.791  -13.521 1.00 25.36 ? 101 THR A OG1 1 
ATOM   837  C CG2 . THR A 1 102 ? -9.089  -4.158  -14.394 1.00 21.24 ? 101 THR A CG2 1 
ATOM   838  N N   . THR A 1 103 ? -6.371  -4.621  -10.500 1.00 15.45 ? 102 THR A N   1 
ATOM   839  C CA  . THR A 1 103 ? -5.881  -5.189  -9.235  1.00 13.15 ? 102 THR A CA  1 
ATOM   840  C C   . THR A 1 103 ? -6.014  -4.223  -8.058  1.00 15.35 ? 102 THR A C   1 
ATOM   841  O O   . THR A 1 103 ? -5.997  -4.639  -6.900  1.00 18.83 ? 102 THR A O   1 
ATOM   842  C CB  . THR A 1 103 ? -4.408  -5.679  -9.372  1.00 13.86 ? 102 THR A CB  1 
ATOM   843  O OG1 . THR A 1 103 ? -4.414  -6.932  -10.058 1.00 20.29 ? 102 THR A OG1 1 
ATOM   844  C CG2 . THR A 1 103 ? -3.740  -5.875  -7.988  1.00 10.87 ? 102 THR A CG2 1 
ATOM   845  N N   . GLY A 1 104 ? -6.134  -2.931  -8.364  1.00 17.74 ? 103 GLY A N   1 
ATOM   846  C CA  . GLY A 1 104 ? -6.326  -1.895  -7.350  1.00 19.21 ? 103 GLY A CA  1 
ATOM   847  C C   . GLY A 1 104 ? -7.347  -2.262  -6.292  1.00 16.57 ? 103 GLY A C   1 
ATOM   848  O O   . GLY A 1 104 ? -7.070  -2.151  -5.103  1.00 18.62 ? 103 GLY A O   1 
ATOM   849  N N   . ARG A 1 105 ? -8.527  -2.698  -6.732  1.00 15.46 ? 104 ARG A N   1 
ATOM   850  C CA  . ARG A 1 105 ? -9.626  -3.017  -5.828  1.00 17.97 ? 104 ARG A CA  1 
ATOM   851  C C   . ARG A 1 105 ? -9.172  -3.976  -4.723  1.00 18.39 ? 104 ARG A C   1 
ATOM   852  O O   . ARG A 1 105 ? -9.451  -3.766  -3.549  1.00 12.89 ? 104 ARG A O   1 
ATOM   853  C CB  . ARG A 1 105 ? -10.775 -3.648  -6.599  1.00 15.64 ? 104 ARG A CB  1 
ATOM   854  C CG  . ARG A 1 105 ? -11.857 -4.266  -5.727  1.00 16.87 ? 104 ARG A CG  1 
ATOM   855  C CD  . ARG A 1 105 ? -12.704 -5.224  -6.546  1.00 18.39 ? 104 ARG A CD  1 
ATOM   856  N NE  . ARG A 1 105 ? -13.853 -5.720  -5.806  1.00 19.91 ? 104 ARG A NE  1 
ATOM   857  C CZ  . ARG A 1 105 ? -14.525 -6.815  -6.138  1.00 15.28 ? 104 ARG A CZ  1 
ATOM   858  N NH1 . ARG A 1 105 ? -14.138 -7.516  -7.191  1.00 17.82 ? 104 ARG A NH1 1 
ATOM   859  N NH2 . ARG A 1 105 ? -15.581 -7.214  -5.421  1.00 19.86 ? 104 ARG A NH2 1 
ATOM   860  N N   . THR A 1 106 ? -8.471  -5.029  -5.123  1.00 15.06 ? 105 THR A N   1 
ATOM   861  C CA  . THR A 1 106 ? -8.047  -6.057  -4.187  1.00 15.46 ? 105 THR A CA  1 
ATOM   862  C C   . THR A 1 106 ? -6.750  -5.650  -3.486  1.00 9.63  ? 105 THR A C   1 
ATOM   863  O O   . THR A 1 106 ? -6.531  -5.979  -2.321  1.00 15.73 ? 105 THR A O   1 
ATOM   864  C CB  . THR A 1 106 ? -7.953  -7.445  -4.889  1.00 13.17 ? 105 THR A CB  1 
ATOM   865  O OG1 . THR A 1 106 ? -9.252  -7.782  -5.392  1.00 20.49 ? 105 THR A OG1 1 
ATOM   866  C CG2 . THR A 1 106 ? -7.529  -8.530  -3.897  1.00 14.40 ? 105 THR A CG2 1 
ATOM   867  N N   . PHE A 1 107 ? -5.901  -4.918  -4.190  1.00 10.58 ? 106 PHE A N   1 
ATOM   868  C CA  . PHE A 1 107 ? -4.687  -4.398  -3.580  1.00 14.42 ? 106 PHE A CA  1 
ATOM   869  C C   . PHE A 1 107 ? -4.967  -3.577  -2.316  1.00 17.23 ? 106 PHE A C   1 
ATOM   870  O O   . PHE A 1 107 ? -4.271  -3.719  -1.324  1.00 10.52 ? 106 PHE A O   1 
ATOM   871  C CB  . PHE A 1 107 ? -3.879  -3.587  -4.584  1.00 12.25 ? 106 PHE A CB  1 
ATOM   872  C CG  . PHE A 1 107 ? -2.658  -2.946  -4.000  1.00 15.14 ? 106 PHE A CG  1 
ATOM   873  C CD1 . PHE A 1 107 ? -1.761  -3.689  -3.250  1.00 10.71 ? 106 PHE A CD1 1 
ATOM   874  C CD2 . PHE A 1 107 ? -2.408  -1.600  -4.201  1.00 14.51 ? 106 PHE A CD2 1 
ATOM   875  C CE1 . PHE A 1 107 ? -0.633  -3.103  -2.703  1.00 12.21 ? 106 PHE A CE1 1 
ATOM   876  C CE2 . PHE A 1 107 ? -1.276  -0.995  -3.667  1.00 16.80 ? 106 PHE A CE2 1 
ATOM   877  C CZ  . PHE A 1 107 ? -0.383  -1.744  -2.914  1.00 15.77 ? 106 PHE A CZ  1 
ATOM   878  N N   . LYS A 1 108 ? -5.982  -2.719  -2.358  1.00 14.87 ? 107 LYS A N   1 
ATOM   879  C CA  . LYS A 1 108 ? -6.348  -1.907  -1.194  1.00 13.64 ? 107 LYS A CA  1 
ATOM   880  C C   . LYS A 1 108 ? -6.802  -2.743  0.001   1.00 9.13  ? 107 LYS A C   1 
ATOM   881  O O   . LYS A 1 108 ? -6.543  -2.394  1.143   1.00 17.39 ? 107 LYS A O   1 
ATOM   882  C CB  . LYS A 1 108 ? -7.433  -0.898  -1.574  1.00 12.87 ? 107 LYS A CB  1 
ATOM   883  C CG  . LYS A 1 108 ? -6.954  0.166   -2.566  1.00 12.59 ? 107 LYS A CG  1 
ATOM   884  C CD  . LYS A 1 108 ? -8.076  1.168   -2.947  1.00 18.76 ? 107 LYS A CD  1 
ATOM   885  C CE  . LYS A 1 108 ? -8.909  0.640   -4.110  1.00 29.40 ? 107 LYS A CE  1 
ATOM   886  N NZ  . LYS A 1 108 ? -10.103 1.485   -4.451  1.00 35.36 ? 107 LYS A NZ  1 
ATOM   887  N N   . LYS A 1 109 ? -7.514  -3.831  -0.263  1.00 10.59 ? 108 LYS A N   1 
ATOM   888  C CA  . LYS A 1 109 ? -7.887  -4.763  0.787   1.00 14.79 ? 108 LYS A CA  1 
ATOM   889  C C   . LYS A 1 109 ? -6.654  -5.423  1.414   1.00 16.77 ? 108 LYS A C   1 
ATOM   890  O O   . LYS A 1 109 ? -6.516  -5.448  2.630   1.00 13.06 ? 108 LYS A O   1 
ATOM   891  C CB  . LYS A 1 109 ? -8.849  -5.811  0.235   1.00 15.25 ? 108 LYS A CB  1 
ATOM   892  C CG  . LYS A 1 109 ? -10.074 -5.192  -0.429  1.00 16.49 ? 108 LYS A CG  1 
ATOM   893  C CD  . LYS A 1 109 ? -11.076 -6.249  -0.877  1.00 18.63 ? 108 LYS A CD  1 
ATOM   894  C CE  . LYS A 1 109 ? -12.351 -5.580  -1.393  1.00 14.56 ? 108 LYS A CE  1 
ATOM   895  N NZ  . LYS A 1 109 ? -13.152 -6.481  -2.232  1.00 15.30 ? 108 LYS A NZ  1 
ATOM   896  N N   . VAL A 1 110 ? -5.753  -5.928  0.573   1.00 14.32 ? 109 VAL A N   1 
ATOM   897  C CA  . VAL A 1 110 ? -4.513  -6.534  1.039   1.00 15.26 ? 109 VAL A CA  1 
ATOM   898  C C   . VAL A 1 110 ? -3.643  -5.544  1.800   1.00 11.46 ? 109 VAL A C   1 
ATOM   899  O O   . VAL A 1 110 ? -3.091  -5.874  2.831   1.00 10.60 ? 109 VAL A O   1 
ATOM   900  C CB  . VAL A 1 110 ? -3.693  -7.130  -0.124  1.00 13.74 ? 109 VAL A CB  1 
ATOM   901  C CG1 . VAL A 1 110 ? -2.251  -7.430  0.346   1.00 19.57 ? 109 VAL A CG1 1 
ATOM   902  C CG2 . VAL A 1 110 ? -4.362  -8.415  -0.649  1.00 10.92 ? 109 VAL A CG2 1 
ATOM   903  N N   . PHE A 1 111 ? -3.517  -4.336  1.263   1.00 12.68 ? 110 PHE A N   1 
ATOM   904  C CA  . PHE A 1 111 ? -2.810  -3.237  1.916   1.00 14.60 ? 110 PHE A CA  1 
ATOM   905  C C   . PHE A 1 111 ? -3.431  -2.910  3.302   1.00 12.52 ? 110 PHE A C   1 
ATOM   906  O O   . PHE A 1 111 ? -2.717  -2.864  4.308   1.00 12.14 ? 110 PHE A O   1 
ATOM   907  C CB  . PHE A 1 111 ? -2.838  -2.023  0.972   1.00 12.64 ? 110 PHE A CB  1 
ATOM   908  C CG  . PHE A 1 111 ? -1.982  -0.855  1.410   1.00 16.29 ? 110 PHE A CG  1 
ATOM   909  C CD1 . PHE A 1 111 ? -2.305  -0.125  2.545   1.00 22.38 ? 110 PHE A CD1 1 
ATOM   910  C CD2 . PHE A 1 111 ? -0.894  -0.448  0.642   1.00 20.56 ? 110 PHE A CD2 1 
ATOM   911  C CE1 . PHE A 1 111 ? -1.538  0.965   2.930   1.00 17.58 ? 110 PHE A CE1 1 
ATOM   912  C CE2 . PHE A 1 111 ? -0.125  0.638   1.017   1.00 13.12 ? 110 PHE A CE2 1 
ATOM   913  C CZ  . PHE A 1 111 ? -0.454  1.350   2.165   1.00 15.98 ? 110 PHE A CZ  1 
ATOM   914  N N   . ASP A 1 112 ? -4.745  -2.674  3.354   1.00 12.75 ? 111 ASP A N   1 
ATOM   915  C CA  . ASP A 1 112 ? -5.408  -2.411  4.642   1.00 11.12 ? 111 ASP A CA  1 
ATOM   916  C C   . ASP A 1 112 ? -5.111  -3.534  5.652   1.00 12.21 ? 111 ASP A C   1 
ATOM   917  O O   . ASP A 1 112 ? -4.727  -3.277  6.794   1.00 12.12 ? 111 ASP A O   1 
ATOM   918  C CB  . ASP A 1 112 ? -6.933  -2.271  4.480   1.00 12.98 ? 111 ASP A CB  1 
ATOM   919  C CG  . ASP A 1 112 ? -7.357  -0.928  3.867   1.00 14.31 ? 111 ASP A CG  1 
ATOM   920  O OD1 . ASP A 1 112 ? -6.500  -0.049  3.622   1.00 10.61 ? 111 ASP A OD1 1 
ATOM   921  O OD2 . ASP A 1 112 ? -8.572  -0.757  3.642   1.00 15.92 ? 111 ASP A OD2 1 
ATOM   922  N N   . LEU A 1 113 ? -5.328  -4.781  5.230   1.00 11.48 ? 112 LEU A N   1 
ATOM   923  C CA  . LEU A 1 113 ? -5.143  -5.931  6.102   1.00 9.36  ? 112 LEU A CA  1 
ATOM   924  C C   . LEU A 1 113 ? -3.713  -5.960  6.652   1.00 11.73 ? 112 LEU A C   1 
ATOM   925  O O   . LEU A 1 113 ? -3.498  -6.111  7.859   1.00 16.71 ? 112 LEU A O   1 
ATOM   926  C CB  . LEU A 1 113 ? -5.495  -7.240  5.356   1.00 10.13 ? 112 LEU A CB  1 
ATOM   927  C CG  . LEU A 1 113 ? -6.999  -7.573  5.273   1.00 12.61 ? 112 LEU A CG  1 
ATOM   928  C CD1 . LEU A 1 113 ? -7.273  -8.650  4.241   1.00 14.86 ? 112 LEU A CD1 1 
ATOM   929  C CD2 . LEU A 1 113 ? -7.514  -8.026  6.640   1.00 10.51 ? 112 LEU A CD2 1 
ATOM   930  N N   . MET A 1 114 ? -2.731  -5.786  5.779   1.00 14.42 ? 113 MET A N   1 
ATOM   931  C CA  . MET A 1 114 ? -1.350  -5.863  6.214   1.00 15.67 ? 113 MET A CA  1 
ATOM   932  C C   . MET A 1 114 ? -1.016  -4.721  7.167   1.00 18.65 ? 113 MET A C   1 
ATOM   933  O O   . MET A 1 114 ? -0.222  -4.886  8.099   1.00 17.30 ? 113 MET A O   1 
ATOM   934  C CB  . MET A 1 114 ? -0.389  -5.879  5.020   1.00 13.78 ? 113 MET A CB  1 
ATOM   935  C CG  . MET A 1 114 ? 1.079   -6.035  5.415   1.00 19.53 ? 113 MET A CG  1 
ATOM   936  S SD  . MET A 1 114 ? 1.419   -7.604  6.246   1.00 27.38 ? 113 MET A SD  1 
ATOM   937  C CE  . MET A 1 114 ? 1.111   -8.724  4.860   1.00 21.43 ? 113 MET A CE  1 
ATOM   938  N N   . GLU A 1 115 ? -1.627  -3.562  6.939   1.00 11.56 ? 114 GLU A N   1 
ATOM   939  C CA  . GLU A 1 115 ? -1.309  -2.398  7.754   1.00 18.13 ? 114 GLU A CA  1 
ATOM   940  C C   . GLU A 1 115 ? -1.736  -2.668  9.186   1.00 17.44 ? 114 GLU A C   1 
ATOM   941  O O   . GLU A 1 115 ? -0.981  -2.419  10.125  1.00 17.75 ? 114 GLU A O   1 
ATOM   942  C CB  . GLU A 1 115 ? -1.997  -1.136  7.225   1.00 14.19 ? 114 GLU A CB  1 
ATOM   943  C CG  . GLU A 1 115 ? -1.580  0.133   7.963   1.00 17.64 ? 114 GLU A CG  1 
ATOM   944  C CD  . GLU A 1 115 ? -2.531  1.298   7.742   1.00 15.93 ? 114 GLU A CD  1 
ATOM   945  O OE1 . GLU A 1 115 ? -3.530  1.143   6.999   1.00 15.65 ? 114 GLU A OE1 1 
ATOM   946  O OE2 . GLU A 1 115 ? -2.273  2.384   8.310   1.00 20.88 ? 114 GLU A OE2 1 
ATOM   947  N N   . LEU A 1 116 ? -2.944  -3.205  9.336   1.00 15.26 ? 115 LEU A N   1 
ATOM   948  C CA  . LEU A 1 116 ? -3.498  -3.498  10.646  1.00 14.47 ? 115 LEU A CA  1 
ATOM   949  C C   . LEU A 1 116 ? -2.976  -4.773  11.294  1.00 15.67 ? 115 LEU A C   1 
ATOM   950  O O   . LEU A 1 116 ? -2.900  -4.858  12.524  1.00 18.23 ? 115 LEU A O   1 
ATOM   951  C CB  . LEU A 1 116 ? -5.036  -3.458  10.629  1.00 13.53 ? 115 LEU A CB  1 
ATOM   952  C CG  . LEU A 1 116 ? -5.636  -2.117  10.165  1.00 22.79 ? 115 LEU A CG  1 
ATOM   953  C CD1 . LEU A 1 116 ? -7.093  -1.956  10.582  1.00 16.38 ? 115 LEU A CD1 1 
ATOM   954  C CD2 . LEU A 1 116 ? -4.805  -0.931  10.653  1.00 23.47 ? 115 LEU A CD2 1 
ATOM   955  N N   . LYS A 1 117 ? -2.591  -5.761  10.492  1.00 14.73 ? 116 LYS A N   1 
ATOM   956  C CA  . LYS A 1 117 ? -1.866  -6.902  11.051  1.00 16.99 ? 116 LYS A CA  1 
ATOM   957  C C   . LYS A 1 117 ? -0.534  -6.461  11.657  1.00 17.44 ? 116 LYS A C   1 
ATOM   958  O O   . LYS A 1 117 ? -0.195  -6.835  12.779  1.00 17.73 ? 116 LYS A O   1 
ATOM   959  C CB  . LYS A 1 117 ? -1.624  -7.977  9.991   1.00 9.22  ? 116 LYS A CB  1 
ATOM   960  C CG  . LYS A 1 117 ? -2.889  -8.757  9.653   1.00 11.45 ? 116 LYS A CG  1 
ATOM   961  C CD  . LYS A 1 117 ? -2.728  -9.617  8.408   1.00 18.24 ? 116 LYS A CD  1 
ATOM   962  C CE  . LYS A 1 117 ? -4.116  -10.036 7.894   1.00 17.01 ? 116 LYS A CE  1 
ATOM   963  N NZ  . LYS A 1 117 ? -4.029  -11.129 6.903   1.00 27.64 ? 116 LYS A NZ  1 
ATOM   964  N N   . LYS A 1 118 ? 0.222   -5.677  10.898  1.00 20.60 ? 117 LYS A N   1 
ATOM   965  C CA  . LYS A 1 118 ? 1.527   -5.210  11.362  1.00 23.63 ? 117 LYS A CA  1 
ATOM   966  C C   . LYS A 1 118 ? 1.398   -4.275  12.579  1.00 23.80 ? 117 LYS A C   1 
ATOM   967  O O   . LYS A 1 118 ? 2.268   -4.256  13.462  1.00 25.64 ? 117 LYS A O   1 
ATOM   968  C CB  . LYS A 1 118 ? 2.306   -4.559  10.215  1.00 17.89 ? 117 LYS A CB  1 
ATOM   969  C CG  . LYS A 1 118 ? 2.725   -5.562  9.138   1.00 18.80 ? 117 LYS A CG  1 
ATOM   970  C CD  . LYS A 1 118 ? 3.988   -5.128  8.393   1.00 25.14 ? 117 LYS A CD  1 
ATOM   971  C CE  . LYS A 1 118 ? 4.597   -6.265  7.577   1.00 24.97 ? 117 LYS A CE  1 
ATOM   972  N NZ  . LYS A 1 118 ? 5.457   -7.130  8.447   1.00 34.92 ? 117 LYS A NZ  1 
ATOM   973  N N   . ALA A 1 119 ? 0.301   -3.527  12.634  1.00 19.05 ? 118 ALA A N   1 
ATOM   974  C CA  . ALA A 1 119 ? 0.000   -2.666  13.784  1.00 20.19 ? 118 ALA A CA  1 
ATOM   975  C C   . ALA A 1 119 ? -0.502  -3.466  14.983  1.00 25.39 ? 118 ALA A C   1 
ATOM   976  O O   . ALA A 1 119 ? -0.663  -2.926  16.080  1.00 25.52 ? 118 ALA A O   1 
ATOM   977  C CB  . ALA A 1 119 ? -1.019  -1.596  13.396  1.00 16.57 ? 118 ALA A CB  1 
ATOM   978  N N   . GLY A 1 120 ? -0.772  -4.752  14.769  1.00 25.04 ? 119 GLY A N   1 
ATOM   979  C CA  . GLY A 1 120 ? -1.226  -5.627  15.847  1.00 22.41 ? 119 GLY A CA  1 
ATOM   980  C C   . GLY A 1 120 ? -2.658  -5.347  16.239  1.00 22.63 ? 119 GLY A C   1 
ATOM   981  O O   . GLY A 1 120 ? -3.060  -5.613  17.375  1.00 21.91 ? 119 GLY A O   1 
ATOM   982  N N   . LYS A 1 121 ? -3.433  -4.806  15.298  1.00 19.37 ? 120 LYS A N   1 
ATOM   983  C CA  . LYS A 1 121 ? -4.834  -4.459  15.547  1.00 16.78 ? 120 LYS A CA  1 
ATOM   984  C C   . LYS A 1 121 ? -5.801  -5.597  15.240  1.00 17.99 ? 120 LYS A C   1 
ATOM   985  O O   . LYS A 1 121 ? -6.916  -5.620  15.753  1.00 18.83 ? 120 LYS A O   1 
ATOM   986  C CB  . LYS A 1 121 ? -5.230  -3.237  14.713  1.00 17.50 ? 120 LYS A CB  1 
ATOM   987  C CG  . LYS A 1 121 ? -4.389  -2.000  15.004  1.00 18.12 ? 120 LYS A CG  1 
ATOM   988  C CD  . LYS A 1 121 ? -4.466  -1.646  16.477  1.00 22.24 ? 120 LYS A CD  1 
ATOM   989  C CE  . LYS A 1 121 ? -3.537  -0.503  16.839  1.00 30.35 ? 120 LYS A CE  1 
ATOM   990  N NZ  . LYS A 1 121 ? -3.659  -0.170  18.292  1.00 42.38 ? 120 LYS A NZ  1 
ATOM   991  N N   . VAL A 1 122 ? -5.388  -6.511  14.360  1.00 17.53 ? 121 VAL A N   1 
ATOM   992  C CA  . VAL A 1 122 ? -6.199  -7.684  14.020  1.00 17.52 ? 121 VAL A CA  1 
ATOM   993  C C   . VAL A 1 122 ? -5.256  -8.890  13.924  1.00 21.44 ? 121 VAL A C   1 
ATOM   994  O O   . VAL A 1 122 ? -4.064  -8.704  13.672  1.00 17.90 ? 121 VAL A O   1 
ATOM   995  C CB  . VAL A 1 122 ? -6.909  -7.490  12.654  1.00 21.17 ? 121 VAL A CB  1 
ATOM   996  C CG1 . VAL A 1 122 ? -7.766  -6.220  12.672  1.00 16.36 ? 121 VAL A CG1 1 
ATOM   997  C CG2 . VAL A 1 122 ? -5.880  -7.409  11.540  1.00 12.60 ? 121 VAL A CG2 1 
ATOM   998  N N   . PRO A 1 123 ? -5.784  -10.124 14.116  1.00 17.09 ? 122 PRO A N   1 
ATOM   999  C CA  . PRO A 1 123 ? -4.925  -11.313 14.077  1.00 17.38 ? 122 PRO A CA  1 
ATOM   1000 C C   . PRO A 1 123 ? -4.340  -11.548 12.694  1.00 20.00 ? 122 PRO A C   1 
ATOM   1001 O O   . PRO A 1 123 ? -4.850  -11.016 11.708  1.00 20.17 ? 122 PRO A O   1 
ATOM   1002 C CB  . PRO A 1 123 ? -5.874  -12.461 14.466  1.00 18.17 ? 122 PRO A CB  1 
ATOM   1003 C CG  . PRO A 1 123 ? -7.244  -11.945 14.184  1.00 18.75 ? 122 PRO A CG  1 
ATOM   1004 C CD  . PRO A 1 123 ? -7.195  -10.460 14.388  1.00 16.92 ? 122 PRO A CD  1 
ATOM   1005 N N   . GLN A 1 124 ? -3.274  -12.335 12.623  1.00 19.80 ? 123 GLN A N   1 
ATOM   1006 C CA  . GLN A 1 124 ? -2.582  -12.582 11.358  1.00 19.69 ? 123 GLN A CA  1 
ATOM   1007 C C   . GLN A 1 124 ? -3.420  -13.259 10.278  1.00 15.04 ? 123 GLN A C   1 
ATOM   1008 O O   . GLN A 1 124 ? -3.129  -13.121 9.092   1.00 14.54 ? 123 GLN A O   1 
ATOM   1009 C CB  . GLN A 1 124 ? -1.290  -13.381 11.594  1.00 23.20 ? 123 GLN A CB  1 
ATOM   1010 C CG  . GLN A 1 124 ? -0.242  -12.604 12.382  1.00 30.31 ? 123 GLN A CG  1 
ATOM   1011 C CD  . GLN A 1 124 ? 0.178   -11.304 11.708  1.00 37.47 ? 123 GLN A CD  1 
ATOM   1012 O OE1 . GLN A 1 124 ? 0.160   -10.241 12.331  1.00 54.53 ? 123 GLN A OE1 1 
ATOM   1013 N NE2 . GLN A 1 124 ? 0.570   -11.385 10.440  1.00 36.62 ? 123 GLN A NE2 1 
ATOM   1014 N N   . HIS A 1 125 ? -4.431  -14.026 10.674  1.00 15.22 ? 124 HIS A N   1 
ATOM   1015 C CA  . HIS A 1 125 ? -5.294  -14.701 9.684   1.00 18.42 ? 124 HIS A CA  1 
ATOM   1016 C C   . HIS A 1 125 ? -6.548  -13.882 9.341   1.00 19.01 ? 124 HIS A C   1 
ATOM   1017 O O   . HIS A 1 125 ? -7.442  -14.363 8.645   1.00 15.01 ? 124 HIS A O   1 
ATOM   1018 C CB  . HIS A 1 125 ? -5.706  -16.096 10.183  1.00 14.80 ? 124 HIS A CB  1 
ATOM   1019 C CG  . HIS A 1 125 ? -6.609  -16.056 11.375  1.00 14.72 ? 124 HIS A CG  1 
ATOM   1020 N ND1 . HIS A 1 125 ? -6.210  -15.541 12.589  1.00 18.54 ? 124 HIS A ND1 1 
ATOM   1021 C CD2 . HIS A 1 125 ? -7.899  -16.439 11.532  1.00 10.06 ? 124 HIS A CD2 1 
ATOM   1022 C CE1 . HIS A 1 125 ? -7.211  -15.616 13.447  1.00 14.05 ? 124 HIS A CE1 1 
ATOM   1023 N NE2 . HIS A 1 125 ? -8.248  -16.157 12.831  1.00 13.99 ? 124 HIS A NE2 1 
ATOM   1024 N N   . GLN A 1 126 ? -6.603  -12.640 9.816   1.00 15.44 ? 125 GLN A N   1 
ATOM   1025 C CA  . GLN A 1 126 ? -7.758  -11.785 9.555   1.00 15.52 ? 125 GLN A CA  1 
ATOM   1026 C C   . GLN A 1 126 ? -8.105  -11.765 8.076   1.00 16.55 ? 125 GLN A C   1 
ATOM   1027 O O   . GLN A 1 126 ? -7.230  -11.584 7.232   1.00 18.62 ? 125 GLN A O   1 
ATOM   1028 C CB  . GLN A 1 126 ? -7.505  -10.352 10.042  1.00 14.81 ? 125 GLN A CB  1 
ATOM   1029 C CG  . GLN A 1 126 ? -8.702  -9.409  9.813   1.00 11.69 ? 125 GLN A CG  1 
ATOM   1030 C CD  . GLN A 1 126 ? -9.888  -9.762  10.690  1.00 9.56  ? 125 GLN A CD  1 
ATOM   1031 O OE1 . GLN A 1 126 ? -9.741  -9.949  11.889  1.00 12.84 ? 125 GLN A OE1 1 
ATOM   1032 N NE2 . GLN A 1 126 ? -11.069 -9.843  10.099  1.00 8.03  ? 125 GLN A NE2 1 
ATOM   1033 N N   . ARG A 1 127 ? -9.388  -11.948 7.767   1.00 17.36 ? 126 ARG A N   1 
ATOM   1034 C CA  . ARG A 1 127 ? -9.886  -11.778 6.406   1.00 18.28 ? 126 ARG A CA  1 
ATOM   1035 C C   . ARG A 1 127 ? -10.590 -10.420 6.218   1.00 17.31 ? 126 ARG A C   1 
ATOM   1036 O O   . ARG A 1 127 ? -10.877 -9.710  7.181   1.00 18.53 ? 126 ARG A O   1 
ATOM   1037 C CB  . ARG A 1 127 ? -10.846 -12.924 6.044   1.00 20.22 ? 126 ARG A CB  1 
ATOM   1038 C CG  . ARG A 1 127 ? -10.217 -14.322 6.138   1.00 23.07 ? 126 ARG A CG  1 
ATOM   1039 C CD  . ARG A 1 127 ? -11.076 -15.373 5.468   1.00 26.33 ? 126 ARG A CD  1 
ATOM   1040 N NE  . ARG A 1 127 ? -11.587 -14.935 4.170   1.00 50.85 ? 126 ARG A NE  1 
ATOM   1041 C CZ  . ARG A 1 127 ? -10.955 -15.115 3.009   1.00 68.51 ? 126 ARG A CZ  1 
ATOM   1042 N NH1 . ARG A 1 127 ? -9.778  -15.733 2.974   1.00 70.05 ? 126 ARG A NH1 1 
ATOM   1043 N NH2 . ARG A 1 127 ? -11.501 -14.676 1.879   1.00 60.33 ? 126 ARG A NH2 1 
ATOM   1044 N N   . TYR A 1 128 ? -10.879 -10.072 4.968   1.00 16.06 ? 127 TYR A N   1 
ATOM   1045 C CA  . TYR A 1 128 ? -11.535 -8.814  4.668   1.00 16.50 ? 127 TYR A CA  1 
ATOM   1046 C C   . TYR A 1 128 ? -13.037 -8.928  4.886   1.00 18.79 ? 127 TYR A C   1 
ATOM   1047 O O   . TYR A 1 128 ? -13.776 -9.206  3.951   1.00 17.77 ? 127 TYR A O   1 
ATOM   1048 C CB  . TYR A 1 128 ? -11.234 -8.364  3.229   1.00 13.57 ? 127 TYR A CB  1 
ATOM   1049 C CG  . TYR A 1 128 ? -11.494 -6.890  3.013   1.00 21.86 ? 127 TYR A CG  1 
ATOM   1050 C CD1 . TYR A 1 128 ? -10.562 -5.935  3.407   1.00 21.71 ? 127 TYR A CD1 1 
ATOM   1051 C CD2 . TYR A 1 128 ? -12.678 -6.447  2.432   1.00 19.12 ? 127 TYR A CD2 1 
ATOM   1052 C CE1 . TYR A 1 128 ? -10.800 -4.576  3.215   1.00 12.13 ? 127 TYR A CE1 1 
ATOM   1053 C CE2 . TYR A 1 128 ? -12.918 -5.090  2.241   1.00 18.52 ? 127 TYR A CE2 1 
ATOM   1054 C CZ  . TYR A 1 128 ? -11.974 -4.164  2.632   1.00 19.33 ? 127 TYR A CZ  1 
ATOM   1055 O OH  . TYR A 1 128 ? -12.205 -2.807  2.459   1.00 23.68 ? 127 TYR A OH  1 
ATOM   1056 N N   . THR A 1 129 ? -13.480 -8.703  6.121   1.00 14.24 ? 128 THR A N   1 
ATOM   1057 C CA  . THR A 1 129 ? -14.883 -8.943  6.513   1.00 13.80 ? 128 THR A CA  1 
ATOM   1058 C C   . THR A 1 129 ? -15.572 -7.596  6.779   1.00 16.10 ? 128 THR A C   1 
ATOM   1059 O O   . THR A 1 129 ? -14.916 -6.574  6.788   1.00 14.74 ? 128 THR A O   1 
ATOM   1060 C CB  . THR A 1 129 ? -14.932 -9.728  7.830   1.00 12.97 ? 128 THR A CB  1 
ATOM   1061 O OG1 . THR A 1 129 ? -14.387 -8.906  8.868   1.00 14.09 ? 128 THR A OG1 1 
ATOM   1062 C CG2 . THR A 1 129 ? -14.083 -11.010 7.720   1.00 13.95 ? 128 THR A CG2 1 
ATOM   1063 N N   . ALA A 1 130 ? -16.886 -7.605  7.009   1.00 12.94 ? 129 ALA A N   1 
ATOM   1064 C CA  . ALA A 1 130 ? -17.599 -6.395  7.377   1.00 17.57 ? 129 ALA A CA  1 
ATOM   1065 C C   . ALA A 1 130 ? -17.039 -5.821  8.659   1.00 20.40 ? 129 ALA A C   1 
ATOM   1066 O O   . ALA A 1 130 ? -16.906 -4.605  8.798   1.00 17.38 ? 129 ALA A O   1 
ATOM   1067 C CB  . ALA A 1 130 ? -19.094 -6.667  7.523   1.00 19.82 ? 129 ALA A CB  1 
ATOM   1068 N N   . GLU A 1 131 ? -16.696 -6.691  9.602   1.00 16.46 ? 130 GLU A N   1 
ATOM   1069 C CA  . GLU A 1 131 ? -16.097 -6.215  10.837  1.00 17.03 ? 130 GLU A CA  1 
ATOM   1070 C C   . GLU A 1 131 ? -14.776 -5.511  10.553  1.00 13.40 ? 130 GLU A C   1 
ATOM   1071 O O   . GLU A 1 131 ? -14.489 -4.455  11.115  1.00 15.08 ? 130 GLU A O   1 
ATOM   1072 C CB  . GLU A 1 131 ? -15.858 -7.375  11.815  1.00 19.08 ? 130 GLU A CB  1 
ATOM   1073 C CG  . GLU A 1 131 ? -15.305 -6.909  13.151  1.00 20.47 ? 130 GLU A CG  1 
ATOM   1074 C CD  . GLU A 1 131 ? -14.625 -8.018  13.955  1.00 27.38 ? 130 GLU A CD  1 
ATOM   1075 O OE1 . GLU A 1 131 ? -14.138 -9.007  13.358  1.00 22.11 ? 130 GLU A OE1 1 
ATOM   1076 O OE2 . GLU A 1 131 ? -14.570 -7.881  15.193  1.00 27.28 ? 130 GLU A OE2 1 
ATOM   1077 N N   . PHE A 1 132 ? -13.943 -6.113  9.712   1.00 11.57 ? 131 PHE A N   1 
ATOM   1078 C CA  . PHE A 1 132 ? -12.677 -5.486  9.402   1.00 11.22 ? 131 PHE A CA  1 
ATOM   1079 C C   . PHE A 1 132 ? -12.841 -4.088  8.792   1.00 12.30 ? 131 PHE A C   1 
ATOM   1080 O O   . PHE A 1 132 ? -12.107 -3.169  9.132   1.00 13.26 ? 131 PHE A O   1 
ATOM   1081 C CB  . PHE A 1 132 ? -11.805 -6.336  8.489   1.00 11.93 ? 131 PHE A CB  1 
ATOM   1082 C CG  . PHE A 1 132 ? -10.506 -5.659  8.137   1.00 12.90 ? 131 PHE A CG  1 
ATOM   1083 C CD1 . PHE A 1 132 ? -9.446  -5.660  9.042   1.00 13.16 ? 131 PHE A CD1 1 
ATOM   1084 C CD2 . PHE A 1 132 ? -10.359 -4.977  6.935   1.00 13.98 ? 131 PHE A CD2 1 
ATOM   1085 C CE1 . PHE A 1 132 ? -8.252  -5.016  8.746   1.00 11.83 ? 131 PHE A CE1 1 
ATOM   1086 C CE2 . PHE A 1 132 ? -9.163  -4.335  6.631   1.00 8.04  ? 131 PHE A CE2 1 
ATOM   1087 C CZ  . PHE A 1 132 ? -8.114  -4.349  7.546   1.00 8.67  ? 131 PHE A CZ  1 
ATOM   1088 N N   . VAL A 1 133 ? -13.781 -3.952  7.867   1.00 14.79 ? 132 VAL A N   1 
ATOM   1089 C CA  . VAL A 1 133 ? -14.079 -2.655  7.270   1.00 19.48 ? 132 VAL A CA  1 
ATOM   1090 C C   . VAL A 1 133 ? -14.373 -1.595  8.340   1.00 15.32 ? 132 VAL A C   1 
ATOM   1091 O O   . VAL A 1 133 ? -13.849 -0.489  8.286   1.00 17.80 ? 132 VAL A O   1 
ATOM   1092 C CB  . VAL A 1 133 ? -15.258 -2.766  6.270   1.00 17.82 ? 132 VAL A CB  1 
ATOM   1093 C CG1 . VAL A 1 133 ? -15.651 -1.384  5.730   1.00 21.95 ? 132 VAL A CG1 1 
ATOM   1094 C CG2 . VAL A 1 133 ? -14.873 -3.689  5.117   1.00 18.63 ? 132 VAL A CG2 1 
ATOM   1095 N N   . GLN A 1 134 ? -15.203 -1.943  9.316   1.00 22.09 ? 133 GLN A N   1 
ATOM   1096 C CA  . GLN A 1 134 ? -15.479 -1.042  10.436  1.00 18.42 ? 133 GLN A CA  1 
ATOM   1097 C C   . GLN A 1 134 ? -14.263 -0.748  11.300  1.00 18.58 ? 133 GLN A C   1 
ATOM   1098 O O   . GLN A 1 134 ? -14.102 0.369   11.799  1.00 17.21 ? 133 GLN A O   1 
ATOM   1099 C CB  . GLN A 1 134 ? -16.584 -1.601  11.327  1.00 13.94 ? 133 GLN A CB  1 
ATOM   1100 C CG  . GLN A 1 134 ? -17.090 -0.576  12.323  1.00 21.38 ? 133 GLN A CG  1 
ATOM   1101 C CD  . GLN A 1 134 ? -17.674 0.647   11.636  1.00 29.46 ? 133 GLN A CD  1 
ATOM   1102 O OE1 . GLN A 1 134 ? -18.555 0.535   10.784  1.00 25.76 ? 133 GLN A OE1 1 
ATOM   1103 N NE2 . GLN A 1 134 ? -17.179 1.823   11.996  1.00 28.79 ? 133 GLN A NE2 1 
ATOM   1104 N N   . ILE A 1 135 ? -13.423 -1.761  11.499  1.00 14.02 ? 134 ILE A N   1 
ATOM   1105 C CA  . ILE A 1 135 ? -12.196 -1.595  12.269  1.00 14.31 ? 134 ILE A CA  1 
ATOM   1106 C C   . ILE A 1 135 ? -11.263 -0.608  11.567  1.00 14.15 ? 134 ILE A C   1 
ATOM   1107 O O   . ILE A 1 135 ? -10.651 0.256   12.204  1.00 12.04 ? 134 ILE A O   1 
ATOM   1108 C CB  . ILE A 1 135 ? -11.483 -2.966  12.494  1.00 15.03 ? 134 ILE A CB  1 
ATOM   1109 C CG1 . ILE A 1 135 ? -12.257 -3.832  13.490  1.00 16.27 ? 134 ILE A CG1 1 
ATOM   1110 C CG2 . ILE A 1 135 ? -10.064 -2.775  12.960  1.00 13.90 ? 134 ILE A CG2 1 
ATOM   1111 C CD1 . ILE A 1 135 ? -11.712 -5.285  13.589  1.00 14.31 ? 134 ILE A CD1 1 
ATOM   1112 N N   . MET A 1 136 ? -11.175 -0.718  10.243  1.00 16.43 ? 135 MET A N   1 
ATOM   1113 C CA  . MET A 1 136 ? -10.348 0.192   9.471   1.00 18.16 ? 135 MET A CA  1 
ATOM   1114 C C   . MET A 1 136 ? -10.899 1.627   9.555   1.00 11.16 ? 135 MET A C   1 
ATOM   1115 O O   . MET A 1 136 ? -10.140 2.575   9.730   1.00 15.27 ? 135 MET A O   1 
ATOM   1116 C CB  . MET A 1 136 ? -10.230 -0.291  8.015   1.00 18.35 ? 135 MET A CB  1 
ATOM   1117 C CG  . MET A 1 136 ? -9.279  0.516   7.130   1.00 17.52 ? 135 MET A CG  1 
ATOM   1118 S SD  . MET A 1 136 ? -7.496  0.280   7.421   1.00 23.01 ? 135 MET A SD  1 
ATOM   1119 C CE  . MET A 1 136 ? -7.173  1.758   8.341   1.00 10.95 ? 135 MET A CE  1 
ATOM   1120 N N   . LYS A 1 137 ? -12.215 1.769   9.457   1.00 15.57 ? 136 LYS A N   1 
ATOM   1121 C CA  . LYS A 1 137 ? -12.865 3.092   9.518   1.00 17.42 ? 136 LYS A CA  1 
ATOM   1122 C C   . LYS A 1 137 ? -12.624 3.761   10.872  1.00 16.23 ? 136 LYS A C   1 
ATOM   1123 O O   . LYS A 1 137 ? -12.343 4.955   10.941  1.00 19.79 ? 136 LYS A O   1 
ATOM   1124 C CB  . LYS A 1 137 ? -14.382 2.965   9.276   1.00 18.94 ? 136 LYS A CB  1 
ATOM   1125 C CG  . LYS A 1 137 ? -14.801 2.823   7.801   1.00 18.07 ? 136 LYS A CG  1 
ATOM   1126 C CD  . LYS A 1 137 ? -16.294 2.521   7.701   1.00 18.95 ? 136 LYS A CD  1 
ATOM   1127 C CE  . LYS A 1 137 ? -16.734 2.195   6.271   1.00 19.73 ? 136 LYS A CE  1 
ATOM   1128 N NZ  . LYS A 1 137 ? -18.172 1.762   6.249   1.00 27.08 ? 136 LYS A NZ  1 
ATOM   1129 N N   . ASP A 1 138 ? -12.738 2.988   11.948  1.00 17.74 ? 137 ASP A N   1 
ATOM   1130 C CA  . ASP A 1 138 ? -12.537 3.524   13.301  1.00 18.02 ? 137 ASP A CA  1 
ATOM   1131 C C   . ASP A 1 138 ? -11.076 3.879   13.499  1.00 18.27 ? 137 ASP A C   1 
ATOM   1132 O O   . ASP A 1 138 ? -10.749 4.848   14.182  1.00 16.36 ? 137 ASP A O   1 
ATOM   1133 C CB  . ASP A 1 138 ? -12.965 2.505   14.366  1.00 21.25 ? 137 ASP A CB  1 
ATOM   1134 C CG  . ASP A 1 138 ? -14.468 2.290   14.396  1.00 27.19 ? 137 ASP A CG  1 
ATOM   1135 O OD1 . ASP A 1 138 ? -15.186 3.105   13.789  1.00 26.67 ? 137 ASP A OD1 1 
ATOM   1136 O OD2 . ASP A 1 138 ? -14.929 1.309   15.024  1.00 26.79 ? 137 ASP A OD2 1 
ATOM   1137 N N   . TYR A 1 139 ? -10.195 3.079   12.906  1.00 13.20 ? 138 TYR A N   1 
ATOM   1138 C CA  . TYR A 1 139 ? -8.756  3.330   12.975  1.00 11.47 ? 138 TYR A CA  1 
ATOM   1139 C C   . TYR A 1 139 ? -8.360  4.654   12.301  1.00 12.15 ? 138 TYR A C   1 
ATOM   1140 O O   . TYR A 1 139 ? -7.547  5.419   12.832  1.00 14.12 ? 138 TYR A O   1 
ATOM   1141 C CB  . TYR A 1 139 ? -7.999  2.164   12.338  1.00 14.43 ? 138 TYR A CB  1 
ATOM   1142 C CG  . TYR A 1 139 ? -6.499  2.266   12.405  1.00 15.65 ? 138 TYR A CG  1 
ATOM   1143 C CD1 . TYR A 1 139 ? -5.778  2.910   11.404  1.00 16.25 ? 138 TYR A CD1 1 
ATOM   1144 C CD2 . TYR A 1 139 ? -5.795  1.692   13.460  1.00 18.06 ? 138 TYR A CD2 1 
ATOM   1145 C CE1 . TYR A 1 139 ? -4.394  2.997   11.471  1.00 9.67  ? 138 TYR A CE1 1 
ATOM   1146 C CE2 . TYR A 1 139 ? -4.424  1.775   13.529  1.00 18.77 ? 138 TYR A CE2 1 
ATOM   1147 C CZ  . TYR A 1 139 ? -3.731  2.425   12.546  1.00 15.76 ? 138 TYR A CZ  1 
ATOM   1148 O OH  . TYR A 1 139 ? -2.360  2.472   12.629  1.00 14.94 ? 138 TYR A OH  1 
ATOM   1149 N N   . ASP A 1 140 ? -8.930  4.901   11.128  1.00 11.89 ? 139 ASP A N   1 
ATOM   1150 C CA  . ASP A 1 140 ? -8.738  6.156   10.409  1.00 14.21 ? 139 ASP A CA  1 
ATOM   1151 C C   . ASP A 1 140 ? -9.381  7.321   11.169  1.00 9.23  ? 139 ASP A C   1 
ATOM   1152 O O   . ASP A 1 140 ? -8.839  8.407   11.197  1.00 11.34 ? 139 ASP A O   1 
ATOM   1153 C CB  . ASP A 1 140 ? -9.353  6.063   9.007   1.00 14.32 ? 139 ASP A CB  1 
ATOM   1154 C CG  . ASP A 1 140 ? -8.437  5.336   8.006   1.00 12.49 ? 139 ASP A CG  1 
ATOM   1155 O OD1 . ASP A 1 140 ? -7.245  5.137   8.308   1.00 19.05 ? 139 ASP A OD1 1 
ATOM   1156 O OD2 . ASP A 1 140 ? -8.927  4.947   6.935   1.00 18.71 ? 139 ASP A OD2 1 
ATOM   1157 N N   . LYS A 1 141 ? -10.545 7.092   11.763  1.00 12.01 ? 140 LYS A N   1 
ATOM   1158 C CA  . LYS A 1 141 ? -11.231 8.164   12.491  1.00 18.16 ? 140 LYS A CA  1 
ATOM   1159 C C   . LYS A 1 141 ? -10.360 8.713   13.620  1.00 21.37 ? 140 LYS A C   1 
ATOM   1160 O O   . LYS A 1 141 ? -10.433 9.905   13.952  1.00 20.41 ? 140 LYS A O   1 
ATOM   1161 C CB  . LYS A 1 141 ? -12.570 7.672   13.034  1.00 18.64 ? 140 LYS A CB  1 
ATOM   1162 C CG  . LYS A 1 141 ? -13.512 8.766   13.508  1.00 25.04 ? 140 LYS A CG  1 
ATOM   1163 C CD  . LYS A 1 141 ? -14.726 8.171   14.192  1.00 35.05 ? 140 LYS A CD  1 
ATOM   1164 C CE  . LYS A 1 141 ? -14.295 7.131   15.227  1.00 49.05 ? 140 LYS A CE  1 
ATOM   1165 N NZ  . LYS A 1 141 ? -15.260 6.998   16.356  1.00 35.03 ? 140 LYS A NZ  1 
ATOM   1166 N N   . ALA A 1 142 ? -9.536  7.846   14.215  1.00 14.58 ? 141 ALA A N   1 
ATOM   1167 C CA  . ALA A 1 142 ? -8.687  8.244   15.345  1.00 17.93 ? 141 ALA A CA  1 
ATOM   1168 C C   . ALA A 1 142 ? -7.517  9.097   14.884  1.00 18.96 ? 141 ALA A C   1 
ATOM   1169 O O   . ALA A 1 142 ? -6.861  9.775   15.690  1.00 19.68 ? 141 ALA A O   1 
ATOM   1170 C CB  . ALA A 1 142 ? -8.195  7.007   16.120  1.00 11.50 ? 141 ALA A CB  1 
ATOM   1171 N N   . LEU A 1 143 ? -7.267  9.060   13.578  1.00 18.64 ? 142 LEU A N   1 
ATOM   1172 C CA  . LEU A 1 143 ? -6.194  9.831   12.939  1.00 19.41 ? 142 LEU A CA  1 
ATOM   1173 C C   . LEU A 1 143 ? -6.778  11.071  12.281  1.00 16.69 ? 142 LEU A C   1 
ATOM   1174 O O   . LEU A 1 143 ? -6.094  11.750  11.527  1.00 22.41 ? 142 LEU A O   1 
ATOM   1175 C CB  . LEU A 1 143 ? -5.535  8.999   11.831  1.00 20.15 ? 142 LEU A CB  1 
ATOM   1176 C CG  . LEU A 1 143 ? -4.606  7.874   12.267  1.00 27.94 ? 142 LEU A CG  1 
ATOM   1177 C CD1 . LEU A 1 143 ? -4.224  6.999   11.067  1.00 24.56 ? 142 LEU A CD1 1 
ATOM   1178 C CD2 . LEU A 1 143 ? -3.376  8.457   12.932  1.00 26.22 ? 142 LEU A CD2 1 
ATOM   1179 N N   . ASN A 1 144 ? -8.054  11.325  12.540  1.00 20.18 ? 143 ASN A N   1 
ATOM   1180 C CA  . ASN A 1 144 ? -8.746  12.489  11.997  1.00 25.54 ? 143 ASN A CA  1 
ATOM   1181 C C   . ASN A 1 144 ? -9.180  12.303  10.548  1.00 29.53 ? 143 ASN A C   1 
ATOM   1182 O O   . ASN A 1 144 ? -9.320  13.274  9.801   1.00 24.27 ? 143 ASN A O   1 
ATOM   1183 C CB  . ASN A 1 144 ? -7.881  13.734  12.119  1.00 22.32 ? 143 ASN A CB  1 
ATOM   1184 C CG  . ASN A 1 144 ? -8.699  15.002  12.157  1.00 27.95 ? 143 ASN A CG  1 
ATOM   1185 O OD1 . ASN A 1 144 ? -9.872  14.993  12.543  1.00 20.40 ? 143 ASN A OD1 1 
ATOM   1186 N ND2 . ASN A 1 144 ? -8.083  16.109  11.742  1.00 38.27 ? 143 ASN A ND2 1 
ATOM   1187 N N   . CYS A 1 145 ? -9.408  11.054  10.158  1.00 24.46 ? 144 CYS A N   1 
ATOM   1188 C CA  . CYS A 1 145 ? -9.877  10.775  8.814   1.00 25.03 ? 144 CYS A CA  1 
ATOM   1189 C C   . CYS A 1 145 ? -11.163 9.969   8.828   1.00 24.72 ? 144 CYS A C   1 
ATOM   1190 O O   . CYS A 1 145 ? -11.524 9.350   7.834   1.00 34.29 ? 144 CYS A O   1 
ATOM   1191 C CB  . CYS A 1 145 ? -8.800  10.056  8.003   1.00 19.92 ? 144 CYS A CB  1 
ATOM   1192 S SG  . CYS A 1 145 ? -7.273  10.973  7.814   1.00 23.03 ? 144 CYS A SG  1 
ATOM   1193 O OXT . CYS A 1 145 ? -11.875 9.923   9.823   1.00 30.53 ? 144 CYS A OXT 1 
HETATM 1194 O OH  . SRO B 2 .   ? 0.853   6.332   4.861   1.00 22.22 ? 145 SRO A OH  1 
HETATM 1195 C CZ3 . SRO B 2 .   ? 0.064   5.848   3.864   1.00 26.93 ? 145 SRO A CZ3 1 
HETATM 1196 C CH2 . SRO B 2 .   ? 0.511   6.030   2.556   1.00 20.05 ? 145 SRO A CH2 1 
HETATM 1197 C CZ2 . SRO B 2 .   ? -0.251  5.557   1.507   1.00 12.09 ? 145 SRO A CZ2 1 
HETATM 1198 C CE2 . SRO B 2 .   ? -1.430  4.912   1.829   1.00 15.46 ? 145 SRO A CE2 1 
HETATM 1199 N NE1 . SRO B 2 .   ? -2.409  4.361   1.085   1.00 12.57 ? 145 SRO A NE1 1 
HETATM 1200 C CD1 . SRO B 2 .   ? -3.368  3.879   1.911   1.00 15.28 ? 145 SRO A CD1 1 
HETATM 1201 C CG  . SRO B 2 .   ? -3.009  4.122   3.231   1.00 16.33 ? 145 SRO A CG  1 
HETATM 1202 C CD2 . SRO B 2 .   ? -1.787  4.790   3.162   1.00 20.20 ? 145 SRO A CD2 1 
HETATM 1203 C CE3 . SRO B 2 .   ? -1.056  5.237   4.132   1.00 16.73 ? 145 SRO A CE3 1 
HETATM 1204 C CB  . SRO B 2 .   ? -3.840  3.716   4.437   1.00 14.71 ? 145 SRO A CB  1 
HETATM 1205 C CA  . SRO B 2 .   ? -4.709  2.500   4.066   1.00 15.39 ? 145 SRO A CA  1 
HETATM 1206 N NZ  . SRO B 2 .   ? -5.430  1.997   5.231   1.00 14.00 ? 145 SRO A NZ  1 
HETATM 1207 O O   . HOH C 3 .   ? -3.001  -18.148 -5.003  1.00 40.92 ? 146 HOH A O   1 
HETATM 1208 O O   . HOH C 3 .   ? -9.661  -1.915  -9.415  1.00 23.50 ? 147 HOH A O   1 
HETATM 1209 O O   . HOH C 3 .   ? -18.282 -9.956  6.486   1.00 20.97 ? 148 HOH A O   1 
HETATM 1210 O O   . HOH C 3 .   ? -14.158 -8.436  -0.411  1.00 28.36 ? 149 HOH A O   1 
HETATM 1211 O O   . HOH C 3 .   ? -1.022  2.686   10.466  1.00 16.97 ? 150 HOH A O   1 
HETATM 1212 O O   . HOH C 3 .   ? -20.469 -8.006  11.124  1.00 47.75 ? 151 HOH A O   1 
HETATM 1213 O O   . HOH C 3 .   ? -11.021 -1.923  -2.481  1.00 18.78 ? 152 HOH A O   1 
HETATM 1214 O O   . HOH C 3 .   ? 1.192   -12.453 -17.566 1.00 38.25 ? 153 HOH A O   1 
HETATM 1215 O O   . HOH C 3 .   ? -14.338 -2.638  0.344   1.00 30.62 ? 154 HOH A O   1 
HETATM 1216 O O   . HOH C 3 .   ? 2.617   -14.837 -3.398  1.00 19.49 ? 155 HOH A O   1 
HETATM 1217 O O   . HOH C 3 .   ? -18.304 -0.209  8.394   1.00 25.43 ? 156 HOH A O   1 
HETATM 1218 O O   . HOH C 3 .   ? -2.397  -14.528 -15.536 1.00 31.05 ? 157 HOH A O   1 
HETATM 1219 O O   . HOH C 3 .   ? -13.833 -10.242 11.311  1.00 12.69 ? 158 HOH A O   1 
HETATM 1220 O O   . HOH C 3 .   ? -3.434  -13.929 -10.847 1.00 19.86 ? 159 HOH A O   1 
HETATM 1221 O O   . HOH C 3 .   ? -8.770  9.160   4.631   1.00 27.22 ? 160 HOH A O   1 
HETATM 1222 O O   . HOH C 3 .   ? 1.231   -0.953  10.244  1.00 19.37 ? 161 HOH A O   1 
HETATM 1223 O O   . HOH C 3 .   ? 3.993   -8.308  2.797   1.00 25.72 ? 162 HOH A O   1 
HETATM 1224 O O   . HOH C 3 .   ? 5.123   -3.111  -18.198 1.00 37.20 ? 163 HOH A O   1 
HETATM 1225 O O   . HOH C 3 .   ? -5.337  -16.592 -10.419 1.00 27.93 ? 164 HOH A O   1 
HETATM 1226 O O   . HOH C 3 .   ? -8.402  -3.751  16.854  1.00 27.14 ? 165 HOH A O   1 
HETATM 1227 O O   . HOH C 3 .   ? -11.723 -7.964  -4.191  1.00 23.62 ? 166 HOH A O   1 
HETATM 1228 O O   . HOH C 3 .   ? -11.436 -9.861  14.177  1.00 29.95 ? 167 HOH A O   1 
HETATM 1229 O O   . HOH C 3 .   ? 9.890   1.707   5.996   1.00 32.22 ? 168 HOH A O   1 
HETATM 1230 O O   . HOH C 3 .   ? 0.158   -6.368  -19.701 1.00 38.82 ? 169 HOH A O   1 
HETATM 1231 O O   . HOH C 3 .   ? -7.835  -8.278  -11.581 1.00 36.43 ? 170 HOH A O   1 
HETATM 1232 O O   . HOH C 3 .   ? -1.622  -9.049  14.081  1.00 32.20 ? 171 HOH A O   1 
HETATM 1233 O O   . HOH C 3 .   ? -12.071 -15.431 -5.126  1.00 31.70 ? 172 HOH A O   1 
HETATM 1234 O O   . HOH C 3 .   ? 6.142   -2.370  9.554   1.00 37.62 ? 173 HOH A O   1 
HETATM 1235 O O   . HOH C 3 .   ? -18.622 -2.763  7.799   1.00 20.31 ? 174 HOH A O   1 
HETATM 1236 O O   . HOH C 3 .   ? -2.825  -16.514 -11.764 1.00 22.42 ? 175 HOH A O   1 
HETATM 1237 O O   . HOH C 3 .   ? -7.357  3.933   5.216   1.00 19.56 ? 176 HOH A O   1 
HETATM 1238 O O   . HOH C 3 .   ? -13.178 6.686   9.229   1.00 25.90 ? 177 HOH A O   1 
HETATM 1239 O O   . HOH C 3 .   ? -0.405  15.440  -7.601  1.00 36.22 ? 178 HOH A O   1 
HETATM 1240 O O   . HOH C 3 .   ? -6.750  15.326  4.066   1.00 30.23 ? 179 HOH A O   1 
HETATM 1241 O O   . HOH C 3 .   ? -19.021 -3.333  5.153   1.00 29.19 ? 180 HOH A O   1 
HETATM 1242 O O   . HOH C 3 .   ? -10.053 -11.880 2.931   1.00 30.72 ? 181 HOH A O   1 
HETATM 1243 O O   . HOH C 3 .   ? 5.546   11.589  -8.028  1.00 38.70 ? 182 HOH A O   1 
HETATM 1244 O O   . HOH C 3 .   ? -12.399 12.348  11.459  1.00 42.93 ? 183 HOH A O   1 
HETATM 1245 O O   . HOH C 3 .   ? -11.995 5.428   16.542  1.00 28.69 ? 184 HOH A O   1 
HETATM 1246 O O   . HOH C 3 .   ? -2.234  -13.122 15.428  1.00 28.58 ? 185 HOH A O   1 
HETATM 1247 O O   . HOH C 3 .   ? 9.298   -10.033 -7.827  1.00 32.16 ? 186 HOH A O   1 
HETATM 1248 O O   . HOH C 3 .   ? -12.256 -0.849  16.320  1.00 25.52 ? 187 HOH A O   1 
HETATM 1249 O O   . HOH C 3 .   ? -5.543  -3.429  -15.523 1.00 32.59 ? 188 HOH A O   1 
HETATM 1250 O O   . HOH C 3 .   ? -7.113  -18.274 -11.859 1.00 34.36 ? 189 HOH A O   1 
HETATM 1251 O O   . HOH C 3 .   ? -0.713  5.555   10.764  1.00 23.16 ? 190 HOH A O   1 
HETATM 1252 O O   . HOH C 3 .   ? -5.053  -12.487 1.206   1.00 29.65 ? 191 HOH A O   1 
HETATM 1253 O O   . HOH C 3 .   ? -11.112 -1.250  4.495   1.00 23.64 ? 192 HOH A O   1 
HETATM 1254 O O   . HOH C 3 .   ? -2.838  5.233   -9.646  1.00 31.69 ? 193 HOH A O   1 
HETATM 1255 O O   . HOH C 3 .   ? 2.302   -9.815  1.785   1.00 28.90 ? 194 HOH A O   1 
HETATM 1256 O O   . HOH C 3 .   ? -6.125  10.223  -6.975  1.00 29.77 ? 195 HOH A O   1 
HETATM 1257 O O   . HOH C 3 .   ? -14.377 -12.517 4.012   1.00 34.65 ? 196 HOH A O   1 
HETATM 1258 O O   . HOH C 3 .   ? -1.815  0.377   -14.275 1.00 27.27 ? 197 HOH A O   1 
HETATM 1259 O O   . HOH C 3 .   ? -2.633  -8.509  3.766   1.00 24.73 ? 198 HOH A O   1 
HETATM 1260 O O   . HOH C 3 .   ? -12.556 0.340   5.667   1.00 21.95 ? 199 HOH A O   1 
HETATM 1261 O O   . HOH C 3 .   ? -20.716 -3.357  9.449   1.00 31.84 ? 200 HOH A O   1 
HETATM 1262 O O   . HOH C 3 .   ? -9.910  0.225   14.857  1.00 18.77 ? 201 HOH A O   1 
HETATM 1263 O O   . HOH C 3 .   ? -9.846  -0.639  0.753   1.00 47.10 ? 202 HOH A O   1 
HETATM 1264 O O   . HOH C 3 .   ? -6.613  13.995  -4.020  1.00 37.03 ? 203 HOH A O   1 
HETATM 1265 O O   . HOH C 3 .   ? -9.924  -8.146  15.892  1.00 37.70 ? 204 HOH A O   1 
HETATM 1266 O O   . HOH C 3 .   ? 2.358   -12.120 2.969   1.00 46.55 ? 205 HOH A O   1 
HETATM 1267 O O   . HOH C 3 .   ? -18.676 4.279   10.805  1.00 41.25 ? 206 HOH A O   1 
HETATM 1268 O O   . HOH C 3 .   ? -5.868  -12.390 5.196   1.00 35.69 ? 207 HOH A O   1 
HETATM 1269 O O   . HOH C 3 .   ? -12.697 14.748  10.404  1.00 40.62 ? 208 HOH A O   1 
HETATM 1270 O O   . HOH C 3 .   ? -0.699  -10.151 2.672   1.00 27.89 ? 209 HOH A O   1 
HETATM 1271 O O   . HOH C 3 .   ? -1.947  7.538   -1.464  1.00 19.67 ? 210 HOH A O   1 
HETATM 1272 O O   . HOH C 3 .   ? -16.515 -10.076 -6.791  1.00 20.60 ? 211 HOH A O   1 
HETATM 1273 O O   . HOH C 3 .   ? 1.728   -8.035  -17.937 1.00 23.17 ? 212 HOH A O   1 
HETATM 1274 O O   . HOH C 3 .   ? 1.309   1.358   11.377  1.00 29.36 ? 213 HOH A O   1 
HETATM 1275 O O   . HOH C 3 .   ? -18.001 -10.091 3.876   1.00 38.30 ? 214 HOH A O   1 
HETATM 1276 O O   . HOH C 3 .   ? -17.162 1.306   15.751  1.00 35.19 ? 215 HOH A O   1 
HETATM 1277 O O   . HOH C 3 .   ? -9.956  -6.650  -17.571 1.00 40.92 ? 216 HOH A O   1 
HETATM 1278 O O   . HOH C 3 .   ? 3.476   -0.923  9.041   1.00 23.39 ? 217 HOH A O   1 
HETATM 1279 O O   . HOH C 3 .   ? -17.811 -9.328  10.069  1.00 20.52 ? 218 HOH A O   1 
HETATM 1280 O O   . HOH C 3 .   ? 10.351  -8.233  -0.572  1.00 38.24 ? 219 HOH A O   1 
HETATM 1281 O O   . HOH C 3 .   ? 2.077   -8.807  10.179  1.00 32.86 ? 220 HOH A O   1 
HETATM 1282 O O   . HOH C 3 .   ? 0.948   -11.197 8.022   1.00 50.41 ? 221 HOH A O   1 
HETATM 1283 O O   . HOH C 3 .   ? 0.314   2.514   -15.287 1.00 39.33 ? 222 HOH A O   1 
HETATM 1284 O O   . HOH C 3 .   ? 1.357   1.436   14.251  1.00 20.69 ? 223 HOH A O   1 
HETATM 1285 O O   . HOH C 3 .   ? 8.552   -4.496  8.183   1.00 44.72 ? 224 HOH A O   1 
HETATM 1286 O O   . HOH C 3 .   ? -4.712  13.800  -5.419  1.00 35.37 ? 225 HOH A O   1 
HETATM 1287 O O   . HOH C 3 .   ? -8.854  2.134   16.382  1.00 19.84 ? 226 HOH A O   1 
HETATM 1288 O O   . HOH C 3 .   ? 1.015   4.128   18.249  1.00 51.79 ? 227 HOH A O   1 
HETATM 1289 O O   . HOH C 3 .   ? -9.028  2.020   3.645   1.00 23.08 ? 228 HOH A O   1 
HETATM 1290 O O   . HOH C 3 .   ? -11.532 4.320   6.357   1.00 31.72 ? 229 HOH A O   1 
HETATM 1291 O O   . HOH C 3 .   ? 10.123  -4.722  3.939   1.00 50.08 ? 230 HOH A O   1 
HETATM 1292 O O   . HOH C 3 .   ? -9.210  3.854   1.769   1.00 37.31 ? 231 HOH A O   1 
HETATM 1293 O O   . HOH C 3 .   ? -6.825  4.821   -6.152  1.00 38.58 ? 232 HOH A O   1 
HETATM 1294 O O   . HOH C 3 .   ? 3.924   -14.038 -14.987 1.00 18.23 ? 233 HOH A O   1 
HETATM 1295 O O   . HOH C 3 .   ? -8.933  -6.494  -8.110  1.00 23.39 ? 234 HOH A O   1 
HETATM 1296 O O   . HOH C 3 .   ? 10.961  -3.244  -17.661 1.00 38.40 ? 235 HOH A O   1 
HETATM 1297 O O   . HOH C 3 .   ? -13.058 -10.313 -4.502  1.00 32.77 ? 236 HOH A O   1 
HETATM 1298 O O   . HOH C 3 .   ? 0.514   8.348   12.336  1.00 48.59 ? 237 HOH A O   1 
HETATM 1299 O O   . HOH C 3 .   ? 11.237  3.688   -4.140  1.00 28.14 ? 238 HOH A O   1 
HETATM 1300 O O   . HOH C 3 .   ? -14.695 -5.364  16.265  1.00 33.56 ? 239 HOH A O   1 
HETATM 1301 O O   . HOH C 3 .   ? 8.203   12.478  -9.666  1.00 43.80 ? 240 HOH A O   1 
HETATM 1302 O O   . HOH C 3 .   ? -5.565  5.219   -8.789  1.00 43.25 ? 241 HOH A O   1 
HETATM 1303 O O   . HOH C 3 .   ? 4.191   -16.684 -5.628  1.00 37.17 ? 242 HOH A O   1 
HETATM 1304 O O   . HOH C 3 .   ? -11.408 -0.190  -6.193  1.00 38.36 ? 243 HOH A O   1 
HETATM 1305 O O   . HOH C 3 .   ? 4.805   -9.708  5.127   1.00 40.96 ? 244 HOH A O   1 
HETATM 1306 O O   . HOH C 3 .   ? 7.609   9.143   5.046   1.00 44.28 ? 245 HOH A O   1 
HETATM 1307 O O   . HOH C 3 .   ? 0.549   8.882   -4.107  1.00 36.50 ? 246 HOH A O   1 
HETATM 1308 O O   . HOH C 3 .   ? -10.332 14.748  8.119   1.00 40.60 ? 247 HOH A O   1 
HETATM 1309 O O   . HOH C 3 .   ? -16.004 5.330   12.268  1.00 48.11 ? 248 HOH A O   1 
HETATM 1310 O O   . HOH C 3 .   ? 5.568   17.953  -0.550  1.00 50.07 ? 249 HOH A O   1 
HETATM 1311 O O   . HOH C 3 .   ? -13.977 -7.735  -15.882 1.00 33.31 ? 250 HOH A O   1 
HETATM 1312 O O   . HOH C 3 .   ? 2.660   4.374   -12.179 1.00 30.76 ? 251 HOH A O   1 
HETATM 1313 O O   . HOH C 3 .   ? -3.470  -14.035 5.951   1.00 39.68 ? 252 HOH A O   1 
HETATM 1314 O O   . HOH C 3 .   ? 0.270   3.819   -13.455 1.00 39.90 ? 253 HOH A O   1 
HETATM 1315 O O   . HOH C 3 .   ? -4.465  0.099   -16.151 1.00 50.94 ? 254 HOH A O   1 
HETATM 1316 O O   . HOH C 3 .   ? 0.712   -0.930  16.931  1.00 33.55 ? 255 HOH A O   1 
HETATM 1317 O O   . HOH C 3 .   ? 11.690  6.088   2.545   1.00 28.97 ? 256 HOH A O   1 
HETATM 1318 O O   . HOH C 3 .   ? -9.997  0.265   -8.216  1.00 42.01 ? 257 HOH A O   1 
HETATM 1319 O O   . HOH C 3 .   ? 1.366   -16.711 -15.706 1.00 42.01 ? 258 HOH A O   1 
HETATM 1320 O O   . HOH C 3 .   ? 0.487   17.631  -5.087  1.00 42.35 ? 259 HOH A O   1 
HETATM 1321 O O   . HOH C 3 .   ? 8.089   3.164   -16.549 1.00 34.64 ? 260 HOH A O   1 
HETATM 1322 O O   . HOH C 3 .   ? -5.763  -8.792  17.280  1.00 44.52 ? 261 HOH A O   1 
HETATM 1323 O O   . HOH C 3 .   ? -10.876 10.434  4.500   1.00 48.84 ? 262 HOH A O   1 
HETATM 1324 O O   . HOH C 3 .   ? 6.019   -3.658  11.717  1.00 42.73 ? 263 HOH A O   1 
HETATM 1325 O O   . HOH C 3 .   ? -15.812 -3.336  14.568  1.00 35.53 ? 264 HOH A O   1 
HETATM 1326 O O   . HOH C 3 .   ? 3.428   18.905  -1.582  1.00 35.25 ? 265 HOH A O   1 
HETATM 1327 O O   . HOH C 3 .   ? -18.560 -4.148  13.225  1.00 43.77 ? 266 HOH A O   1 
# 
